data_8I7U
#
_entry.id   8I7U
#
_cell.length_a   65.465
_cell.length_b   110.462
_cell.length_c   353.654
_cell.angle_alpha   90.000
_cell.angle_beta   90.000
_cell.angle_gamma   90.000
#
_symmetry.space_group_name_H-M   'P 2 21 21'
#
loop_
_entity.id
_entity.type
_entity.pdbx_description
1 polymer '8-amino-7-oxononanoate synthase'
2 non-polymer "PYRIDOXAL-5'-PHOSPHATE"
3 water water
#
_entity_poly.entity_id   1
_entity_poly.type   'polypeptide(L)'
_entity_poly.pdbx_seq_one_letter_code
;VKKLRHLSDGYWDSAARLGVHGAVLQAVPGGRLSAPDGRVAVNMSSYSYLGLDESPRIIDAAIAALRSNMVLNSSLGRVR
MTLPLLEEAECALGDLFGADVATLNSCSAAAWATLPVLASGLLTDGVAPVMVFDKRAHFCMASLKSLCADETRVETIRHN
DVDALADICRKNKRVAYVCDSVYSTGGTLAPLEELFALQKEFGLFLYFDEAHSTSVIGDMGRGYVLDRMGAINDSTMLIT
SLNKGFGASGGAIVFGPRDDDRKRKIIQRSSGPLMWSQRLNTPALGAIIESAKLHRSEALPELQAKLHSNIALFDGLVRA
AGQGNSVPIRYLELGSEVDTLEASAYLFDNGFYVEPDFFPIVSRGAAGLRARIRSSMSTADIEQFAHVWHKLGV
;
_entity_poly.pdbx_strand_id   C,A,B,D,E,F
#
# COMPACT_ATOMS: atom_id res chain seq x y z
N LYS A 2 7.61 32.98 4.85
CA LYS A 2 6.81 34.12 4.42
C LYS A 2 6.72 35.10 5.58
N LYS A 3 5.56 35.83 5.66
CA LYS A 3 5.22 36.88 6.65
C LYS A 3 4.82 36.33 8.01
N LEU A 4 4.87 35.01 8.20
CA LEU A 4 4.83 34.46 9.55
C LEU A 4 6.10 34.80 10.29
N ARG A 5 7.15 35.19 9.54
CA ARG A 5 8.42 35.58 10.15
C ARG A 5 8.25 36.82 11.00
N HIS A 6 7.35 37.72 10.60
CA HIS A 6 6.95 38.83 11.46
C HIS A 6 6.33 38.30 12.77
N LEU A 7 5.46 37.29 12.67
CA LEU A 7 4.81 36.73 13.86
C LEU A 7 5.82 36.07 14.78
N SER A 8 6.69 35.22 14.22
CA SER A 8 7.66 34.49 15.03
C SER A 8 8.63 35.45 15.70
N ASP A 9 9.06 36.50 14.98
CA ASP A 9 9.99 37.47 15.56
C ASP A 9 9.37 38.21 16.73
N GLY A 10 8.08 38.53 16.62
CA GLY A 10 7.40 39.16 17.74
C GLY A 10 7.39 38.28 18.98
N TYR A 11 7.14 36.99 18.81
CA TYR A 11 7.22 36.07 19.94
C TYR A 11 8.62 36.06 20.54
N TRP A 12 9.67 35.91 19.70
CA TRP A 12 11.05 35.99 20.20
C TRP A 12 11.30 37.32 20.89
N ASP A 13 10.97 38.42 20.22
CA ASP A 13 11.09 39.75 20.84
C ASP A 13 10.33 39.81 22.15
N SER A 14 9.11 39.26 22.18
CA SER A 14 8.31 39.33 23.39
C SER A 14 8.91 38.46 24.50
N ALA A 15 9.37 37.25 24.16
CA ALA A 15 10.01 36.41 25.15
C ALA A 15 11.19 37.12 25.80
N ALA A 16 12.07 37.71 24.97
CA ALA A 16 13.22 38.42 25.49
C ALA A 16 12.79 39.58 26.40
N ARG A 17 11.76 40.34 25.99
CA ARG A 17 11.33 41.48 26.80
C ARG A 17 10.84 41.05 28.17
N LEU A 18 10.11 39.94 28.24
CA LEU A 18 9.62 39.42 29.52
C LEU A 18 10.67 38.72 30.35
N GLY A 19 11.90 38.59 29.84
CA GLY A 19 12.96 37.94 30.58
C GLY A 19 12.91 36.43 30.60
N VAL A 20 11.92 35.81 29.96
CA VAL A 20 11.84 34.35 29.88
C VAL A 20 12.77 33.77 28.82
N HIS A 21 13.36 34.62 27.97
CA HIS A 21 14.39 34.19 27.04
C HIS A 21 15.56 35.15 27.11
N GLY A 22 16.74 34.61 26.84
CA GLY A 22 17.95 35.40 26.67
C GLY A 22 18.30 36.19 27.90
N ALA A 23 18.27 35.54 29.04
CA ALA A 23 18.70 36.15 30.28
C ALA A 23 20.05 35.57 30.70
N VAL A 24 20.78 36.35 31.49
CA VAL A 24 22.07 35.95 32.03
C VAL A 24 21.82 35.58 33.49
N LEU A 25 21.84 34.28 33.77
CA LEU A 25 21.56 33.75 35.09
C LEU A 25 22.71 32.87 35.53
N GLN A 26 23.00 32.90 36.82
CA GLN A 26 24.08 32.11 37.38
C GLN A 26 23.54 30.77 37.87
N ALA A 27 24.31 29.71 37.67
CA ALA A 27 23.95 28.39 38.17
C ALA A 27 24.08 28.36 39.68
N VAL A 28 22.98 28.09 40.37
CA VAL A 28 22.90 28.03 41.82
C VAL A 28 22.79 26.58 42.26
N PRO A 29 23.39 26.19 43.38
CA PRO A 29 23.20 24.82 43.87
C PRO A 29 21.73 24.51 44.14
N GLY A 30 21.31 23.32 43.74
CA GLY A 30 19.95 22.87 43.94
C GLY A 30 19.05 22.99 42.74
N GLY A 31 19.59 22.84 41.53
CA GLY A 31 18.79 23.07 40.33
C GLY A 31 18.23 24.47 40.26
N ARG A 32 18.96 25.46 40.80
CA ARG A 32 18.44 26.82 40.90
C ARG A 32 19.22 27.78 40.02
N LEU A 33 18.58 28.92 39.74
CA LEU A 33 19.12 29.97 38.89
C LEU A 33 19.07 31.28 39.64
N SER A 34 20.17 32.03 39.62
CA SER A 34 20.22 33.33 40.25
C SER A 34 20.10 34.39 39.19
N ALA A 35 20.00 35.63 39.61
CA ALA A 35 19.81 36.74 38.68
C ALA A 35 20.63 37.91 39.19
N PRO A 36 20.88 38.91 38.34
CA PRO A 36 21.60 40.12 38.80
C PRO A 36 20.95 40.75 40.03
N ASP A 37 19.62 40.87 40.03
CA ASP A 37 18.88 41.36 41.20
C ASP A 37 19.18 40.54 42.44
N GLY A 38 19.52 39.26 42.26
CA GLY A 38 19.73 38.35 43.37
C GLY A 38 18.61 37.36 43.58
N ARG A 39 17.49 37.49 42.87
CA ARG A 39 16.38 36.57 43.05
C ARG A 39 16.79 35.19 42.55
N VAL A 40 16.27 34.16 43.19
CA VAL A 40 16.56 32.77 42.87
C VAL A 40 15.30 32.13 42.31
N ALA A 41 15.45 31.22 41.35
CA ALA A 41 14.33 30.47 40.81
C ALA A 41 14.76 29.02 40.64
N VAL A 42 13.82 28.12 40.87
CA VAL A 42 14.04 26.72 40.54
C VAL A 42 13.90 26.56 39.04
N ASN A 43 14.80 25.77 38.44
CA ASN A 43 14.78 25.47 37.01
C ASN A 43 13.96 24.21 36.78
N MET A 44 12.74 24.39 36.27
CA MET A 44 11.85 23.28 35.95
C MET A 44 12.07 22.73 34.55
N SER A 45 13.03 23.27 33.80
CA SER A 45 13.28 22.87 32.41
C SER A 45 14.72 22.46 32.16
N SER A 46 15.51 22.20 33.20
CA SER A 46 16.85 21.69 33.00
C SER A 46 16.82 20.32 32.35
N TYR A 47 17.79 20.07 31.45
CA TYR A 47 17.94 18.79 30.76
C TYR A 47 18.87 17.82 31.50
N SER A 48 19.42 18.19 32.66
CA SER A 48 20.31 17.31 33.42
C SER A 48 19.44 16.38 34.29
N TYR A 49 18.85 15.39 33.61
CA TYR A 49 17.73 14.60 34.13
C TYR A 49 18.07 13.87 35.42
N LEU A 50 19.32 13.48 35.61
CA LEU A 50 19.77 12.83 36.85
C LEU A 50 20.51 13.78 37.78
N GLY A 51 20.43 15.09 37.55
CA GLY A 51 21.16 16.07 38.35
C GLY A 51 22.67 15.94 38.38
N LEU A 52 23.26 15.14 37.48
CA LEU A 52 24.71 14.94 37.52
C LEU A 52 25.50 16.21 37.21
N ASP A 53 24.91 17.22 36.55
CA ASP A 53 25.58 18.51 36.44
C ASP A 53 25.98 19.09 37.78
N GLU A 54 25.42 18.60 38.88
CA GLU A 54 25.80 19.09 40.19
C GLU A 54 26.62 18.08 40.96
N SER A 55 27.07 17.02 40.30
CA SER A 55 27.85 15.98 40.94
C SER A 55 29.24 16.50 41.32
N PRO A 56 29.57 16.63 42.59
CA PRO A 56 30.96 16.95 42.95
C PRO A 56 31.98 15.96 42.39
N ARG A 57 31.61 14.68 42.33
CA ARG A 57 32.52 13.66 41.79
C ARG A 57 32.92 13.99 40.35
N ILE A 58 31.95 14.36 39.52
CA ILE A 58 32.24 14.61 38.11
C ILE A 58 33.05 15.88 37.95
N ILE A 59 32.69 16.94 38.68
CA ILE A 59 33.37 18.22 38.51
C ILE A 59 34.82 18.12 38.93
N ASP A 60 35.10 17.36 40.00
CA ASP A 60 36.47 17.23 40.47
C ASP A 60 37.31 16.37 39.53
N ALA A 61 36.71 15.41 38.82
CA ALA A 61 37.49 14.66 37.84
C ALA A 61 37.79 15.52 36.62
N ALA A 62 36.87 16.43 36.26
CA ALA A 62 37.16 17.36 35.18
C ALA A 62 38.33 18.27 35.54
N ILE A 63 38.33 18.81 36.76
CA ILE A 63 39.40 19.67 37.21
C ILE A 63 40.72 18.90 37.29
N ALA A 64 40.66 17.66 37.81
CA ALA A 64 41.86 16.84 37.90
C ALA A 64 42.43 16.52 36.54
N ALA A 65 41.57 16.19 35.57
CA ALA A 65 42.09 15.86 34.24
C ALA A 65 42.82 17.04 33.61
N LEU A 66 42.22 18.23 33.69
CA LEU A 66 42.87 19.41 33.15
C LEU A 66 44.16 19.72 33.91
N ARG A 67 44.17 19.48 35.22
CA ARG A 67 45.35 19.89 35.99
C ARG A 67 46.52 18.95 35.80
N SER A 68 46.26 17.67 35.57
CA SER A 68 47.31 16.68 35.43
C SER A 68 47.81 16.50 33.99
N ASN A 69 47.00 16.86 33.00
CA ASN A 69 47.50 16.93 31.63
C ASN A 69 48.00 18.31 31.26
N MET A 70 47.53 19.35 31.93
CA MET A 70 47.96 20.73 31.69
C MET A 70 47.83 21.14 30.22
N VAL A 71 46.99 20.44 29.44
CA VAL A 71 46.58 20.91 28.12
C VAL A 71 45.06 20.84 28.05
N LEU A 72 44.46 21.81 27.37
CA LEU A 72 43.05 21.79 27.00
C LEU A 72 42.77 20.74 25.93
N ASN A 73 43.38 20.86 24.76
CA ASN A 73 43.08 19.95 23.66
C ASN A 73 43.61 18.56 23.95
N SER A 74 42.89 17.55 23.48
CA SER A 74 43.21 16.16 23.79
C SER A 74 43.82 15.44 22.59
N SER A 75 43.82 16.09 21.43
CA SER A 75 44.79 15.79 20.40
C SER A 75 46.12 16.32 20.90
N LEU A 76 47.18 16.03 20.15
CA LEU A 76 48.49 16.59 20.45
C LEU A 76 48.73 17.74 19.48
N GLY A 77 48.17 18.90 19.85
CA GLY A 77 48.16 20.05 18.97
C GLY A 77 47.41 19.83 17.67
N ARG A 78 46.39 18.98 17.69
CA ARG A 78 45.51 18.65 16.57
C ARG A 78 46.15 17.72 15.56
N VAL A 79 47.29 17.12 15.88
CA VAL A 79 47.83 16.11 14.98
C VAL A 79 47.03 14.83 15.22
N ARG A 80 47.22 13.82 14.36
CA ARG A 80 46.38 12.62 14.34
C ARG A 80 46.86 11.60 15.38
N MET A 81 46.87 12.07 16.62
CA MET A 81 47.40 11.37 17.77
C MET A 81 46.55 11.79 18.96
N THR A 82 46.43 10.90 19.94
CA THR A 82 45.50 11.20 21.01
C THR A 82 46.14 10.98 22.38
N LEU A 83 45.73 11.82 23.33
CA LEU A 83 46.19 11.65 24.70
C LEU A 83 45.67 10.32 25.28
N PRO A 84 46.41 9.74 26.23
CA PRO A 84 45.82 8.63 27.01
C PRO A 84 44.45 8.96 27.59
N LEU A 85 44.22 10.20 28.04
CA LEU A 85 42.93 10.57 28.62
C LEU A 85 41.79 10.27 27.65
N LEU A 86 41.96 10.60 26.37
CA LEU A 86 40.91 10.35 25.40
C LEU A 86 40.65 8.87 25.23
N GLU A 87 41.70 8.06 25.15
CA GLU A 87 41.49 6.62 24.98
C GLU A 87 40.80 6.03 26.20
N GLU A 88 41.13 6.54 27.40
CA GLU A 88 40.50 6.10 28.63
C GLU A 88 39.01 6.43 28.62
N ALA A 89 38.66 7.65 28.21
CA ALA A 89 37.28 8.06 28.16
C ALA A 89 36.49 7.21 27.17
N GLU A 90 37.07 6.91 26.02
CA GLU A 90 36.32 6.09 25.09
C GLU A 90 36.28 4.64 25.53
N CYS A 91 37.35 4.16 26.16
CA CYS A 91 37.29 2.85 26.79
C CYS A 91 36.21 2.82 27.89
N ALA A 92 36.08 3.91 28.66
CA ALA A 92 35.07 3.94 29.70
C ALA A 92 33.66 3.91 29.10
N LEU A 93 33.41 4.71 28.05
CA LEU A 93 32.12 4.65 27.39
C LEU A 93 31.88 3.29 26.75
N GLY A 94 32.94 2.65 26.24
CA GLY A 94 32.76 1.34 25.65
C GLY A 94 32.39 0.28 26.67
N ASP A 95 33.03 0.31 27.84
CA ASP A 95 32.67 -0.63 28.90
C ASP A 95 31.23 -0.44 29.33
N LEU A 96 30.83 0.82 29.54
CA LEU A 96 29.47 1.12 29.97
C LEU A 96 28.45 0.57 28.98
N PHE A 97 28.61 0.91 27.69
CA PHE A 97 27.63 0.56 26.66
C PHE A 97 27.82 -0.83 26.09
N GLY A 98 28.93 -1.50 26.37
CA GLY A 98 29.18 -2.79 25.76
C GLY A 98 29.34 -2.68 24.25
N ALA A 99 30.16 -1.72 23.80
CA ALA A 99 30.21 -1.39 22.39
C ALA A 99 31.42 -0.50 22.11
N ASP A 100 31.80 -0.47 20.84
CA ASP A 100 32.85 0.45 20.41
C ASP A 100 32.27 1.84 20.27
N VAL A 101 32.89 2.81 20.93
CA VAL A 101 32.30 4.14 21.12
C VAL A 101 33.37 5.19 20.83
N ALA A 102 33.00 6.24 20.11
CA ALA A 102 33.87 7.38 19.90
C ALA A 102 33.20 8.66 20.42
N THR A 103 34.01 9.54 20.99
CA THR A 103 33.54 10.84 21.45
C THR A 103 33.70 11.88 20.37
N LEU A 104 32.85 12.89 20.43
CA LEU A 104 32.95 14.08 19.61
C LEU A 104 32.53 15.27 20.46
N ASN A 105 32.74 16.47 19.92
CA ASN A 105 32.43 17.69 20.64
C ASN A 105 30.93 17.94 20.79
N SER A 106 30.09 17.18 20.09
CA SER A 106 28.65 17.33 20.20
C SER A 106 27.97 16.13 19.54
N CYS A 107 26.72 15.88 19.96
CA CYS A 107 25.88 14.92 19.26
C CYS A 107 25.65 15.34 17.81
N SER A 108 25.47 16.65 17.56
CA SER A 108 25.32 17.13 16.19
C SER A 108 26.53 16.78 15.31
N ALA A 109 27.75 16.92 15.86
CA ALA A 109 28.91 16.51 15.08
C ALA A 109 28.84 15.03 14.75
N ALA A 110 28.38 14.22 15.70
CA ALA A 110 28.28 12.79 15.46
C ALA A 110 27.42 12.49 14.24
N ALA A 111 26.27 13.18 14.14
CA ALA A 111 25.33 12.96 13.04
C ALA A 111 25.95 13.34 11.70
N TRP A 112 26.70 14.44 11.68
CA TRP A 112 27.39 14.89 10.48
C TRP A 112 28.46 13.89 10.03
N ALA A 113 29.12 13.27 11.00
CA ALA A 113 30.18 12.33 10.70
C ALA A 113 29.62 10.99 10.23
N THR A 114 28.39 10.65 10.63
CA THR A 114 27.89 9.30 10.38
C THR A 114 26.85 9.20 9.29
N LEU A 115 25.90 10.14 9.20
CA LEU A 115 24.84 10.00 8.20
C LEU A 115 25.34 9.94 6.76
N PRO A 116 26.20 10.85 6.26
CA PRO A 116 26.65 10.73 4.86
C PRO A 116 27.41 9.44 4.58
N VAL A 117 28.09 8.89 5.59
CA VAL A 117 28.75 7.60 5.45
C VAL A 117 27.72 6.47 5.35
N LEU A 118 26.74 6.47 6.25
CA LEU A 118 25.68 5.46 6.18
C LEU A 118 24.98 5.51 4.82
N ALA A 119 24.79 6.72 4.29
CA ALA A 119 24.13 6.90 3.00
C ALA A 119 24.98 6.34 1.86
N SER A 120 26.31 6.47 1.94
CA SER A 120 27.16 6.06 0.84
C SER A 120 27.11 4.56 0.58
N GLY A 121 26.94 3.75 1.63
CA GLY A 121 27.03 2.31 1.50
C GLY A 121 28.21 1.67 2.21
N LEU A 122 29.15 2.47 2.74
CA LEU A 122 30.37 1.92 3.32
C LEU A 122 30.09 1.14 4.60
N LEU A 123 28.98 1.43 5.29
CA LEU A 123 28.65 0.72 6.52
C LEU A 123 27.75 -0.49 6.29
N THR A 124 27.31 -0.73 5.05
CA THR A 124 26.37 -1.79 4.73
C THR A 124 26.91 -2.62 3.55
N ASP A 125 28.13 -3.14 3.70
CA ASP A 125 28.77 -4.02 2.72
C ASP A 125 28.78 -3.42 1.31
N GLY A 126 28.90 -2.10 1.21
CA GLY A 126 29.00 -1.46 -0.09
C GLY A 126 27.68 -1.22 -0.79
N VAL A 127 26.55 -1.57 -0.20
CA VAL A 127 25.25 -1.34 -0.80
C VAL A 127 24.69 -0.07 -0.21
N ALA A 128 24.53 0.96 -1.03
CA ALA A 128 24.01 2.24 -0.58
C ALA A 128 22.54 2.10 -0.20
N PRO A 129 22.20 2.19 1.08
CA PRO A 129 20.81 1.93 1.49
C PRO A 129 19.91 3.10 1.17
N VAL A 130 18.62 2.80 1.04
CA VAL A 130 17.63 3.86 1.08
C VAL A 130 17.59 4.41 2.50
N MET A 131 17.81 5.71 2.63
CA MET A 131 17.80 6.36 3.94
C MET A 131 16.38 6.85 4.27
N VAL A 132 15.73 6.19 5.22
CA VAL A 132 14.35 6.52 5.61
C VAL A 132 14.37 7.31 6.90
N PHE A 133 13.92 8.55 6.84
CA PHE A 133 13.91 9.46 7.98
C PHE A 133 12.53 9.51 8.60
N ASP A 134 12.46 9.29 9.91
CA ASP A 134 11.24 9.58 10.65
C ASP A 134 10.96 11.07 10.63
N LYS A 135 9.68 11.42 10.41
CA LYS A 135 9.29 12.83 10.31
C LYS A 135 9.66 13.63 11.56
N ARG A 136 9.70 12.97 12.71
CA ARG A 136 9.97 13.66 13.97
C ARG A 136 11.42 13.52 14.42
N ALA A 137 12.33 13.22 13.49
CA ALA A 137 13.73 13.04 13.83
C ALA A 137 14.39 14.38 14.09
N HIS A 138 15.22 14.41 15.13
CA HIS A 138 15.85 15.66 15.56
C HIS A 138 16.56 16.31 14.37
N PHE A 139 16.61 17.64 14.39
CA PHE A 139 17.12 18.39 13.24
C PHE A 139 18.61 18.13 12.96
N CYS A 140 19.41 17.75 13.97
CA CYS A 140 20.81 17.46 13.66
C CYS A 140 20.93 16.32 12.66
N MET A 141 19.95 15.43 12.60
CA MET A 141 19.91 14.42 11.56
C MET A 141 19.16 14.88 10.32
N ALA A 142 17.93 15.37 10.51
CA ALA A 142 17.05 15.63 9.37
C ALA A 142 17.54 16.80 8.53
N SER A 143 18.25 17.74 9.12
CA SER A 143 18.83 18.83 8.33
C SER A 143 19.97 18.36 7.40
N LEU A 144 20.37 17.09 7.47
CA LEU A 144 21.44 16.54 6.64
C LEU A 144 20.92 15.63 5.54
N LYS A 145 19.60 15.60 5.31
CA LYS A 145 19.05 14.79 4.23
C LYS A 145 19.70 15.09 2.89
N SER A 146 20.08 16.35 2.65
CA SER A 146 20.62 16.72 1.34
C SER A 146 22.02 16.16 1.13
N LEU A 147 22.82 16.03 2.19
CA LEU A 147 24.08 15.31 2.03
C LEU A 147 23.82 13.84 1.76
N CYS A 148 22.80 13.27 2.41
CA CYS A 148 22.47 11.88 2.14
C CYS A 148 21.97 11.72 0.70
N ALA A 149 21.19 12.69 0.22
CA ALA A 149 20.63 12.61 -1.12
C ALA A 149 21.71 12.54 -2.17
N ASP A 150 22.87 13.15 -1.89
CA ASP A 150 24.03 13.06 -2.77
C ASP A 150 24.59 11.65 -2.85
N GLU A 151 24.16 10.74 -1.99
CA GLU A 151 24.71 9.38 -1.95
C GLU A 151 23.69 8.30 -2.26
N THR A 152 22.40 8.56 -2.10
CA THR A 152 21.41 7.50 -2.20
C THR A 152 20.03 8.16 -2.25
N ARG A 153 19.00 7.32 -2.32
CA ARG A 153 17.65 7.85 -2.26
C ARG A 153 17.26 8.07 -0.81
N VAL A 154 16.65 9.23 -0.54
CA VAL A 154 16.22 9.60 0.81
C VAL A 154 14.70 9.61 0.82
N GLU A 155 14.12 9.02 1.86
CA GLU A 155 12.68 9.04 2.05
C GLU A 155 12.35 9.54 3.46
N THR A 156 11.18 10.15 3.60
CA THR A 156 10.68 10.58 4.90
C THR A 156 9.30 9.98 5.09
N ILE A 157 9.09 9.28 6.19
CA ILE A 157 7.80 8.67 6.48
C ILE A 157 7.16 9.40 7.65
N ARG A 158 5.87 9.17 7.83
CA ARG A 158 5.14 9.67 8.97
C ARG A 158 5.65 8.98 10.23
N HIS A 159 5.47 9.66 11.35
CA HIS A 159 6.02 9.23 12.63
C HIS A 159 5.67 7.78 12.93
N ASN A 160 6.71 6.98 13.22
CA ASN A 160 6.55 5.59 13.69
C ASN A 160 5.66 4.73 12.77
N ASP A 161 5.65 5.03 11.48
CA ASP A 161 4.84 4.29 10.51
C ASP A 161 5.63 3.07 10.05
N VAL A 162 5.60 2.03 10.88
CA VAL A 162 6.38 0.82 10.59
C VAL A 162 5.90 0.12 9.32
N ASP A 163 4.64 0.29 8.96
CA ASP A 163 4.12 -0.36 7.76
C ASP A 163 4.75 0.21 6.49
N ALA A 164 4.82 1.54 6.39
CA ALA A 164 5.51 2.14 5.24
C ALA A 164 6.98 1.70 5.22
N LEU A 165 7.64 1.66 6.38
CA LEU A 165 8.99 1.16 6.45
C LEU A 165 9.08 -0.28 5.98
N ALA A 166 8.09 -1.10 6.36
CA ALA A 166 8.05 -2.48 5.92
C ALA A 166 8.03 -2.56 4.40
N ASP A 167 7.16 -1.77 3.77
CA ASP A 167 7.11 -1.74 2.31
C ASP A 167 8.49 -1.43 1.72
N ILE A 168 9.05 -0.28 2.09
CA ILE A 168 10.35 0.15 1.55
C ILE A 168 11.36 -0.99 1.67
N CYS A 169 11.30 -1.73 2.78
CA CYS A 169 12.21 -2.85 2.96
C CYS A 169 11.96 -3.93 1.92
N ARG A 170 10.70 -4.18 1.59
CA ARG A 170 10.42 -5.21 0.61
C ARG A 170 10.83 -4.80 -0.81
N LYS A 171 10.87 -3.49 -1.08
CA LYS A 171 11.14 -2.95 -2.40
C LYS A 171 12.62 -2.69 -2.68
N ASN A 172 13.50 -2.77 -1.67
CA ASN A 172 14.89 -2.42 -1.89
C ASN A 172 15.80 -3.43 -1.20
N LYS A 173 17.02 -3.53 -1.72
CA LYS A 173 17.96 -4.50 -1.16
C LYS A 173 18.37 -4.09 0.25
N ARG A 174 18.67 -2.81 0.45
CA ARG A 174 19.18 -2.33 1.72
C ARG A 174 18.44 -1.07 2.12
N VAL A 175 18.02 -1.01 3.39
CA VAL A 175 17.27 0.12 3.91
C VAL A 175 17.90 0.51 5.24
N ALA A 176 17.85 1.80 5.56
CA ALA A 176 18.23 2.31 6.87
C ALA A 176 17.11 3.19 7.42
N TYR A 177 16.92 3.13 8.74
CA TYR A 177 15.90 3.94 9.42
C TYR A 177 16.59 4.88 10.39
N VAL A 178 16.34 6.19 10.23
CA VAL A 178 16.97 7.24 11.03
C VAL A 178 15.91 7.87 11.92
N CYS A 179 16.07 7.71 13.24
CA CYS A 179 15.02 8.12 14.17
C CYS A 179 15.62 8.49 15.53
N ASP A 180 14.77 9.10 16.36
CA ASP A 180 15.04 9.29 17.78
C ASP A 180 14.60 8.05 18.56
N SER A 181 15.33 7.75 19.63
CA SER A 181 14.87 6.77 20.61
C SER A 181 13.71 7.33 21.42
N VAL A 182 13.94 8.48 22.03
CA VAL A 182 12.95 9.16 22.86
C VAL A 182 12.71 10.51 22.21
N TYR A 183 11.48 10.74 21.74
CA TYR A 183 11.11 12.03 21.17
C TYR A 183 10.68 12.96 22.28
N SER A 184 11.26 14.18 22.30
CA SER A 184 11.04 15.10 23.41
C SER A 184 9.65 15.74 23.33
N THR A 185 9.13 15.96 22.13
CA THR A 185 7.75 16.40 21.92
C THR A 185 6.95 15.26 21.31
N GLY A 186 5.70 15.11 21.74
CA GLY A 186 4.88 13.99 21.37
C GLY A 186 4.81 12.93 22.45
N GLY A 187 5.83 12.85 23.31
CA GLY A 187 5.83 11.84 24.33
C GLY A 187 6.03 10.44 23.78
N THR A 188 6.28 10.31 22.49
CA THR A 188 6.34 8.98 21.91
C THR A 188 7.74 8.38 22.07
N LEU A 189 7.82 7.10 21.71
CA LEU A 189 9.04 6.32 21.73
C LEU A 189 9.16 5.63 20.38
N ALA A 190 10.38 5.27 20.03
CA ALA A 190 10.59 4.49 18.82
C ALA A 190 9.95 3.12 19.00
N PRO A 191 9.31 2.58 17.98
CA PRO A 191 8.67 1.25 18.14
C PRO A 191 9.68 0.11 18.07
N LEU A 192 10.36 -0.16 19.19
CA LEU A 192 11.54 -1.02 19.15
C LEU A 192 11.18 -2.43 18.69
N GLU A 193 10.03 -2.96 19.13
CA GLU A 193 9.68 -4.34 18.80
C GLU A 193 9.54 -4.52 17.29
N GLU A 194 8.76 -3.64 16.65
CA GLU A 194 8.60 -3.69 15.20
C GLU A 194 9.94 -3.46 14.49
N LEU A 195 10.71 -2.46 14.93
CA LEU A 195 11.96 -2.14 14.25
C LEU A 195 12.93 -3.31 14.31
N PHE A 196 12.97 -4.03 15.44
CA PHE A 196 13.87 -5.17 15.55
C PHE A 196 13.37 -6.34 14.70
N ALA A 197 12.05 -6.48 14.54
CA ALA A 197 11.52 -7.52 13.66
C ALA A 197 11.88 -7.26 12.21
N LEU A 198 11.74 -6.01 11.75
CA LEU A 198 12.14 -5.66 10.40
C LEU A 198 13.63 -5.84 10.20
N GLN A 199 14.42 -5.49 11.22
CA GLN A 199 15.87 -5.71 11.15
C GLN A 199 16.18 -7.20 11.07
N LYS A 200 15.44 -8.02 11.81
CA LYS A 200 15.61 -9.46 11.69
C LYS A 200 15.19 -9.93 10.31
N GLU A 201 14.08 -9.42 9.78
CA GLU A 201 13.54 -9.98 8.55
C GLU A 201 14.25 -9.44 7.31
N PHE A 202 14.58 -8.16 7.29
CA PHE A 202 15.16 -7.56 6.08
C PHE A 202 16.59 -7.08 6.25
N GLY A 203 17.18 -7.20 7.44
CA GLY A 203 18.49 -6.62 7.64
C GLY A 203 18.47 -5.11 7.74
N LEU A 204 17.32 -4.54 8.11
CA LEU A 204 17.17 -3.09 8.22
C LEU A 204 18.24 -2.49 9.12
N PHE A 205 18.89 -1.44 8.64
CA PHE A 205 19.83 -0.71 9.48
C PHE A 205 19.09 0.26 10.38
N LEU A 206 19.39 0.20 11.68
CA LEU A 206 18.77 1.04 12.69
C LEU A 206 19.77 2.09 13.15
N TYR A 207 19.35 3.35 13.14
CA TYR A 207 20.20 4.48 13.49
C TYR A 207 19.38 5.35 14.45
N PHE A 208 19.78 5.36 15.72
CA PHE A 208 19.03 6.01 16.81
C PHE A 208 19.79 7.20 17.38
N ASP A 209 19.10 8.33 17.53
CA ASP A 209 19.57 9.44 18.34
C ASP A 209 19.03 9.25 19.76
N GLU A 210 19.94 9.10 20.72
CA GLU A 210 19.62 8.59 22.05
C GLU A 210 19.69 9.68 23.11
N ALA A 211 19.85 10.93 22.68
CA ALA A 211 20.14 12.05 23.56
C ALA A 211 19.21 12.12 24.78
N HIS A 212 17.91 11.92 24.59
CA HIS A 212 17.01 11.95 25.75
C HIS A 212 16.87 10.56 26.41
N SER A 213 17.53 9.54 25.87
CA SER A 213 17.43 8.18 26.39
C SER A 213 18.60 7.81 27.29
N THR A 214 19.85 8.02 26.86
CA THR A 214 20.94 7.56 27.70
C THR A 214 20.93 8.31 29.04
N SER A 215 21.32 7.58 30.10
CA SER A 215 21.19 7.91 31.52
C SER A 215 19.79 7.70 32.06
N VAL A 216 18.77 8.27 31.43
CA VAL A 216 17.49 8.25 32.13
C VAL A 216 16.84 6.88 32.06
N ILE A 217 17.16 6.09 31.06
CA ILE A 217 16.52 4.81 30.78
C ILE A 217 17.52 3.67 30.84
N GLY A 218 17.13 2.59 31.50
CA GLY A 218 17.81 1.32 31.34
C GLY A 218 18.81 1.05 32.46
N ASP A 219 19.15 -0.22 32.60
CA ASP A 219 20.20 -0.57 33.54
C ASP A 219 21.51 0.14 33.19
N MET A 220 22.14 0.70 34.21
CA MET A 220 23.36 1.51 34.07
C MET A 220 23.16 2.71 33.15
N GLY A 221 21.92 3.09 32.86
CA GLY A 221 21.66 4.19 31.96
C GLY A 221 22.11 3.93 30.54
N ARG A 222 22.27 2.65 30.17
CA ARG A 222 22.70 2.35 28.81
C ARG A 222 21.71 2.85 27.78
N GLY A 223 20.47 3.10 28.18
CA GLY A 223 19.50 3.74 27.31
C GLY A 223 18.45 2.77 26.82
N TYR A 224 17.46 3.35 26.14
CA TYR A 224 16.25 2.65 25.75
C TYR A 224 16.55 1.49 24.81
N VAL A 225 17.27 1.76 23.71
CA VAL A 225 17.58 0.71 22.72
C VAL A 225 18.38 -0.42 23.36
N LEU A 226 19.48 -0.08 24.02
CA LEU A 226 20.39 -1.13 24.51
C LEU A 226 19.77 -1.93 25.64
N ASP A 227 18.87 -1.32 26.42
CA ASP A 227 18.21 -2.09 27.47
C ASP A 227 17.38 -3.20 26.87
N ARG A 228 16.54 -2.88 25.86
CA ARG A 228 15.77 -3.93 25.23
C ARG A 228 16.66 -4.86 24.43
N MET A 229 17.65 -4.31 23.72
CA MET A 229 18.46 -5.07 22.79
C MET A 229 19.42 -6.02 23.51
N GLY A 230 19.97 -5.58 24.64
CA GLY A 230 20.95 -6.37 25.35
C GLY A 230 22.34 -6.05 24.86
N ALA A 231 22.81 -6.81 23.89
CA ALA A 231 24.05 -6.50 23.19
C ALA A 231 23.73 -5.88 21.83
N ILE A 232 24.39 -4.78 21.51
CA ILE A 232 24.26 -4.20 20.19
C ILE A 232 24.71 -5.21 19.15
N ASN A 233 24.13 -5.14 17.96
CA ASN A 233 24.56 -5.96 16.85
C ASN A 233 25.25 -5.05 15.82
N ASP A 234 25.60 -5.63 14.67
CA ASP A 234 26.35 -4.91 13.66
C ASP A 234 25.47 -4.14 12.68
N SER A 235 24.17 -4.07 12.95
CA SER A 235 23.26 -3.33 12.08
C SER A 235 22.54 -2.23 12.85
N THR A 236 23.10 -1.80 13.98
CA THR A 236 22.50 -0.78 14.83
C THR A 236 23.57 0.21 15.25
N MET A 237 23.25 1.49 15.13
CA MET A 237 24.19 2.55 15.45
C MET A 237 23.46 3.58 16.29
N LEU A 238 24.12 4.09 17.34
CA LEU A 238 23.56 5.10 18.21
C LEU A 238 24.44 6.35 18.19
N ILE A 239 23.80 7.50 18.16
CA ILE A 239 24.47 8.75 18.50
C ILE A 239 23.75 9.26 19.74
N THR A 240 24.48 10.01 20.56
CA THR A 240 23.88 10.55 21.76
C THR A 240 24.65 11.78 22.20
N SER A 241 23.98 12.61 22.98
CA SER A 241 24.61 13.76 23.63
C SER A 241 24.98 13.37 25.06
N LEU A 242 26.11 13.88 25.54
CA LEU A 242 26.64 13.50 26.86
C LEU A 242 26.52 14.62 27.88
N ASN A 243 25.81 15.71 27.56
CA ASN A 243 25.65 16.84 28.47
C ASN A 243 24.19 17.10 28.83
N LYS A 244 23.31 16.11 28.64
CA LYS A 244 21.91 16.15 29.09
C LYS A 244 21.68 14.99 30.05
N GLY A 245 22.26 15.05 31.23
CA GLY A 245 21.89 13.92 32.06
C GLY A 245 22.94 12.84 32.20
N PHE A 246 23.70 12.56 31.15
CA PHE A 246 24.96 11.85 31.37
C PHE A 246 25.90 12.71 32.21
N GLY A 247 25.71 14.02 32.17
CA GLY A 247 26.36 14.92 33.10
C GLY A 247 27.76 15.36 32.76
N ALA A 248 28.19 15.25 31.49
CA ALA A 248 29.53 15.69 31.11
C ALA A 248 29.49 16.68 29.93
N SER A 249 30.34 16.48 28.91
CA SER A 249 30.33 17.36 27.74
C SER A 249 30.43 16.53 26.46
N GLY A 250 29.93 17.09 25.36
CA GLY A 250 30.09 16.49 24.07
C GLY A 250 29.03 15.47 23.72
N GLY A 251 29.32 14.73 22.65
CA GLY A 251 28.44 13.64 22.20
C GLY A 251 29.23 12.38 21.89
N ALA A 252 28.59 11.40 21.26
CA ALA A 252 29.26 10.14 21.05
C ALA A 252 28.56 9.36 19.95
N ILE A 253 29.36 8.58 19.22
CA ILE A 253 28.88 7.54 18.32
C ILE A 253 29.05 6.20 19.02
N VAL A 254 28.01 5.37 19.03
CA VAL A 254 28.12 3.98 19.43
C VAL A 254 28.13 3.17 18.13
N PHE A 255 29.32 2.81 17.65
CA PHE A 255 29.47 2.27 16.30
C PHE A 255 28.78 0.92 16.10
N GLY A 256 28.74 0.09 17.13
CA GLY A 256 28.41 -1.30 16.96
C GLY A 256 29.18 -2.13 17.99
N PRO A 257 29.36 -3.42 17.72
CA PRO A 257 30.03 -4.29 18.70
C PRO A 257 31.48 -3.89 19.00
N ARG A 258 31.85 -4.12 20.25
CA ARG A 258 33.17 -3.73 20.77
C ARG A 258 34.31 -4.38 20.01
N ASP A 259 34.15 -5.63 19.56
CA ASP A 259 35.26 -6.38 18.97
C ASP A 259 35.35 -6.21 17.46
N ASP A 260 34.72 -5.17 16.89
CA ASP A 260 34.75 -4.93 15.45
C ASP A 260 35.18 -3.49 15.21
N ASP A 261 36.39 -3.31 14.66
CA ASP A 261 36.91 -1.98 14.40
C ASP A 261 36.49 -1.41 13.05
N ARG A 262 35.73 -2.15 12.26
CA ARG A 262 35.53 -1.76 10.87
C ARG A 262 34.75 -0.45 10.76
N LYS A 263 33.62 -0.34 11.46
CA LYS A 263 32.80 0.87 11.35
C LYS A 263 33.55 2.11 11.82
N ARG A 264 34.24 2.02 12.96
CA ARG A 264 35.09 3.12 13.40
C ARG A 264 36.15 3.47 12.36
N LYS A 265 36.84 2.45 11.80
CA LYS A 265 37.84 2.73 10.77
C LYS A 265 37.23 3.44 9.58
N ILE A 266 36.10 2.93 9.07
CA ILE A 266 35.47 3.52 7.90
C ILE A 266 35.08 4.97 8.17
N ILE A 267 34.52 5.23 9.36
CA ILE A 267 34.03 6.57 9.66
C ILE A 267 35.19 7.50 9.98
N GLN A 268 36.19 7.02 10.70
CA GLN A 268 37.37 7.84 10.96
C GLN A 268 38.12 8.21 9.68
N ARG A 269 38.08 7.36 8.66
CA ARG A 269 38.78 7.67 7.42
C ARG A 269 37.92 8.43 6.41
N SER A 270 36.70 8.80 6.79
CA SER A 270 35.86 9.63 5.94
C SER A 270 36.16 11.10 6.15
N SER A 271 35.70 11.92 5.21
CA SER A 271 35.79 13.37 5.37
C SER A 271 34.56 13.85 6.13
N GLY A 272 34.70 13.92 7.44
CA GLY A 272 33.65 14.47 8.27
C GLY A 272 34.23 15.02 9.54
N PRO A 273 33.37 15.50 10.44
CA PRO A 273 33.88 16.10 11.69
C PRO A 273 34.72 15.16 12.53
N LEU A 274 34.53 13.84 12.44
CA LEU A 274 35.36 12.94 13.23
C LEU A 274 36.82 13.04 12.82
N MET A 275 37.07 13.41 11.57
CA MET A 275 38.44 13.59 11.14
C MET A 275 38.93 15.01 11.40
N TRP A 276 38.21 16.02 10.90
CA TRP A 276 38.76 17.38 10.89
C TRP A 276 38.12 18.34 11.89
N SER A 277 37.38 17.86 12.87
CA SER A 277 36.82 18.73 13.89
C SER A 277 37.39 18.36 15.25
N GLN A 278 37.64 19.39 16.07
CA GLN A 278 38.37 19.23 17.32
C GLN A 278 37.78 18.15 18.22
N ARG A 279 38.66 17.41 18.88
CA ARG A 279 38.31 16.47 19.93
C ARG A 279 37.85 17.24 21.18
N LEU A 280 37.18 16.54 22.10
CA LEU A 280 36.80 17.14 23.36
C LEU A 280 38.03 17.59 24.14
N ASN A 281 37.87 18.67 24.92
CA ASN A 281 38.97 19.10 25.77
C ASN A 281 39.07 18.21 27.01
N THR A 282 40.18 18.34 27.74
CA THR A 282 40.50 17.37 28.78
C THR A 282 39.52 17.40 29.96
N PRO A 283 39.04 18.56 30.41
CA PRO A 283 38.04 18.52 31.50
C PRO A 283 36.80 17.73 31.11
N ALA A 284 36.32 17.89 29.87
CA ALA A 284 35.17 17.12 29.41
C ALA A 284 35.47 15.64 29.45
N LEU A 285 36.68 15.23 29.06
CA LEU A 285 37.01 13.81 29.03
C LEU A 285 37.18 13.28 30.44
N GLY A 286 37.79 14.06 31.33
CA GLY A 286 37.80 13.72 32.73
C GLY A 286 36.40 13.47 33.28
N ALA A 287 35.46 14.35 32.94
CA ALA A 287 34.10 14.20 33.44
C ALA A 287 33.42 12.95 32.89
N ILE A 288 33.67 12.62 31.60
CA ILE A 288 33.06 11.42 31.01
C ILE A 288 33.56 10.16 31.69
N ILE A 289 34.84 10.11 32.05
CA ILE A 289 35.38 8.93 32.73
C ILE A 289 34.70 8.76 34.08
N GLU A 290 34.60 9.85 34.84
CA GLU A 290 34.03 9.78 36.18
C GLU A 290 32.54 9.45 36.15
N SER A 291 31.81 10.01 35.18
CA SER A 291 30.40 9.69 35.02
C SER A 291 30.22 8.23 34.60
N ALA A 292 31.09 7.73 33.72
CA ALA A 292 31.03 6.32 33.34
C ALA A 292 31.16 5.41 34.56
N LYS A 293 32.14 5.67 35.43
CA LYS A 293 32.24 4.90 36.67
C LYS A 293 30.95 5.00 37.46
N LEU A 294 30.49 6.24 37.67
CA LEU A 294 29.23 6.48 38.34
C LEU A 294 28.10 5.66 37.72
N HIS A 295 27.96 5.72 36.38
CA HIS A 295 26.90 4.97 35.72
C HIS A 295 27.00 3.47 35.97
N ARG A 296 28.20 2.96 36.22
CA ARG A 296 28.38 1.55 36.51
C ARG A 296 28.23 1.22 38.00
N SER A 297 28.15 2.24 38.85
CA SER A 297 27.98 2.06 40.28
C SER A 297 26.50 1.96 40.66
N GLU A 298 26.25 1.78 41.95
CA GLU A 298 24.90 1.80 42.48
C GLU A 298 24.33 3.21 42.50
N ALA A 299 25.18 4.22 42.33
CA ALA A 299 24.68 5.59 42.23
C ALA A 299 23.58 5.70 41.17
N LEU A 300 23.78 5.03 40.02
CA LEU A 300 22.86 5.19 38.90
C LEU A 300 21.46 4.68 39.17
N PRO A 301 21.24 3.44 39.65
CA PRO A 301 19.85 3.04 39.94
C PRO A 301 19.21 3.89 41.03
N GLU A 302 20.01 4.41 41.97
CA GLU A 302 19.48 5.29 42.99
C GLU A 302 18.95 6.59 42.38
N LEU A 303 19.75 7.22 41.51
CA LEU A 303 19.30 8.42 40.82
C LEU A 303 18.10 8.15 39.93
N GLN A 304 18.02 6.95 39.35
CA GLN A 304 16.86 6.64 38.53
C GLN A 304 15.62 6.43 39.40
N ALA A 305 15.81 5.81 40.58
CA ALA A 305 14.69 5.70 41.52
C ALA A 305 14.23 7.06 41.97
N LYS A 306 15.18 7.96 42.29
CA LYS A 306 14.79 9.31 42.69
C LYS A 306 14.02 10.00 41.56
N LEU A 307 14.42 9.79 40.30
CA LEU A 307 13.78 10.45 39.18
C LEU A 307 12.35 9.96 39.01
N HIS A 308 12.15 8.64 39.00
CA HIS A 308 10.79 8.13 38.86
C HIS A 308 9.94 8.54 40.04
N SER A 309 10.53 8.60 41.23
CA SER A 309 9.83 9.16 42.37
C SER A 309 9.33 10.57 42.07
N ASN A 310 10.21 11.42 41.52
CA ASN A 310 9.82 12.81 41.23
C ASN A 310 8.81 12.88 40.09
N ILE A 311 8.88 11.99 39.11
CA ILE A 311 7.88 11.97 38.06
C ILE A 311 6.51 11.66 38.65
N ALA A 312 6.44 10.62 39.48
CA ALA A 312 5.19 10.26 40.15
C ALA A 312 4.64 11.41 40.98
N LEU A 313 5.51 12.13 41.71
CA LEU A 313 5.04 13.25 42.50
C LEU A 313 4.42 14.31 41.60
N PHE A 314 5.16 14.73 40.57
CA PHE A 314 4.70 15.79 39.68
C PHE A 314 3.39 15.41 39.01
N ASP A 315 3.32 14.18 38.49
CA ASP A 315 2.12 13.69 37.82
C ASP A 315 0.94 13.60 38.77
N GLY A 316 1.19 13.39 40.06
CA GLY A 316 0.10 13.38 41.01
C GLY A 316 -0.42 14.76 41.38
N LEU A 317 0.37 15.80 41.14
CA LEU A 317 0.01 17.15 41.52
C LEU A 317 -0.33 18.06 40.34
N VAL A 318 0.10 17.71 39.12
CA VAL A 318 -0.09 18.57 37.96
C VAL A 318 -0.48 17.69 36.77
N ARG A 319 -1.47 18.13 36.00
CA ARG A 319 -1.78 17.46 34.74
C ARG A 319 -1.06 18.17 33.62
N ALA A 320 -0.55 17.38 32.68
CA ALA A 320 0.27 17.84 31.57
C ALA A 320 0.39 16.70 30.57
N ALA A 321 0.58 17.04 29.31
CA ALA A 321 0.89 16.00 28.33
C ALA A 321 2.09 15.19 28.81
N GLY A 322 2.02 13.88 28.64
CA GLY A 322 3.02 12.97 29.14
C GLY A 322 2.65 12.31 30.46
N GLN A 323 1.71 12.88 31.20
CA GLN A 323 1.28 12.37 32.51
C GLN A 323 1.13 10.85 32.50
N GLY A 324 1.92 10.18 33.31
CA GLY A 324 1.92 8.74 33.36
C GLY A 324 3.07 8.07 32.63
N ASN A 325 3.79 8.82 31.78
CA ASN A 325 5.04 8.32 31.19
C ASN A 325 6.07 8.06 32.26
N SER A 326 7.18 7.48 31.81
CA SER A 326 8.41 7.42 32.59
C SER A 326 9.53 8.20 31.91
N VAL A 327 9.25 8.84 30.77
CA VAL A 327 10.11 9.87 30.21
C VAL A 327 9.87 11.17 30.97
N PRO A 328 10.89 11.78 31.60
CA PRO A 328 10.70 12.97 32.42
C PRO A 328 10.60 14.27 31.63
N ILE A 329 9.73 14.29 30.63
CA ILE A 329 9.43 15.49 29.87
C ILE A 329 7.92 15.71 29.89
N ARG A 330 7.49 16.92 30.20
CA ARG A 330 6.08 17.26 30.42
C ARG A 330 5.73 18.54 29.68
N TYR A 331 4.59 18.56 29.01
CA TYR A 331 4.14 19.73 28.27
C TYR A 331 2.88 20.28 28.90
N LEU A 332 2.94 21.52 29.36
CA LEU A 332 1.81 22.24 29.93
C LEU A 332 1.25 23.14 28.82
N GLU A 333 0.33 22.61 28.03
CA GLU A 333 -0.14 23.34 26.84
C GLU A 333 -1.07 24.47 27.25
N LEU A 334 -0.72 25.70 26.86
CA LEU A 334 -1.60 26.84 27.02
C LEU A 334 -2.17 27.36 25.72
N GLY A 335 -1.77 26.78 24.58
CA GLY A 335 -2.26 27.23 23.28
C GLY A 335 -1.77 28.59 22.80
N SER A 336 -2.17 29.66 23.50
CA SER A 336 -1.84 31.02 23.08
C SER A 336 -0.35 31.30 23.33
N GLU A 337 0.35 31.77 22.30
CA GLU A 337 1.75 32.18 22.48
C GLU A 337 1.85 33.29 23.51
N VAL A 338 0.94 34.25 23.45
CA VAL A 338 0.98 35.36 24.41
C VAL A 338 0.70 34.86 25.82
N ASP A 339 -0.20 33.88 25.97
CA ASP A 339 -0.50 33.39 27.31
C ASP A 339 0.65 32.56 27.85
N THR A 340 1.20 31.66 27.04
CA THR A 340 2.38 30.89 27.41
C THR A 340 3.49 31.81 27.91
N LEU A 341 3.75 32.90 27.17
CA LEU A 341 4.82 33.81 27.57
C LEU A 341 4.53 34.48 28.91
N GLU A 342 3.31 34.97 29.10
CA GLU A 342 2.98 35.62 30.37
C GLU A 342 2.95 34.61 31.51
N ALA A 343 2.50 33.39 31.25
CA ALA A 343 2.59 32.33 32.25
C ALA A 343 4.05 32.07 32.64
N SER A 344 4.96 32.06 31.66
CA SER A 344 6.36 31.83 31.97
C SER A 344 6.92 32.98 32.81
N ALA A 345 6.65 34.22 32.40
CA ALA A 345 7.07 35.36 33.20
C ALA A 345 6.48 35.31 34.61
N TYR A 346 5.18 35.03 34.73
CA TYR A 346 4.55 34.96 36.05
C TYR A 346 5.25 33.92 36.95
N LEU A 347 5.47 32.72 36.44
CA LEU A 347 6.05 31.65 37.25
C LEU A 347 7.48 31.97 37.68
N PHE A 348 8.26 32.63 36.80
CA PHE A 348 9.61 33.02 37.17
C PHE A 348 9.60 34.01 38.33
N ASP A 349 8.76 35.04 38.23
CA ASP A 349 8.59 35.98 39.33
C ASP A 349 8.26 35.27 40.63
N ASN A 350 7.67 34.08 40.57
CA ASN A 350 7.33 33.34 41.78
C ASN A 350 8.22 32.13 42.02
N GLY A 351 9.44 32.16 41.48
CA GLY A 351 10.47 31.21 41.87
C GLY A 351 10.62 29.98 41.00
N PHE A 352 10.03 29.96 39.81
CA PHE A 352 10.10 28.76 38.99
C PHE A 352 10.27 29.14 37.53
N TYR A 353 11.38 28.70 36.92
CA TYR A 353 11.60 28.91 35.49
C TYR A 353 11.08 27.69 34.73
N VAL A 354 10.18 27.92 33.79
CA VAL A 354 9.67 26.88 32.90
C VAL A 354 9.76 27.45 31.49
N GLU A 355 10.49 26.77 30.60
CA GLU A 355 10.77 27.39 29.32
C GLU A 355 9.50 27.41 28.47
N PRO A 356 9.22 28.54 27.80
CA PRO A 356 8.07 28.59 26.89
C PRO A 356 8.41 28.12 25.48
N ASP A 357 7.59 27.23 24.95
CA ASP A 357 7.67 26.85 23.55
C ASP A 357 6.58 27.59 22.78
N PHE A 358 7.00 28.31 21.73
CA PHE A 358 6.10 29.06 20.88
C PHE A 358 6.53 28.89 19.43
N PHE A 359 5.59 29.08 18.51
CA PHE A 359 5.92 29.12 17.10
C PHE A 359 7.09 30.08 16.90
N PRO A 360 8.12 29.71 16.13
CA PRO A 360 8.25 28.54 15.27
C PRO A 360 8.60 27.23 15.98
N ILE A 361 9.00 27.27 17.26
CA ILE A 361 9.45 26.05 17.94
C ILE A 361 8.36 25.00 17.91
N VAL A 362 7.10 25.41 18.06
CA VAL A 362 5.95 24.51 17.99
C VAL A 362 4.95 25.12 17.02
N SER A 363 3.91 24.34 16.74
CA SER A 363 2.80 24.80 15.89
C SER A 363 2.13 26.04 16.47
N ARG A 364 1.67 26.92 15.57
CA ARG A 364 0.81 28.02 15.95
C ARG A 364 -0.41 27.52 16.71
N GLY A 365 -0.77 28.24 17.77
CA GLY A 365 -1.89 27.83 18.60
C GLY A 365 -1.65 26.58 19.42
N ALA A 366 -0.38 26.13 19.52
CA ALA A 366 -0.05 24.98 20.34
C ALA A 366 1.05 25.28 21.34
N ALA A 367 1.23 26.55 21.72
CA ALA A 367 2.32 26.95 22.60
C ALA A 367 2.12 26.35 23.99
N GLY A 368 3.21 26.31 24.75
CA GLY A 368 3.09 25.82 26.11
C GLY A 368 4.42 25.76 26.81
N LEU A 369 4.36 25.38 28.09
CA LEU A 369 5.53 25.28 28.96
C LEU A 369 6.07 23.88 28.90
N ARG A 370 7.37 23.75 28.60
CA ARG A 370 8.05 22.46 28.52
C ARG A 370 8.80 22.25 29.83
N ALA A 371 8.26 21.39 30.70
CA ALA A 371 8.91 21.09 31.96
C ALA A 371 9.69 19.77 31.85
N ARG A 372 10.77 19.67 32.63
CA ARG A 372 11.55 18.46 32.66
C ARG A 372 11.83 18.06 34.11
N ILE A 373 11.61 16.81 34.43
CA ILE A 373 11.80 16.30 35.78
C ILE A 373 13.22 15.76 35.93
N ARG A 374 13.85 16.04 37.07
CA ARG A 374 15.21 15.56 37.31
C ARG A 374 15.34 15.02 38.73
N SER A 375 16.39 14.20 38.93
CA SER A 375 16.65 13.58 40.23
C SER A 375 16.91 14.61 41.33
N SER A 376 17.45 15.77 40.97
CA SER A 376 17.90 16.77 41.92
C SER A 376 16.81 17.75 42.32
N MET A 377 15.57 17.54 41.88
CA MET A 377 14.41 18.20 42.46
C MET A 377 14.07 17.55 43.79
N SER A 378 13.81 18.37 44.80
CA SER A 378 13.27 17.88 46.06
C SER A 378 11.76 17.71 45.97
N THR A 379 11.19 17.15 47.04
CA THR A 379 9.73 17.09 47.18
C THR A 379 9.16 18.47 47.48
N ALA A 380 9.90 19.31 48.19
CA ALA A 380 9.47 20.69 48.36
C ALA A 380 9.37 21.41 47.01
N ASP A 381 10.40 21.30 46.17
CA ASP A 381 10.43 21.98 44.87
C ASP A 381 9.16 21.71 44.06
N ILE A 382 8.85 20.43 43.85
CA ILE A 382 7.71 20.06 43.02
C ILE A 382 6.38 20.48 43.68
N GLU A 383 6.22 20.20 44.98
CA GLU A 383 4.98 20.54 45.65
C GLU A 383 4.73 22.05 45.63
N GLN A 384 5.78 22.84 45.85
CA GLN A 384 5.63 24.29 45.78
C GLN A 384 5.39 24.76 44.36
N PHE A 385 5.98 24.08 43.35
CA PHE A 385 5.66 24.45 41.98
C PHE A 385 4.18 24.19 41.69
N ALA A 386 3.70 23.00 42.07
CA ALA A 386 2.28 22.69 41.86
C ALA A 386 1.38 23.72 42.52
N HIS A 387 1.75 24.17 43.73
CA HIS A 387 0.98 25.20 44.41
C HIS A 387 0.97 26.51 43.64
N VAL A 388 2.10 26.90 43.05
CA VAL A 388 2.11 28.17 42.32
C VAL A 388 1.39 28.04 40.99
N TRP A 389 1.45 26.86 40.37
CA TRP A 389 0.80 26.65 39.09
C TRP A 389 -0.72 26.69 39.22
N HIS A 390 -1.26 26.08 40.28
CA HIS A 390 -2.71 26.07 40.48
C HIS A 390 -3.21 27.45 40.91
N LYS A 391 -2.40 28.21 41.65
CA LYS A 391 -2.80 29.57 42.00
C LYS A 391 -2.87 30.46 40.76
N LEU A 392 -2.11 30.16 39.72
CA LEU A 392 -2.19 30.96 38.50
C LEU A 392 -3.51 30.71 37.78
N GLY A 393 -4.00 29.48 37.81
CA GLY A 393 -5.30 29.19 37.27
C GLY A 393 -6.46 29.75 38.06
N VAL A 394 -6.18 30.55 39.10
CA VAL A 394 -7.19 31.27 39.88
C VAL A 394 -6.81 32.73 40.08
N VAL B 1 -21.27 -4.04 -36.75
CA VAL B 1 -20.52 -2.88 -36.29
C VAL B 1 -21.52 -1.76 -36.12
N LYS B 2 -21.15 -0.56 -36.61
CA LYS B 2 -22.11 0.55 -36.71
C LYS B 2 -22.71 0.69 -35.32
N LYS B 3 -24.02 0.62 -35.16
CA LYS B 3 -24.62 1.00 -33.88
C LYS B 3 -24.16 0.08 -32.75
N LEU B 4 -23.66 -1.12 -33.10
CA LEU B 4 -23.20 -2.10 -32.09
C LEU B 4 -21.79 -1.78 -31.59
N ARG B 5 -21.17 -0.73 -32.12
CA ARG B 5 -19.94 -0.17 -31.59
C ARG B 5 -20.23 1.08 -30.78
N HIS B 6 -21.17 1.91 -31.25
CA HIS B 6 -21.64 3.03 -30.46
C HIS B 6 -22.14 2.56 -29.09
N LEU B 7 -22.94 1.48 -29.08
CA LEU B 7 -23.44 0.95 -27.81
C LEU B 7 -22.29 0.43 -26.95
N SER B 8 -21.44 -0.42 -27.52
CA SER B 8 -20.37 -1.06 -26.74
C SER B 8 -19.46 -0.02 -26.11
N ASP B 9 -19.04 0.99 -26.90
CA ASP B 9 -18.15 2.03 -26.41
C ASP B 9 -18.75 2.76 -25.21
N GLY B 10 -20.07 3.04 -25.26
CA GLY B 10 -20.73 3.69 -24.14
C GLY B 10 -20.70 2.84 -22.89
N TYR B 11 -20.91 1.52 -23.03
CA TYR B 11 -20.82 0.63 -21.89
C TYR B 11 -19.39 0.60 -21.35
N TRP B 12 -18.41 0.41 -22.25
CA TRP B 12 -17.00 0.44 -21.85
C TRP B 12 -16.66 1.71 -21.09
N ASP B 13 -17.17 2.85 -21.57
CA ASP B 13 -16.82 4.13 -20.95
C ASP B 13 -17.52 4.31 -19.62
N SER B 14 -18.77 3.85 -19.50
CA SER B 14 -19.48 3.95 -18.23
C SER B 14 -18.82 3.06 -17.19
N ALA B 15 -18.46 1.85 -17.60
CA ALA B 15 -17.69 0.94 -16.76
C ALA B 15 -16.43 1.62 -16.25
N ALA B 16 -15.69 2.28 -17.14
CA ALA B 16 -14.52 3.04 -16.69
C ALA B 16 -14.93 4.19 -15.77
N ARG B 17 -15.99 4.92 -16.12
CA ARG B 17 -16.41 6.06 -15.32
C ARG B 17 -16.79 5.63 -13.91
N LEU B 18 -17.56 4.55 -13.79
CA LEU B 18 -17.97 4.05 -12.48
C LEU B 18 -16.84 3.40 -11.70
N GLY B 19 -15.64 3.26 -12.28
CA GLY B 19 -14.52 2.67 -11.58
C GLY B 19 -14.58 1.17 -11.39
N VAL B 20 -15.50 0.47 -12.06
CA VAL B 20 -15.56 -0.98 -11.96
C VAL B 20 -14.81 -1.67 -13.09
N HIS B 21 -14.21 -0.90 -14.00
CA HIS B 21 -13.48 -1.41 -15.15
C HIS B 21 -12.26 -0.52 -15.37
N GLY B 22 -11.12 -1.14 -15.64
CA GLY B 22 -9.88 -0.39 -15.87
C GLY B 22 -9.40 0.43 -14.69
N ALA B 23 -9.51 -0.09 -13.49
CA ALA B 23 -9.03 0.58 -12.29
C ALA B 23 -7.64 0.08 -11.94
N VAL B 24 -6.98 0.78 -11.02
CA VAL B 24 -5.64 0.42 -10.56
C VAL B 24 -5.75 0.11 -9.08
N LEU B 25 -5.62 -1.16 -8.74
CA LEU B 25 -5.80 -1.62 -7.37
C LEU B 25 -4.60 -2.46 -6.95
N GLN B 26 -4.27 -2.37 -5.67
CA GLN B 26 -3.23 -3.20 -5.09
C GLN B 26 -3.81 -4.54 -4.63
N ALA B 27 -3.11 -5.61 -4.95
CA ALA B 27 -3.40 -6.89 -4.32
C ALA B 27 -3.10 -6.81 -2.84
N VAL B 28 -4.04 -7.29 -2.03
CA VAL B 28 -3.96 -7.28 -0.58
C VAL B 28 -4.25 -8.72 -0.15
N PRO B 29 -3.62 -9.24 0.91
CA PRO B 29 -3.88 -10.62 1.34
C PRO B 29 -5.36 -10.84 1.67
N GLY B 30 -5.76 -12.10 1.61
CA GLY B 30 -7.15 -12.44 1.82
C GLY B 30 -8.04 -12.21 0.63
N GLY B 31 -7.54 -12.46 -0.58
CA GLY B 31 -8.33 -12.21 -1.77
C GLY B 31 -8.90 -10.80 -1.84
N ARG B 32 -8.11 -9.80 -1.47
CA ARG B 32 -8.61 -8.45 -1.39
C ARG B 32 -7.87 -7.50 -2.32
N LEU B 33 -8.53 -6.39 -2.60
CA LEU B 33 -8.06 -5.30 -3.44
C LEU B 33 -8.14 -4.02 -2.64
N SER B 34 -7.11 -3.19 -2.76
CA SER B 34 -7.10 -1.89 -2.11
C SER B 34 -6.94 -0.81 -3.17
N ALA B 35 -7.73 0.20 -3.07
CA ALA B 35 -7.63 1.35 -3.95
C ALA B 35 -6.78 2.41 -3.26
N PRO B 36 -6.17 3.33 -4.03
CA PRO B 36 -5.32 4.34 -3.38
C PRO B 36 -6.08 5.24 -2.40
N ASP B 37 -7.42 5.33 -2.51
CA ASP B 37 -8.20 6.13 -1.57
C ASP B 37 -8.48 5.40 -0.25
N GLY B 38 -8.07 4.14 -0.13
CA GLY B 38 -8.15 3.40 1.12
C GLY B 38 -9.20 2.31 1.16
N ARG B 39 -10.11 2.26 0.19
CA ARG B 39 -11.11 1.20 0.17
C ARG B 39 -10.45 -0.16 0.06
N VAL B 40 -10.98 -1.13 0.80
CA VAL B 40 -10.61 -2.52 0.66
C VAL B 40 -11.86 -3.31 0.32
N ALA B 41 -11.77 -4.15 -0.72
CA ALA B 41 -12.89 -4.95 -1.19
C ALA B 41 -12.46 -6.39 -1.35
N VAL B 42 -13.36 -7.32 -1.03
CA VAL B 42 -13.16 -8.71 -1.39
C VAL B 42 -13.29 -8.85 -2.90
N ASN B 43 -12.36 -9.57 -3.51
CA ASN B 43 -12.40 -9.87 -4.94
C ASN B 43 -13.21 -11.15 -5.11
N MET B 44 -14.47 -10.99 -5.54
CA MET B 44 -15.40 -12.10 -5.82
C MET B 44 -15.24 -12.65 -7.22
N SER B 45 -14.26 -12.18 -7.98
CA SER B 45 -14.11 -12.58 -9.37
C SER B 45 -12.71 -13.07 -9.72
N SER B 46 -11.85 -13.31 -8.74
CA SER B 46 -10.49 -13.78 -9.02
C SER B 46 -10.53 -15.16 -9.66
N TYR B 47 -9.60 -15.42 -10.59
CA TYR B 47 -9.57 -16.74 -11.21
C TYR B 47 -8.69 -17.71 -10.45
N SER B 48 -7.99 -17.28 -9.39
CA SER B 48 -7.11 -18.19 -8.65
C SER B 48 -7.97 -19.06 -7.74
N TYR B 49 -8.57 -20.08 -8.35
CA TYR B 49 -9.66 -20.83 -7.73
C TYR B 49 -9.25 -21.52 -6.43
N LEU B 50 -7.98 -21.86 -6.29
CA LEU B 50 -7.49 -22.49 -5.06
C LEU B 50 -6.72 -21.52 -4.17
N GLY B 51 -6.86 -20.21 -4.39
CA GLY B 51 -6.10 -19.25 -3.60
C GLY B 51 -4.58 -19.33 -3.69
N LEU B 52 -4.03 -20.03 -4.69
CA LEU B 52 -2.58 -20.23 -4.73
C LEU B 52 -1.80 -19.01 -5.21
N ASP B 53 -2.47 -18.02 -5.82
CA ASP B 53 -1.82 -16.73 -6.08
C ASP B 53 -1.27 -16.13 -4.79
N GLU B 54 -1.67 -16.64 -3.63
CA GLU B 54 -1.24 -16.13 -2.34
C GLU B 54 -0.52 -17.19 -1.52
N SER B 55 -0.22 -18.34 -2.11
CA SER B 55 0.61 -19.33 -1.44
C SER B 55 2.01 -18.78 -1.16
N PRO B 56 2.46 -18.74 0.09
CA PRO B 56 3.81 -18.23 0.34
C PRO B 56 4.90 -19.17 -0.13
N ARG B 57 4.65 -20.49 -0.09
CA ARG B 57 5.55 -21.45 -0.70
C ARG B 57 5.83 -21.13 -2.16
N ILE B 58 4.81 -20.70 -2.91
CA ILE B 58 4.98 -20.55 -4.34
C ILE B 58 5.70 -19.25 -4.66
N ILE B 59 5.38 -18.17 -3.95
CA ILE B 59 6.05 -16.91 -4.21
C ILE B 59 7.53 -17.02 -3.82
N ASP B 60 7.80 -17.69 -2.70
CA ASP B 60 9.18 -17.88 -2.27
C ASP B 60 9.97 -18.69 -3.28
N ALA B 61 9.37 -19.79 -3.78
CA ALA B 61 10.07 -20.56 -4.80
C ALA B 61 10.34 -19.69 -6.03
N ALA B 62 9.41 -18.79 -6.37
CA ALA B 62 9.63 -17.95 -7.54
C ALA B 62 10.77 -16.98 -7.30
N ILE B 63 10.81 -16.36 -6.13
CA ILE B 63 11.96 -15.52 -5.76
C ILE B 63 13.24 -16.34 -5.76
N ALA B 64 13.22 -17.53 -5.14
CA ALA B 64 14.44 -18.32 -5.00
C ALA B 64 15.03 -18.68 -6.36
N ALA B 65 14.17 -19.02 -7.32
CA ALA B 65 14.66 -19.38 -8.64
C ALA B 65 15.32 -18.21 -9.33
N LEU B 66 14.80 -17.00 -9.11
CA LEU B 66 15.41 -15.81 -9.66
C LEU B 66 16.74 -15.49 -8.98
N ARG B 67 16.87 -15.73 -7.68
CA ARG B 67 18.13 -15.48 -7.01
C ARG B 67 19.19 -16.49 -7.43
N SER B 68 18.83 -17.77 -7.44
CA SER B 68 19.84 -18.79 -7.70
C SER B 68 20.31 -18.75 -9.16
N ASN B 69 19.42 -18.44 -10.11
CA ASN B 69 19.80 -18.40 -11.53
C ASN B 69 20.38 -17.06 -11.96
N MET B 70 19.98 -15.97 -11.31
CA MET B 70 20.46 -14.62 -11.61
C MET B 70 20.21 -14.20 -13.07
N VAL B 71 19.25 -14.82 -13.75
CA VAL B 71 18.77 -14.35 -15.05
C VAL B 71 17.26 -14.50 -15.10
N LEU B 72 16.65 -13.77 -16.04
CA LEU B 72 15.21 -13.83 -16.29
C LEU B 72 14.85 -14.94 -17.27
N ASN B 73 15.44 -14.90 -18.46
CA ASN B 73 15.18 -15.87 -19.52
C ASN B 73 15.64 -17.27 -19.13
N SER B 74 14.91 -18.27 -19.64
CA SER B 74 15.22 -19.68 -19.40
C SER B 74 15.79 -20.37 -20.62
N SER B 75 15.64 -19.77 -21.78
CA SER B 75 16.58 -19.99 -22.85
C SER B 75 17.86 -19.27 -22.47
N LEU B 76 18.96 -19.70 -23.06
CA LEU B 76 20.25 -19.09 -22.79
C LEU B 76 20.43 -17.96 -23.79
N GLY B 77 20.02 -16.76 -23.37
CA GLY B 77 19.94 -15.67 -24.32
C GLY B 77 19.19 -16.04 -25.59
N ARG B 78 18.16 -16.88 -25.47
CA ARG B 78 17.23 -17.31 -26.51
C ARG B 78 17.82 -18.27 -27.55
N VAL B 79 18.99 -18.86 -27.30
CA VAL B 79 19.48 -19.90 -28.21
C VAL B 79 18.61 -21.15 -28.03
N ARG B 80 18.82 -22.15 -28.87
CA ARG B 80 18.02 -23.38 -28.82
C ARG B 80 18.55 -24.31 -27.71
N MET B 81 18.59 -23.73 -26.51
CA MET B 81 19.10 -24.36 -25.30
C MET B 81 18.19 -23.99 -24.15
N THR B 82 18.28 -24.76 -23.06
CA THR B 82 17.34 -24.65 -21.97
C THR B 82 18.08 -24.70 -20.63
N LEU B 83 17.69 -23.80 -19.72
CA LEU B 83 18.19 -23.87 -18.36
C LEU B 83 17.68 -25.15 -17.68
N PRO B 84 18.45 -25.70 -16.75
CA PRO B 84 17.92 -26.83 -15.97
C PRO B 84 16.54 -26.54 -15.36
N LEU B 85 16.32 -25.33 -14.83
CA LEU B 85 15.06 -24.99 -14.19
C LEU B 85 13.87 -25.27 -15.10
N LEU B 86 14.00 -24.96 -16.40
CA LEU B 86 12.92 -25.23 -17.33
C LEU B 86 12.66 -26.73 -17.47
N GLU B 87 13.73 -27.52 -17.56
CA GLU B 87 13.57 -28.97 -17.63
C GLU B 87 12.91 -29.50 -16.37
N GLU B 88 13.35 -29.01 -15.22
CA GLU B 88 12.73 -29.42 -13.98
C GLU B 88 11.23 -29.08 -13.99
N ALA B 89 10.89 -27.89 -14.49
CA ALA B 89 9.50 -27.47 -14.53
C ALA B 89 8.69 -28.40 -15.43
N GLU B 90 9.21 -28.74 -16.60
CA GLU B 90 8.46 -29.60 -17.49
C GLU B 90 8.47 -31.04 -17.01
N CYS B 91 9.47 -31.44 -16.25
CA CYS B 91 9.42 -32.77 -15.69
C CYS B 91 8.45 -32.83 -14.51
N ALA B 92 8.37 -31.76 -13.71
CA ALA B 92 7.37 -31.69 -12.65
C ALA B 92 5.96 -31.76 -13.22
N LEU B 93 5.66 -30.91 -14.21
CA LEU B 93 4.37 -30.98 -14.90
C LEU B 93 4.13 -32.37 -15.50
N GLY B 94 5.18 -32.98 -16.06
CA GLY B 94 5.03 -34.34 -16.57
C GLY B 94 4.65 -35.34 -15.49
N ASP B 95 5.32 -35.29 -14.35
CA ASP B 95 4.95 -36.19 -13.25
C ASP B 95 3.52 -35.93 -12.78
N LEU B 96 3.13 -34.66 -12.69
CA LEU B 96 1.79 -34.32 -12.21
C LEU B 96 0.72 -34.89 -13.12
N PHE B 97 0.82 -34.60 -14.42
CA PHE B 97 -0.21 -35.01 -15.36
C PHE B 97 -0.08 -36.45 -15.83
N GLY B 98 1.09 -37.07 -15.70
CA GLY B 98 1.36 -38.36 -16.31
C GLY B 98 1.39 -38.25 -17.81
N ALA B 99 2.22 -37.35 -18.33
CA ALA B 99 2.19 -37.03 -19.76
C ALA B 99 3.43 -36.22 -20.12
N ASP B 100 3.66 -36.05 -21.42
CA ASP B 100 4.69 -35.15 -21.90
C ASP B 100 4.12 -33.73 -22.01
N VAL B 101 4.80 -32.77 -21.38
CA VAL B 101 4.27 -31.41 -21.21
C VAL B 101 5.35 -30.40 -21.57
N ALA B 102 4.99 -29.42 -22.38
CA ALA B 102 5.82 -28.25 -22.62
C ALA B 102 5.15 -27.01 -22.03
N THR B 103 5.96 -26.12 -21.48
CA THR B 103 5.51 -24.79 -21.06
C THR B 103 5.67 -23.80 -22.20
N LEU B 104 4.82 -22.80 -22.18
CA LEU B 104 4.91 -21.64 -23.06
C LEU B 104 4.58 -20.45 -22.19
N ASN B 105 4.68 -19.24 -22.76
CA ASN B 105 4.41 -18.03 -21.99
C ASN B 105 2.91 -17.78 -21.78
N SER B 106 2.04 -18.57 -22.40
CA SER B 106 0.61 -18.38 -22.30
C SER B 106 -0.09 -19.57 -22.93
N CYS B 107 -1.31 -19.84 -22.47
CA CYS B 107 -2.14 -20.87 -23.10
C CYS B 107 -2.56 -20.46 -24.50
N SER B 108 -2.70 -19.16 -24.76
CA SER B 108 -2.95 -18.72 -26.12
C SER B 108 -1.81 -19.10 -27.05
N ALA B 109 -0.56 -18.92 -26.59
CA ALA B 109 0.58 -19.37 -27.40
C ALA B 109 0.55 -20.88 -27.59
N ALA B 110 0.15 -21.62 -26.56
CA ALA B 110 0.03 -23.07 -26.72
C ALA B 110 -0.95 -23.41 -27.85
N ALA B 111 -2.04 -22.66 -27.97
CA ALA B 111 -3.02 -22.94 -29.01
C ALA B 111 -2.46 -22.62 -30.39
N TRP B 112 -1.96 -21.40 -30.55
CA TRP B 112 -1.30 -20.97 -31.77
C TRP B 112 -0.26 -21.99 -32.25
N ALA B 113 0.40 -22.69 -31.32
CA ALA B 113 1.49 -23.60 -31.64
C ALA B 113 0.99 -24.96 -32.08
N THR B 114 -0.17 -25.40 -31.59
CA THR B 114 -0.65 -26.75 -31.80
C THR B 114 -1.75 -26.87 -32.84
N LEU B 115 -2.74 -25.98 -32.80
CA LEU B 115 -3.89 -26.14 -33.70
C LEU B 115 -3.50 -26.17 -35.16
N PRO B 116 -2.69 -25.23 -35.68
CA PRO B 116 -2.33 -25.33 -37.10
C PRO B 116 -1.60 -26.62 -37.46
N VAL B 117 -0.86 -27.23 -36.53
CA VAL B 117 -0.22 -28.49 -36.92
C VAL B 117 -1.16 -29.67 -36.75
N LEU B 118 -2.21 -29.55 -35.95
CA LEU B 118 -3.25 -30.58 -35.95
C LEU B 118 -4.02 -30.56 -37.25
N ALA B 119 -4.31 -29.36 -37.76
CA ALA B 119 -5.01 -29.20 -39.03
C ALA B 119 -4.20 -29.69 -40.24
N SER B 120 -2.88 -29.81 -40.09
CA SER B 120 -2.04 -30.18 -41.22
C SER B 120 -2.02 -31.69 -41.46
N GLY B 121 -2.16 -32.49 -40.40
CA GLY B 121 -2.06 -33.93 -40.48
C GLY B 121 -0.92 -34.52 -39.69
N LEU B 122 0.09 -33.72 -39.33
CA LEU B 122 1.33 -34.25 -38.79
C LEU B 122 1.16 -34.95 -37.46
N LEU B 123 0.06 -34.70 -36.75
CA LEU B 123 -0.20 -35.39 -35.49
C LEU B 123 -1.11 -36.59 -35.67
N THR B 124 -1.72 -36.75 -36.84
CA THR B 124 -2.62 -37.87 -37.11
C THR B 124 -2.10 -38.72 -38.26
N ASP B 125 -0.85 -39.21 -38.14
CA ASP B 125 -0.24 -40.13 -39.11
C ASP B 125 -0.21 -39.55 -40.52
N GLY B 126 -0.13 -38.25 -40.65
CA GLY B 126 -0.08 -37.63 -41.97
C GLY B 126 -1.40 -37.49 -42.69
N VAL B 127 -2.52 -37.57 -41.98
CA VAL B 127 -3.84 -37.40 -42.58
C VAL B 127 -4.47 -36.14 -41.98
N ALA B 128 -4.52 -35.06 -42.76
CA ALA B 128 -5.15 -33.83 -42.30
C ALA B 128 -6.64 -34.06 -41.99
N PRO B 129 -7.03 -34.03 -40.72
CA PRO B 129 -8.42 -34.33 -40.36
C PRO B 129 -9.32 -33.14 -40.63
N VAL B 130 -10.62 -33.38 -40.53
CA VAL B 130 -11.59 -32.29 -40.50
C VAL B 130 -11.56 -31.69 -39.10
N MET B 131 -11.37 -30.37 -39.02
CA MET B 131 -11.26 -29.69 -37.74
C MET B 131 -12.64 -29.18 -37.33
N VAL B 132 -13.23 -29.83 -36.32
CA VAL B 132 -14.56 -29.49 -35.83
C VAL B 132 -14.42 -28.68 -34.55
N PHE B 133 -14.88 -27.43 -34.60
CA PHE B 133 -14.78 -26.50 -33.49
C PHE B 133 -16.14 -26.38 -32.80
N ASP B 134 -16.17 -26.65 -31.50
CA ASP B 134 -17.37 -26.30 -30.74
C ASP B 134 -17.68 -24.82 -30.91
N LYS B 135 -18.97 -24.50 -30.92
CA LYS B 135 -19.41 -23.13 -31.17
C LYS B 135 -18.90 -22.19 -30.09
N ARG B 136 -18.71 -22.69 -28.88
CA ARG B 136 -18.33 -21.88 -27.73
C ARG B 136 -16.90 -22.19 -27.27
N ALA B 137 -16.05 -22.62 -28.19
CA ALA B 137 -14.64 -22.82 -27.87
C ALA B 137 -13.98 -21.47 -27.59
N HIS B 138 -13.11 -21.43 -26.57
CA HIS B 138 -12.47 -20.17 -26.19
C HIS B 138 -11.82 -19.51 -27.41
N PHE B 139 -11.73 -18.17 -27.35
CA PHE B 139 -11.31 -17.40 -28.53
C PHE B 139 -9.87 -17.71 -28.97
N CYS B 140 -9.00 -18.12 -28.04
CA CYS B 140 -7.62 -18.37 -28.42
C CYS B 140 -7.50 -19.51 -29.41
N MET B 141 -8.52 -20.37 -29.47
CA MET B 141 -8.64 -21.41 -30.47
C MET B 141 -9.54 -21.00 -31.64
N ALA B 142 -10.71 -20.42 -31.33
CA ALA B 142 -11.69 -20.12 -32.38
C ALA B 142 -11.18 -19.06 -33.35
N SER B 143 -10.42 -18.08 -32.87
CA SER B 143 -9.92 -17.06 -33.78
C SER B 143 -8.78 -17.58 -34.67
N LEU B 144 -8.36 -18.83 -34.51
CA LEU B 144 -7.37 -19.46 -35.35
C LEU B 144 -7.98 -20.39 -36.39
N LYS B 145 -9.31 -20.36 -36.55
CA LYS B 145 -9.96 -21.19 -37.55
C LYS B 145 -9.38 -20.95 -38.93
N SER B 146 -9.12 -19.68 -39.28
CA SER B 146 -8.62 -19.35 -40.61
C SER B 146 -7.26 -19.99 -40.87
N LEU B 147 -6.38 -20.01 -39.85
CA LEU B 147 -5.10 -20.71 -40.00
C LEU B 147 -5.32 -22.19 -40.27
N CYS B 148 -6.25 -22.80 -39.52
CA CYS B 148 -6.60 -24.19 -39.75
C CYS B 148 -7.23 -24.42 -41.12
N ALA B 149 -7.97 -23.44 -41.62
CA ALA B 149 -8.69 -23.61 -42.89
C ALA B 149 -7.72 -23.73 -44.06
N ASP B 150 -6.64 -22.96 -44.05
CA ASP B 150 -5.62 -23.13 -45.08
C ASP B 150 -4.94 -24.48 -45.04
N GLU B 151 -5.31 -25.39 -44.15
CA GLU B 151 -4.72 -26.71 -44.11
C GLU B 151 -5.70 -27.85 -44.33
N THR B 152 -6.97 -27.65 -44.00
CA THR B 152 -7.94 -28.72 -44.11
C THR B 152 -9.33 -28.09 -44.02
N ARG B 153 -10.34 -28.92 -43.80
CA ARG B 153 -11.72 -28.49 -43.71
C ARG B 153 -12.04 -28.10 -42.26
N VAL B 154 -12.57 -26.90 -42.08
CA VAL B 154 -12.91 -26.37 -40.76
C VAL B 154 -14.42 -26.37 -40.62
N GLU B 155 -14.91 -26.98 -39.54
CA GLU B 155 -16.33 -27.12 -39.29
C GLU B 155 -16.66 -26.58 -37.90
N THR B 156 -17.83 -25.97 -37.78
CA THR B 156 -18.30 -25.45 -36.50
C THR B 156 -19.66 -26.07 -36.20
N ILE B 157 -19.77 -26.73 -35.06
CA ILE B 157 -21.01 -27.38 -34.66
C ILE B 157 -21.59 -26.67 -33.45
N ARG B 158 -22.89 -26.85 -33.23
CA ARG B 158 -23.55 -26.26 -32.08
C ARG B 158 -22.96 -26.81 -30.79
N HIS B 159 -23.06 -26.02 -29.74
CA HIS B 159 -22.39 -26.33 -28.48
C HIS B 159 -22.77 -27.71 -27.98
N ASN B 160 -21.77 -28.58 -27.83
CA ASN B 160 -21.92 -29.92 -27.27
C ASN B 160 -22.79 -30.85 -28.13
N ASP B 161 -22.89 -30.55 -29.42
CA ASP B 161 -23.72 -31.31 -30.37
C ASP B 161 -22.98 -32.56 -30.82
N VAL B 162 -22.98 -33.60 -29.97
CA VAL B 162 -22.24 -34.80 -30.33
C VAL B 162 -22.95 -35.63 -31.39
N ASP B 163 -24.23 -35.35 -31.66
CA ASP B 163 -24.93 -36.03 -32.74
C ASP B 163 -24.47 -35.51 -34.09
N ALA B 164 -24.26 -34.19 -34.20
CA ALA B 164 -23.63 -33.65 -35.40
C ALA B 164 -22.16 -34.05 -35.51
N LEU B 165 -21.51 -34.34 -34.39
CA LEU B 165 -20.11 -34.75 -34.42
C LEU B 165 -19.97 -36.21 -34.84
N ALA B 166 -20.85 -37.08 -34.35
CA ALA B 166 -20.88 -38.46 -34.82
C ALA B 166 -21.12 -38.52 -36.33
N ASP B 167 -21.93 -37.60 -36.85
CA ASP B 167 -22.15 -37.53 -38.29
C ASP B 167 -20.84 -37.29 -39.02
N ILE B 168 -20.14 -36.22 -38.65
CA ILE B 168 -18.91 -35.85 -39.36
C ILE B 168 -17.86 -36.95 -39.24
N CYS B 169 -17.87 -37.69 -38.13
CA CYS B 169 -16.96 -38.82 -37.98
C CYS B 169 -17.28 -39.91 -38.99
N ARG B 170 -18.57 -40.24 -39.15
CA ARG B 170 -18.95 -41.32 -40.05
C ARG B 170 -18.65 -40.96 -41.50
N LYS B 171 -18.64 -39.67 -41.85
CA LYS B 171 -18.44 -39.24 -43.22
C LYS B 171 -16.99 -38.87 -43.56
N ASN B 172 -16.03 -39.10 -42.65
CA ASN B 172 -14.66 -38.72 -42.96
C ASN B 172 -13.68 -39.66 -42.29
N LYS B 173 -12.48 -39.76 -42.88
CA LYS B 173 -11.49 -40.71 -42.39
C LYS B 173 -10.93 -40.29 -41.03
N ARG B 174 -10.57 -39.02 -40.88
CA ARG B 174 -9.99 -38.50 -39.64
C ARG B 174 -10.71 -37.22 -39.26
N VAL B 175 -11.11 -37.13 -38.00
CA VAL B 175 -11.80 -35.97 -37.46
C VAL B 175 -11.14 -35.58 -36.15
N ALA B 176 -10.97 -34.28 -35.93
CA ALA B 176 -10.50 -33.74 -34.67
C ALA B 176 -11.54 -32.78 -34.12
N TYR B 177 -11.80 -32.87 -32.81
CA TYR B 177 -12.79 -32.03 -32.14
C TYR B 177 -12.07 -31.08 -31.19
N VAL B 178 -12.33 -29.78 -31.37
CA VAL B 178 -11.67 -28.73 -30.59
C VAL B 178 -12.69 -28.07 -29.67
N CYS B 179 -12.43 -28.09 -28.37
CA CYS B 179 -13.42 -27.64 -27.42
C CYS B 179 -12.72 -27.20 -26.13
N ASP B 180 -13.52 -26.72 -25.18
CA ASP B 180 -13.09 -26.49 -23.81
C ASP B 180 -13.55 -27.66 -22.95
N SER B 181 -12.78 -27.97 -21.89
CA SER B 181 -13.21 -28.98 -20.92
C SER B 181 -14.31 -28.42 -20.03
N VAL B 182 -14.17 -27.19 -19.63
CA VAL B 182 -15.07 -26.50 -18.72
C VAL B 182 -15.36 -25.15 -19.35
N TYR B 183 -16.64 -24.84 -19.52
CA TYR B 183 -17.05 -23.59 -20.17
C TYR B 183 -17.49 -22.58 -19.13
N SER B 184 -16.87 -21.40 -19.13
CA SER B 184 -17.10 -20.40 -18.10
C SER B 184 -18.49 -19.80 -18.22
N THR B 185 -18.84 -19.33 -19.41
CA THR B 185 -20.21 -18.91 -19.73
C THR B 185 -20.96 -20.09 -20.33
N GLY B 186 -22.24 -20.20 -20.01
CA GLY B 186 -23.04 -21.35 -20.36
C GLY B 186 -23.05 -22.45 -19.31
N GLY B 187 -22.12 -22.38 -18.34
CA GLY B 187 -22.10 -23.34 -17.25
C GLY B 187 -22.15 -24.79 -17.70
N THR B 188 -21.41 -25.11 -18.76
CA THR B 188 -21.45 -26.44 -19.34
C THR B 188 -20.08 -27.08 -19.21
N LEU B 189 -20.08 -28.41 -19.12
CA LEU B 189 -18.90 -29.25 -19.20
C LEU B 189 -18.96 -30.00 -20.50
N ALA B 190 -17.80 -30.47 -20.95
CA ALA B 190 -17.72 -31.16 -22.23
C ALA B 190 -18.29 -32.58 -22.08
N PRO B 191 -19.05 -33.05 -23.08
CA PRO B 191 -19.71 -34.36 -22.95
C PRO B 191 -18.73 -35.50 -23.03
N LEU B 192 -17.97 -35.73 -21.95
CA LEU B 192 -16.80 -36.61 -22.03
C LEU B 192 -17.18 -38.03 -22.47
N GLU B 193 -18.21 -38.63 -21.84
CA GLU B 193 -18.52 -40.03 -22.07
C GLU B 193 -18.89 -40.29 -23.53
N GLU B 194 -19.61 -39.35 -24.16
CA GLU B 194 -19.91 -39.49 -25.58
C GLU B 194 -18.65 -39.29 -26.42
N LEU B 195 -17.91 -38.20 -26.15
CA LEU B 195 -16.71 -37.89 -26.93
C LEU B 195 -15.68 -39.01 -26.85
N PHE B 196 -15.47 -39.56 -25.65
CA PHE B 196 -14.54 -40.67 -25.47
C PHE B 196 -15.02 -41.91 -26.21
N ALA B 197 -16.33 -42.12 -26.27
CA ALA B 197 -16.89 -43.22 -27.05
C ALA B 197 -16.69 -42.98 -28.55
N LEU B 198 -16.96 -41.77 -29.03
CA LEU B 198 -16.70 -41.43 -30.42
C LEU B 198 -15.23 -41.54 -30.78
N GLN B 199 -14.34 -41.50 -29.79
CA GLN B 199 -12.92 -41.71 -30.04
C GLN B 199 -12.60 -43.20 -30.07
N LYS B 200 -13.26 -44.00 -29.23
CA LYS B 200 -13.07 -45.44 -29.28
C LYS B 200 -13.62 -46.05 -30.57
N GLU B 201 -14.55 -45.38 -31.22
CA GLU B 201 -15.23 -45.90 -32.40
C GLU B 201 -14.59 -45.48 -33.72
N PHE B 202 -14.24 -44.20 -33.88
CA PHE B 202 -13.68 -43.70 -35.13
C PHE B 202 -12.27 -43.14 -34.98
N GLY B 203 -11.67 -43.21 -33.79
CA GLY B 203 -10.40 -42.52 -33.60
C GLY B 203 -10.51 -41.01 -33.67
N LEU B 204 -11.63 -40.45 -33.18
CA LEU B 204 -11.80 -39.00 -33.10
C LEU B 204 -10.68 -38.40 -32.24
N PHE B 205 -10.01 -37.39 -32.79
CA PHE B 205 -8.96 -36.71 -32.04
C PHE B 205 -9.57 -35.63 -31.16
N LEU B 206 -9.22 -35.67 -29.88
CA LEU B 206 -9.78 -34.80 -28.84
C LEU B 206 -8.77 -33.74 -28.45
N TYR B 207 -9.10 -32.48 -28.68
CA TYR B 207 -8.26 -31.34 -28.33
C TYR B 207 -9.01 -30.51 -27.29
N PHE B 208 -8.58 -30.56 -26.02
CA PHE B 208 -9.27 -29.92 -24.92
C PHE B 208 -8.53 -28.69 -24.43
N ASP B 209 -9.22 -27.56 -24.30
CA ASP B 209 -8.71 -26.41 -23.55
C ASP B 209 -9.13 -26.58 -22.09
N GLU B 210 -8.16 -26.78 -21.21
CA GLU B 210 -8.39 -27.19 -19.83
C GLU B 210 -8.18 -26.06 -18.82
N ALA B 211 -8.20 -24.80 -19.26
CA ALA B 211 -7.85 -23.66 -18.40
C ALA B 211 -8.70 -23.60 -17.13
N HIS B 212 -10.02 -23.78 -17.25
CA HIS B 212 -10.89 -23.72 -16.09
C HIS B 212 -11.02 -25.05 -15.36
N SER B 213 -10.26 -26.04 -15.77
CA SER B 213 -10.38 -27.39 -15.20
C SER B 213 -9.16 -27.74 -14.35
N THR B 214 -7.95 -27.41 -14.85
CA THR B 214 -6.71 -27.59 -14.11
C THR B 214 -6.85 -27.09 -12.67
N SER B 215 -6.29 -27.86 -11.73
CA SER B 215 -6.34 -27.60 -10.29
C SER B 215 -7.75 -27.72 -9.73
N VAL B 216 -8.77 -27.28 -10.46
CA VAL B 216 -10.11 -27.23 -9.87
C VAL B 216 -10.71 -28.62 -9.76
N ILE B 217 -10.48 -29.46 -10.78
CA ILE B 217 -11.09 -30.77 -10.93
C ILE B 217 -10.02 -31.85 -10.89
N GLY B 218 -10.32 -32.98 -10.25
CA GLY B 218 -9.56 -34.21 -10.37
C GLY B 218 -8.61 -34.44 -9.20
N ASP B 219 -8.25 -35.72 -9.02
CA ASP B 219 -7.15 -36.08 -8.12
C ASP B 219 -5.89 -35.30 -8.50
N MET B 220 -5.21 -34.76 -7.49
CA MET B 220 -4.04 -33.90 -7.65
C MET B 220 -4.29 -32.72 -8.60
N GLY B 221 -5.57 -32.39 -8.83
CA GLY B 221 -5.88 -31.28 -9.73
C GLY B 221 -5.54 -31.50 -11.19
N ARG B 222 -5.40 -32.75 -11.65
CA ARG B 222 -5.05 -32.99 -13.05
C ARG B 222 -6.15 -32.58 -14.02
N GLY B 223 -7.35 -32.28 -13.53
CA GLY B 223 -8.40 -31.73 -14.37
C GLY B 223 -9.45 -32.75 -14.78
N TYR B 224 -10.46 -32.22 -15.45
CA TYR B 224 -11.66 -32.97 -15.83
C TYR B 224 -11.30 -34.15 -16.72
N VAL B 225 -10.62 -33.89 -17.84
CA VAL B 225 -10.40 -34.92 -18.86
C VAL B 225 -9.49 -36.04 -18.35
N LEU B 226 -8.49 -35.72 -17.55
CA LEU B 226 -7.58 -36.77 -17.08
C LEU B 226 -8.11 -37.51 -15.86
N ASP B 227 -9.05 -36.90 -15.13
CA ASP B 227 -9.61 -37.63 -13.99
C ASP B 227 -10.55 -38.72 -14.46
N ARG B 228 -11.17 -38.54 -15.62
CA ARG B 228 -11.95 -39.61 -16.22
C ARG B 228 -11.07 -40.57 -17.00
N MET B 229 -10.27 -40.04 -17.92
CA MET B 229 -9.45 -40.89 -18.78
C MET B 229 -8.35 -41.59 -17.98
N GLY B 230 -7.88 -40.97 -16.91
CA GLY B 230 -6.86 -41.57 -16.06
C GLY B 230 -5.47 -41.45 -16.66
N ALA B 231 -5.24 -42.10 -17.80
CA ALA B 231 -3.97 -42.01 -18.50
C ALA B 231 -4.28 -41.51 -19.89
N ILE B 232 -3.60 -40.44 -20.31
CA ILE B 232 -3.88 -39.85 -21.61
C ILE B 232 -3.49 -40.86 -22.67
N ASN B 233 -4.19 -40.84 -23.80
CA ASN B 233 -3.84 -41.70 -24.92
C ASN B 233 -3.15 -40.88 -26.01
N ASP B 234 -2.93 -41.51 -27.17
CA ASP B 234 -2.19 -40.87 -28.25
C ASP B 234 -3.07 -40.02 -29.15
N SER B 235 -4.37 -39.92 -28.84
CA SER B 235 -5.32 -39.17 -29.66
C SER B 235 -5.97 -38.03 -28.87
N THR B 236 -5.42 -37.67 -27.72
CA THR B 236 -5.96 -36.60 -26.87
C THR B 236 -4.85 -35.64 -26.51
N MET B 237 -5.06 -34.36 -26.81
CA MET B 237 -4.07 -33.31 -26.55
C MET B 237 -4.71 -32.21 -25.72
N LEU B 238 -4.01 -31.74 -24.69
CA LEU B 238 -4.52 -30.68 -23.82
C LEU B 238 -3.67 -29.42 -23.92
N ILE B 239 -4.34 -28.28 -23.80
CA ILE B 239 -3.71 -27.00 -23.53
C ILE B 239 -4.34 -26.40 -22.29
N THR B 240 -3.56 -25.68 -21.53
CA THR B 240 -4.08 -25.11 -20.30
C THR B 240 -3.29 -23.87 -19.94
N SER B 241 -3.91 -23.04 -19.12
CA SER B 241 -3.31 -21.85 -18.53
C SER B 241 -2.82 -22.21 -17.14
N LEU B 242 -1.71 -21.64 -16.72
CA LEU B 242 -1.15 -21.94 -15.41
C LEU B 242 -1.29 -20.80 -14.41
N ASN B 243 -1.97 -19.71 -14.78
CA ASN B 243 -2.15 -18.61 -13.86
C ASN B 243 -3.61 -18.47 -13.39
N LYS B 244 -4.41 -19.52 -13.51
CA LYS B 244 -5.80 -19.52 -13.05
C LYS B 244 -5.99 -20.66 -12.06
N GLY B 245 -5.34 -20.58 -10.92
CA GLY B 245 -5.59 -21.60 -9.94
C GLY B 245 -4.56 -22.70 -9.90
N PHE B 246 -3.79 -22.91 -10.98
CA PHE B 246 -2.50 -23.57 -10.78
C PHE B 246 -1.57 -22.67 -9.99
N GLY B 247 -1.78 -21.36 -10.06
CA GLY B 247 -1.06 -20.44 -9.21
C GLY B 247 0.31 -20.03 -9.66
N ALA B 248 0.60 -20.07 -10.97
CA ALA B 248 1.92 -19.71 -11.50
C ALA B 248 1.81 -18.76 -12.70
N SER B 249 2.58 -18.98 -13.76
CA SER B 249 2.46 -18.11 -14.93
C SER B 249 2.55 -18.95 -16.20
N GLY B 250 2.07 -18.38 -17.30
CA GLY B 250 2.22 -19.03 -18.56
C GLY B 250 1.16 -20.10 -18.79
N GLY B 251 1.45 -20.97 -19.77
CA GLY B 251 0.52 -22.00 -20.20
C GLY B 251 1.26 -23.27 -20.52
N ALA B 252 0.52 -24.26 -21.03
CA ALA B 252 1.15 -25.54 -21.26
C ALA B 252 0.45 -26.28 -22.37
N ILE B 253 1.22 -27.12 -23.07
CA ILE B 253 0.69 -28.15 -23.97
C ILE B 253 0.93 -29.49 -23.31
N VAL B 254 -0.13 -30.26 -23.13
CA VAL B 254 -0.02 -31.66 -22.72
C VAL B 254 -0.05 -32.48 -24.01
N PHE B 255 1.12 -32.97 -24.44
CA PHE B 255 1.21 -33.58 -25.77
C PHE B 255 0.46 -34.91 -25.83
N GLY B 256 0.52 -35.70 -24.78
CA GLY B 256 0.07 -37.07 -24.82
C GLY B 256 0.92 -37.92 -23.89
N PRO B 257 1.06 -39.21 -24.18
CA PRO B 257 1.82 -40.10 -23.27
C PRO B 257 3.26 -39.66 -23.05
N ARG B 258 3.72 -39.85 -21.81
CA ARG B 258 5.05 -39.39 -21.37
C ARG B 258 6.19 -40.04 -22.17
N ASP B 259 6.02 -41.29 -22.60
CA ASP B 259 7.13 -42.01 -23.23
C ASP B 259 7.23 -41.80 -24.74
N ASP B 260 6.32 -41.04 -25.33
CA ASP B 260 6.23 -40.86 -26.78
C ASP B 260 6.59 -39.40 -27.10
N ASP B 261 7.80 -39.20 -27.60
CA ASP B 261 8.34 -37.86 -27.88
C ASP B 261 7.91 -37.31 -29.24
N ARG B 262 7.13 -38.07 -30.01
CA ARG B 262 6.92 -37.74 -31.41
C ARG B 262 6.19 -36.40 -31.56
N LYS B 263 5.04 -36.25 -30.91
CA LYS B 263 4.26 -35.02 -31.08
C LYS B 263 5.04 -33.79 -30.63
N ARG B 264 5.72 -33.89 -29.48
CA ARG B 264 6.55 -32.78 -29.03
C ARG B 264 7.57 -32.39 -30.09
N LYS B 265 8.28 -33.39 -30.64
CA LYS B 265 9.26 -33.11 -31.69
C LYS B 265 8.61 -32.52 -32.92
N ILE B 266 7.41 -33.01 -33.27
CA ILE B 266 6.71 -32.49 -34.44
C ILE B 266 6.37 -31.02 -34.26
N ILE B 267 5.76 -30.68 -33.12
CA ILE B 267 5.33 -29.30 -32.88
C ILE B 267 6.54 -28.40 -32.64
N GLN B 268 7.50 -28.85 -31.83
CA GLN B 268 8.66 -28.00 -31.57
C GLN B 268 9.54 -27.82 -32.80
N ARG B 269 9.44 -28.70 -33.80
CA ARG B 269 10.15 -28.50 -35.05
C ARG B 269 9.30 -27.82 -36.12
N SER B 270 8.02 -27.56 -35.82
CA SER B 270 7.21 -26.77 -36.73
C SER B 270 7.49 -25.29 -36.52
N SER B 271 7.00 -24.48 -37.44
CA SER B 271 7.16 -23.03 -37.34
C SER B 271 6.03 -22.48 -36.49
N GLY B 272 6.29 -22.21 -35.21
CA GLY B 272 5.27 -21.74 -34.33
C GLY B 272 5.79 -21.05 -33.08
N PRO B 273 4.88 -20.54 -32.25
CA PRO B 273 5.30 -19.95 -30.98
C PRO B 273 6.20 -20.83 -30.14
N LEU B 274 6.02 -22.15 -30.15
CA LEU B 274 6.86 -22.99 -29.30
C LEU B 274 8.31 -22.95 -29.76
N MET B 275 8.56 -22.49 -30.98
CA MET B 275 9.88 -22.36 -31.57
C MET B 275 10.41 -20.93 -31.49
N TRP B 276 9.65 -19.95 -31.99
CA TRP B 276 10.12 -18.58 -32.13
C TRP B 276 9.75 -17.64 -30.97
N SER B 277 8.98 -18.08 -29.97
CA SER B 277 8.45 -17.15 -28.97
C SER B 277 8.98 -17.48 -27.57
N GLN B 278 9.22 -16.43 -26.80
CA GLN B 278 10.03 -16.56 -25.60
C GLN B 278 9.43 -17.55 -24.62
N ARG B 279 10.30 -18.27 -23.91
CA ARG B 279 9.90 -19.18 -22.86
C ARG B 279 9.68 -18.43 -21.55
N LEU B 280 8.99 -19.09 -20.63
CA LEU B 280 8.70 -18.50 -19.32
C LEU B 280 9.97 -18.05 -18.62
N ASN B 281 9.90 -16.87 -17.99
CA ASN B 281 11.01 -16.39 -17.20
C ASN B 281 11.18 -17.26 -15.95
N THR B 282 12.28 -17.05 -15.23
CA THR B 282 12.68 -18.00 -14.20
C THR B 282 11.81 -17.97 -12.96
N PRO B 283 11.29 -16.82 -12.52
CA PRO B 283 10.35 -16.88 -11.39
C PRO B 283 9.12 -17.72 -11.70
N ALA B 284 8.61 -17.63 -12.93
CA ALA B 284 7.43 -18.43 -13.28
C ALA B 284 7.74 -19.92 -13.18
N LEU B 285 8.85 -20.35 -13.78
CA LEU B 285 9.21 -21.77 -13.75
C LEU B 285 9.48 -22.23 -12.32
N GLY B 286 10.16 -21.41 -11.53
CA GLY B 286 10.25 -21.70 -10.12
C GLY B 286 8.89 -21.93 -9.48
N ALA B 287 7.90 -21.11 -9.85
CA ALA B 287 6.58 -21.26 -9.27
C ALA B 287 5.90 -22.55 -9.72
N ILE B 288 5.96 -22.84 -11.03
CA ILE B 288 5.41 -24.09 -11.55
C ILE B 288 5.98 -25.29 -10.78
N ILE B 289 7.29 -25.30 -10.52
CA ILE B 289 7.88 -26.47 -9.86
C ILE B 289 7.32 -26.61 -8.45
N GLU B 290 7.24 -25.51 -7.71
CA GLU B 290 6.68 -25.54 -6.37
C GLU B 290 5.21 -25.95 -6.40
N SER B 291 4.43 -25.33 -7.29
CA SER B 291 3.03 -25.66 -7.40
C SER B 291 2.83 -27.13 -7.74
N ALA B 292 3.61 -27.65 -8.69
CA ALA B 292 3.54 -29.07 -9.02
C ALA B 292 3.76 -29.94 -7.79
N LYS B 293 4.77 -29.62 -6.97
CA LYS B 293 4.97 -30.33 -5.71
C LYS B 293 3.72 -30.26 -4.84
N LEU B 294 3.14 -29.06 -4.75
CA LEU B 294 1.95 -28.86 -3.93
C LEU B 294 0.77 -29.65 -4.48
N HIS B 295 0.55 -29.61 -5.80
CA HIS B 295 -0.54 -30.38 -6.39
C HIS B 295 -0.40 -31.87 -6.10
N ARG B 296 0.78 -32.33 -5.71
CA ARG B 296 0.97 -33.74 -5.42
C ARG B 296 0.99 -34.02 -3.92
N SER B 297 0.89 -32.99 -3.09
CA SER B 297 0.81 -33.12 -1.65
C SER B 297 -0.65 -33.32 -1.24
N GLU B 298 -0.87 -33.46 0.08
CA GLU B 298 -2.22 -33.49 0.66
C GLU B 298 -2.88 -32.12 0.66
N ALA B 299 -2.12 -31.07 0.37
CA ALA B 299 -2.71 -29.74 0.40
C ALA B 299 -3.74 -29.56 -0.70
N LEU B 300 -3.53 -30.21 -1.84
CA LEU B 300 -4.43 -29.98 -2.96
C LEU B 300 -5.81 -30.55 -2.68
N PRO B 301 -5.97 -31.77 -2.16
CA PRO B 301 -7.30 -32.22 -1.78
C PRO B 301 -7.93 -31.40 -0.68
N GLU B 302 -7.13 -30.86 0.25
CA GLU B 302 -7.68 -29.94 1.23
C GLU B 302 -8.15 -28.65 0.58
N LEU B 303 -7.45 -28.16 -0.44
CA LEU B 303 -7.90 -26.91 -1.05
C LEU B 303 -9.15 -27.16 -1.87
N GLN B 304 -9.26 -28.33 -2.50
CA GLN B 304 -10.48 -28.64 -3.22
C GLN B 304 -11.65 -28.85 -2.26
N ALA B 305 -11.37 -29.37 -1.06
CA ALA B 305 -12.41 -29.50 -0.06
C ALA B 305 -12.90 -28.13 0.38
N LYS B 306 -11.97 -27.20 0.63
CA LYS B 306 -12.37 -25.85 1.01
C LYS B 306 -13.13 -25.18 -0.14
N LEU B 307 -12.66 -25.38 -1.37
CA LEU B 307 -13.36 -24.83 -2.53
C LEU B 307 -14.82 -25.29 -2.57
N HIS B 308 -15.04 -26.61 -2.56
CA HIS B 308 -16.40 -27.12 -2.65
C HIS B 308 -17.23 -26.68 -1.47
N SER B 309 -16.61 -26.59 -0.30
CA SER B 309 -17.27 -26.00 0.85
C SER B 309 -17.80 -24.59 0.54
N ASN B 310 -16.98 -23.76 -0.11
CA ASN B 310 -17.40 -22.38 -0.43
C ASN B 310 -18.43 -22.33 -1.56
N ILE B 311 -18.40 -23.27 -2.49
CA ILE B 311 -19.47 -23.29 -3.49
C ILE B 311 -20.80 -23.62 -2.82
N ALA B 312 -20.80 -24.59 -1.92
CA ALA B 312 -22.02 -25.01 -1.27
C ALA B 312 -22.59 -23.90 -0.37
N LEU B 313 -21.71 -23.17 0.32
CA LEU B 313 -22.19 -22.04 1.11
C LEU B 313 -22.74 -20.95 0.22
N PHE B 314 -22.03 -20.61 -0.86
CA PHE B 314 -22.49 -19.55 -1.75
C PHE B 314 -23.84 -19.91 -2.35
N ASP B 315 -23.99 -21.14 -2.84
CA ASP B 315 -25.22 -21.56 -3.50
C ASP B 315 -26.41 -21.53 -2.54
N GLY B 316 -26.18 -21.77 -1.26
CA GLY B 316 -27.26 -21.74 -0.27
C GLY B 316 -27.64 -20.36 0.19
N LEU B 317 -26.85 -19.34 -0.15
CA LEU B 317 -27.13 -17.97 0.22
C LEU B 317 -27.52 -17.10 -0.95
N VAL B 318 -27.01 -17.37 -2.15
CA VAL B 318 -27.19 -16.53 -3.32
C VAL B 318 -27.67 -17.40 -4.46
N ARG B 319 -28.65 -16.92 -5.22
CA ARG B 319 -29.14 -17.63 -6.38
C ARG B 319 -28.51 -17.03 -7.62
N ALA B 320 -27.88 -17.87 -8.44
CA ALA B 320 -27.19 -17.41 -9.64
C ALA B 320 -27.08 -18.56 -10.62
N ALA B 321 -26.94 -18.21 -11.90
CA ALA B 321 -26.73 -19.22 -12.93
C ALA B 321 -25.54 -20.10 -12.55
N GLY B 322 -25.76 -21.41 -12.54
CA GLY B 322 -24.76 -22.37 -12.16
C GLY B 322 -25.01 -23.03 -10.83
N GLN B 323 -25.92 -22.46 -10.03
CA GLN B 323 -26.23 -22.97 -8.71
C GLN B 323 -26.38 -24.49 -8.73
N GLY B 324 -25.57 -25.16 -7.89
CA GLY B 324 -25.61 -26.60 -7.77
C GLY B 324 -24.52 -27.34 -8.52
N ASN B 325 -23.91 -26.73 -9.55
CA ASN B 325 -22.87 -27.47 -10.27
C ASN B 325 -21.60 -27.53 -9.42
N SER B 326 -20.57 -28.14 -10.00
CA SER B 326 -19.30 -28.33 -9.34
C SER B 326 -18.23 -27.32 -9.77
N VAL B 327 -18.50 -26.52 -10.79
CA VAL B 327 -17.57 -25.52 -11.32
C VAL B 327 -17.73 -24.21 -10.56
N PRO B 328 -16.64 -23.62 -10.03
CA PRO B 328 -16.80 -22.42 -9.19
C PRO B 328 -16.97 -21.12 -9.97
N ILE B 329 -17.82 -21.14 -11.00
CA ILE B 329 -18.13 -19.95 -11.78
C ILE B 329 -19.63 -19.73 -11.67
N ARG B 330 -20.01 -18.50 -11.31
CA ARG B 330 -21.39 -18.10 -11.12
C ARG B 330 -21.67 -16.86 -11.95
N TYR B 331 -22.93 -16.67 -12.33
CA TYR B 331 -23.34 -15.50 -13.10
C TYR B 331 -24.61 -14.94 -12.46
N LEU B 332 -24.51 -13.72 -11.93
CA LEU B 332 -25.65 -13.00 -11.36
C LEU B 332 -26.24 -12.17 -12.47
N GLU B 333 -27.16 -12.76 -13.24
CA GLU B 333 -27.74 -12.09 -14.39
C GLU B 333 -28.59 -10.90 -13.94
N LEU B 334 -28.58 -9.84 -14.74
CA LEU B 334 -29.42 -8.69 -14.47
C LEU B 334 -30.04 -8.08 -15.72
N GLY B 335 -29.78 -8.63 -16.91
CA GLY B 335 -30.39 -8.15 -18.12
C GLY B 335 -29.81 -6.85 -18.67
N SER B 336 -30.09 -5.78 -17.95
CA SER B 336 -29.70 -4.44 -18.38
C SER B 336 -28.22 -4.19 -18.08
N GLU B 337 -27.51 -3.64 -19.08
CA GLU B 337 -26.10 -3.33 -18.88
C GLU B 337 -25.90 -2.25 -17.83
N VAL B 338 -26.68 -1.17 -17.93
CA VAL B 338 -26.60 -0.08 -16.96
C VAL B 338 -26.91 -0.58 -15.55
N ASP B 339 -27.85 -1.52 -15.42
CA ASP B 339 -28.13 -2.09 -14.11
C ASP B 339 -26.98 -2.98 -13.63
N THR B 340 -26.45 -3.81 -14.53
CA THR B 340 -25.24 -4.55 -14.22
C THR B 340 -24.14 -3.61 -13.74
N LEU B 341 -23.91 -2.52 -14.48
CA LEU B 341 -22.80 -1.63 -14.14
C LEU B 341 -23.02 -0.96 -12.79
N GLU B 342 -24.25 -0.57 -12.48
CA GLU B 342 -24.49 0.12 -11.22
C GLU B 342 -24.58 -0.84 -10.04
N ALA B 343 -25.04 -2.07 -10.27
CA ALA B 343 -24.93 -3.10 -9.24
C ALA B 343 -23.46 -3.32 -8.85
N SER B 344 -22.58 -3.48 -9.85
CA SER B 344 -21.15 -3.62 -9.58
C SER B 344 -20.61 -2.41 -8.83
N ALA B 345 -20.98 -1.21 -9.27
CA ALA B 345 -20.48 -0.01 -8.60
C ALA B 345 -20.89 -0.02 -7.14
N TYR B 346 -22.20 -0.22 -6.88
CA TYR B 346 -22.71 -0.25 -5.51
C TYR B 346 -22.03 -1.35 -4.69
N LEU B 347 -21.90 -2.56 -5.25
CA LEU B 347 -21.29 -3.63 -4.48
C LEU B 347 -19.84 -3.31 -4.13
N PHE B 348 -19.11 -2.65 -5.04
CA PHE B 348 -17.74 -2.25 -4.71
C PHE B 348 -17.73 -1.23 -3.58
N ASP B 349 -18.61 -0.23 -3.65
CA ASP B 349 -18.64 0.77 -2.58
C ASP B 349 -18.94 0.14 -1.23
N ASN B 350 -19.45 -1.08 -1.20
CA ASN B 350 -19.64 -1.80 0.05
C ASN B 350 -18.63 -2.92 0.22
N GLY B 351 -17.51 -2.85 -0.49
CA GLY B 351 -16.39 -3.72 -0.21
C GLY B 351 -16.46 -5.09 -0.82
N PHE B 352 -17.08 -5.24 -1.99
CA PHE B 352 -17.06 -6.47 -2.75
C PHE B 352 -16.95 -6.12 -4.22
N TYR B 353 -15.85 -6.56 -4.86
CA TYR B 353 -15.71 -6.39 -6.30
C TYR B 353 -16.28 -7.62 -6.99
N VAL B 354 -17.15 -7.38 -7.96
CA VAL B 354 -17.67 -8.43 -8.84
C VAL B 354 -17.60 -7.86 -10.25
N GLU B 355 -17.01 -8.63 -11.19
CA GLU B 355 -16.84 -7.91 -12.44
C GLU B 355 -18.13 -7.88 -13.26
N PRO B 356 -18.41 -6.76 -13.94
CA PRO B 356 -19.55 -6.70 -14.87
C PRO B 356 -19.21 -7.25 -16.25
N ASP B 357 -20.03 -8.16 -16.74
CA ASP B 357 -19.94 -8.61 -18.12
C ASP B 357 -21.02 -7.91 -18.92
N PHE B 358 -20.61 -7.11 -19.90
CA PHE B 358 -21.54 -6.37 -20.74
C PHE B 358 -21.17 -6.58 -22.20
N PHE B 359 -22.17 -6.51 -23.09
CA PHE B 359 -21.93 -6.57 -24.53
C PHE B 359 -20.81 -5.60 -24.90
N PRO B 360 -19.81 -6.04 -25.70
CA PRO B 360 -19.77 -7.28 -26.48
C PRO B 360 -19.32 -8.53 -25.73
N ILE B 361 -18.93 -8.40 -24.46
CA ILE B 361 -18.45 -9.57 -23.72
C ILE B 361 -19.53 -10.64 -23.68
N VAL B 362 -20.79 -10.23 -23.54
CA VAL B 362 -21.93 -11.14 -23.58
C VAL B 362 -22.94 -10.55 -24.55
N SER B 363 -23.97 -11.35 -24.83
CA SER B 363 -25.10 -10.88 -25.63
C SER B 363 -25.75 -9.69 -24.95
N ARG B 364 -26.23 -8.77 -25.77
CA ARG B 364 -27.04 -7.67 -25.25
C ARG B 364 -28.26 -8.26 -24.54
N GLY B 365 -28.69 -7.59 -23.47
CA GLY B 365 -29.74 -8.12 -22.63
C GLY B 365 -29.33 -9.24 -21.70
N ALA B 366 -28.16 -9.85 -21.92
CA ALA B 366 -27.65 -10.90 -21.03
C ALA B 366 -26.51 -10.42 -20.13
N ALA B 367 -26.55 -9.15 -19.69
CA ALA B 367 -25.54 -8.58 -18.81
C ALA B 367 -25.69 -9.10 -17.38
N GLY B 368 -24.59 -9.03 -16.62
CA GLY B 368 -24.60 -9.58 -15.28
C GLY B 368 -23.22 -9.50 -14.61
N LEU B 369 -23.19 -10.02 -13.39
CA LEU B 369 -21.98 -10.04 -12.58
C LEU B 369 -21.44 -11.45 -12.58
N ARG B 370 -20.15 -11.58 -12.89
CA ARG B 370 -19.49 -12.88 -13.00
C ARG B 370 -18.66 -13.08 -11.74
N ALA B 371 -19.15 -13.92 -10.83
CA ALA B 371 -18.46 -14.24 -9.60
C ALA B 371 -17.74 -15.58 -9.74
N ARG B 372 -16.62 -15.71 -9.05
CA ARG B 372 -15.84 -16.95 -9.05
C ARG B 372 -15.53 -17.34 -7.61
N ILE B 373 -15.74 -18.60 -7.29
CA ILE B 373 -15.57 -19.07 -5.92
C ILE B 373 -14.16 -19.63 -5.79
N ARG B 374 -13.45 -19.24 -4.72
CA ARG B 374 -12.10 -19.71 -4.53
C ARG B 374 -11.91 -20.20 -3.09
N SER B 375 -10.91 -21.08 -2.95
CA SER B 375 -10.58 -21.67 -1.65
C SER B 375 -10.21 -20.63 -0.61
N SER B 376 -9.63 -19.51 -1.02
CA SER B 376 -9.20 -18.54 -0.05
C SER B 376 -10.32 -17.61 0.42
N MET B 377 -11.56 -17.84 -0.01
CA MET B 377 -12.66 -17.11 0.59
C MET B 377 -12.99 -17.70 1.96
N SER B 378 -13.21 -16.82 2.93
CA SER B 378 -13.75 -17.25 4.23
C SER B 378 -15.27 -17.35 4.17
N THR B 379 -15.82 -18.10 5.14
CA THR B 379 -17.26 -18.10 5.38
C THR B 379 -17.79 -16.69 5.66
N ALA B 380 -17.04 -15.91 6.43
CA ALA B 380 -17.43 -14.53 6.67
C ALA B 380 -17.58 -13.77 5.35
N ASP B 381 -16.59 -13.90 4.45
CA ASP B 381 -16.64 -13.19 3.16
C ASP B 381 -17.91 -13.52 2.38
N ILE B 382 -18.24 -14.81 2.27
CA ILE B 382 -19.39 -15.22 1.47
C ILE B 382 -20.70 -14.83 2.14
N GLU B 383 -20.78 -14.97 3.47
CA GLU B 383 -22.01 -14.59 4.17
C GLU B 383 -22.23 -13.08 4.06
N GLN B 384 -21.16 -12.29 4.27
CA GLN B 384 -21.29 -10.84 4.18
C GLN B 384 -21.57 -10.38 2.76
N PHE B 385 -21.02 -11.05 1.74
CA PHE B 385 -21.43 -10.72 0.38
C PHE B 385 -22.91 -10.98 0.16
N ALA B 386 -23.39 -12.16 0.59
CA ALA B 386 -24.80 -12.48 0.43
C ALA B 386 -25.69 -11.44 1.13
N HIS B 387 -25.33 -11.04 2.35
CA HIS B 387 -26.06 -9.96 3.03
C HIS B 387 -26.04 -8.67 2.21
N VAL B 388 -24.87 -8.29 1.68
CA VAL B 388 -24.80 -7.05 0.89
C VAL B 388 -25.58 -7.20 -0.41
N TRP B 389 -25.56 -8.39 -1.01
CA TRP B 389 -26.30 -8.63 -2.24
C TRP B 389 -27.81 -8.61 -2.02
N HIS B 390 -28.27 -9.17 -0.89
CA HIS B 390 -29.69 -9.12 -0.55
C HIS B 390 -30.16 -7.67 -0.38
N LYS B 391 -29.43 -6.86 0.39
CA LYS B 391 -29.85 -5.48 0.63
C LYS B 391 -29.99 -4.69 -0.66
N LEU B 392 -29.12 -4.95 -1.63
CA LEU B 392 -29.31 -4.41 -2.97
C LEU B 392 -30.65 -4.89 -3.49
N GLY B 393 -31.48 -3.97 -3.96
CA GLY B 393 -32.85 -4.35 -4.30
C GLY B 393 -33.82 -4.32 -3.13
N VAL B 394 -33.91 -5.45 -2.38
CA VAL B 394 -34.90 -5.70 -1.32
C VAL B 394 -36.29 -5.10 -1.59
N ASP C 9 -23.87 -58.87 24.70
CA ASP C 9 -23.66 -57.84 25.71
C ASP C 9 -22.17 -57.71 26.08
N GLY C 10 -21.32 -58.38 25.29
CA GLY C 10 -19.89 -58.33 25.56
C GLY C 10 -19.28 -56.98 25.25
N TYR C 11 -19.63 -56.41 24.09
CA TYR C 11 -19.02 -55.15 23.69
C TYR C 11 -19.58 -53.98 24.50
N TRP C 12 -20.84 -54.04 24.93
CA TRP C 12 -21.42 -52.96 25.72
C TRP C 12 -20.55 -52.61 26.91
N ASP C 13 -20.01 -53.63 27.59
CA ASP C 13 -19.07 -53.41 28.68
C ASP C 13 -17.76 -52.85 28.14
N SER C 14 -17.23 -53.46 27.07
CA SER C 14 -16.04 -52.93 26.42
C SER C 14 -16.24 -51.47 26.02
N ALA C 15 -17.43 -51.14 25.48
CA ALA C 15 -17.74 -49.77 25.12
C ALA C 15 -17.88 -48.88 26.36
N ALA C 16 -18.56 -49.39 27.40
CA ALA C 16 -18.66 -48.63 28.63
C ALA C 16 -17.32 -48.55 29.36
N ARG C 17 -16.49 -49.59 29.24
CA ARG C 17 -15.18 -49.59 29.88
C ARG C 17 -14.36 -48.37 29.45
N LEU C 18 -14.27 -48.13 28.15
CA LEU C 18 -13.41 -47.08 27.60
C LEU C 18 -13.99 -45.68 27.74
N GLY C 19 -15.14 -45.53 28.39
CA GLY C 19 -15.78 -44.23 28.52
C GLY C 19 -16.43 -43.70 27.27
N VAL C 20 -16.42 -44.47 26.17
CA VAL C 20 -16.98 -44.04 24.89
C VAL C 20 -18.44 -44.40 24.73
N HIS C 21 -19.06 -44.96 25.79
CA HIS C 21 -20.46 -45.34 25.76
C HIS C 21 -20.99 -45.23 27.18
N GLY C 22 -22.14 -44.58 27.32
CA GLY C 22 -22.81 -44.47 28.60
C GLY C 22 -21.98 -43.84 29.70
N ALA C 23 -21.28 -42.75 29.39
CA ALA C 23 -20.65 -41.94 30.42
C ALA C 23 -21.31 -40.57 30.47
N VAL C 24 -20.69 -39.67 31.21
CA VAL C 24 -21.33 -38.45 31.66
C VAL C 24 -20.49 -37.25 31.25
N LEU C 25 -20.98 -36.47 30.28
CA LEU C 25 -20.33 -35.25 29.83
C LEU C 25 -21.27 -34.06 29.98
N GLN C 26 -20.67 -32.90 30.22
CA GLN C 26 -21.43 -31.66 30.34
C GLN C 26 -21.46 -30.94 29.00
N ALA C 27 -22.61 -30.37 28.68
CA ALA C 27 -22.72 -29.58 27.46
C ALA C 27 -22.07 -28.24 27.69
N VAL C 28 -21.25 -27.83 26.71
CA VAL C 28 -20.43 -26.62 26.80
C VAL C 28 -20.63 -25.85 25.49
N PRO C 29 -20.57 -24.52 25.51
CA PRO C 29 -20.86 -23.75 24.29
C PRO C 29 -19.99 -24.16 23.11
N GLY C 30 -20.55 -23.98 21.91
CA GLY C 30 -19.81 -24.28 20.70
C GLY C 30 -19.82 -25.72 20.27
N GLY C 31 -20.89 -26.45 20.53
CA GLY C 31 -20.92 -27.85 20.15
C GLY C 31 -19.90 -28.69 20.89
N ARG C 32 -19.65 -28.38 22.15
CA ARG C 32 -18.57 -29.05 22.86
C ARG C 32 -19.07 -29.74 24.13
N LEU C 33 -18.27 -30.70 24.56
CA LEU C 33 -18.51 -31.54 25.72
C LEU C 33 -17.32 -31.43 26.65
N SER C 34 -17.58 -31.30 27.95
CA SER C 34 -16.53 -31.24 28.95
C SER C 34 -16.70 -32.40 29.92
N ALA C 35 -15.64 -33.18 30.10
CA ALA C 35 -15.63 -34.21 31.14
C ALA C 35 -15.32 -33.53 32.47
N PRO C 36 -15.55 -34.21 33.60
CA PRO C 36 -15.25 -33.56 34.89
C PRO C 36 -13.78 -33.26 35.05
N ASP C 37 -12.91 -34.08 34.44
CA ASP C 37 -11.47 -33.88 34.52
C ASP C 37 -11.01 -32.58 33.87
N GLY C 38 -11.84 -31.98 33.01
CA GLY C 38 -11.50 -30.72 32.38
C GLY C 38 -11.31 -30.80 30.89
N ARG C 39 -11.26 -32.00 30.32
CA ARG C 39 -11.11 -32.17 28.88
C ARG C 39 -12.34 -31.67 28.13
N VAL C 40 -12.12 -30.80 27.15
CA VAL C 40 -13.16 -30.33 26.25
C VAL C 40 -12.97 -31.02 24.90
N ALA C 41 -14.07 -31.46 24.29
CA ALA C 41 -14.04 -32.05 22.97
C ALA C 41 -15.20 -31.52 22.15
N VAL C 42 -15.02 -31.52 20.83
CA VAL C 42 -16.10 -31.18 19.90
C VAL C 42 -16.94 -32.42 19.67
N ASN C 43 -18.26 -32.24 19.74
CA ASN C 43 -19.21 -33.33 19.55
C ASN C 43 -19.49 -33.47 18.05
N MET C 44 -18.99 -34.54 17.45
CA MET C 44 -19.15 -34.82 16.04
C MET C 44 -20.35 -35.70 15.74
N SER C 45 -21.22 -35.93 16.74
CA SER C 45 -22.31 -36.87 16.54
C SER C 45 -23.67 -36.34 17.01
N SER C 46 -23.76 -35.05 17.35
CA SER C 46 -25.00 -34.44 17.82
C SER C 46 -26.05 -34.41 16.70
N TYR C 47 -27.32 -34.61 17.08
CA TYR C 47 -28.42 -34.60 16.11
C TYR C 47 -29.00 -33.22 15.87
N SER C 48 -28.53 -32.19 16.57
CA SER C 48 -29.04 -30.84 16.36
C SER C 48 -28.43 -30.27 15.09
N TYR C 49 -28.95 -30.71 13.94
CA TYR C 49 -28.25 -30.54 12.67
C TYR C 49 -28.06 -29.07 12.30
N LEU C 50 -28.95 -28.20 12.76
CA LEU C 50 -28.82 -26.78 12.53
C LEU C 50 -28.22 -26.05 13.73
N GLY C 51 -27.69 -26.79 14.71
CA GLY C 51 -27.18 -26.18 15.91
C GLY C 51 -28.19 -25.41 16.73
N LEU C 52 -29.48 -25.66 16.53
CA LEU C 52 -30.49 -24.86 17.21
C LEU C 52 -30.59 -25.19 18.69
N ASP C 53 -29.99 -26.30 19.14
CA ASP C 53 -29.93 -26.57 20.57
C ASP C 53 -29.09 -25.54 21.32
N GLU C 54 -28.30 -24.73 20.62
CA GLU C 54 -27.54 -23.66 21.24
C GLU C 54 -28.07 -22.27 20.91
N SER C 55 -29.25 -22.18 20.32
CA SER C 55 -29.80 -20.85 20.03
C SER C 55 -30.18 -20.14 21.33
N PRO C 56 -29.60 -18.98 21.65
CA PRO C 56 -30.07 -18.24 22.83
C PRO C 56 -31.53 -17.84 22.75
N ARG C 57 -32.02 -17.47 21.55
CA ARG C 57 -33.43 -17.14 21.38
C ARG C 57 -34.33 -18.27 21.87
N ILE C 58 -34.10 -19.47 21.34
CA ILE C 58 -34.93 -20.62 21.69
C ILE C 58 -34.86 -20.86 23.20
N ILE C 59 -33.65 -20.87 23.74
CA ILE C 59 -33.49 -21.21 25.15
C ILE C 59 -34.13 -20.15 26.05
N ASP C 60 -34.06 -18.87 25.67
CA ASP C 60 -34.71 -17.82 26.47
C ASP C 60 -36.23 -17.90 26.38
N ALA C 61 -36.76 -18.25 25.20
CA ALA C 61 -38.19 -18.44 25.06
C ALA C 61 -38.68 -19.56 25.96
N ALA C 62 -37.89 -20.63 26.07
CA ALA C 62 -38.25 -21.75 26.95
C ALA C 62 -38.33 -21.30 28.40
N ILE C 63 -37.31 -20.59 28.88
CA ILE C 63 -37.31 -20.06 30.24
C ILE C 63 -38.47 -19.11 30.42
N ALA C 64 -38.62 -18.17 29.48
CA ALA C 64 -39.70 -17.19 29.57
C ALA C 64 -41.06 -17.87 29.65
N ALA C 65 -41.26 -18.95 28.89
CA ALA C 65 -42.51 -19.68 28.95
C ALA C 65 -42.78 -20.22 30.35
N LEU C 66 -41.74 -20.72 31.02
CA LEU C 66 -41.89 -21.29 32.35
C LEU C 66 -42.11 -20.22 33.40
N ARG C 67 -41.35 -19.11 33.35
CA ARG C 67 -41.55 -18.03 34.31
C ARG C 67 -42.94 -17.44 34.18
N SER C 68 -43.43 -17.35 32.95
CA SER C 68 -44.66 -16.65 32.68
C SER C 68 -45.90 -17.48 33.03
N ASN C 69 -45.83 -18.80 32.91
CA ASN C 69 -46.95 -19.66 33.26
C ASN C 69 -46.87 -20.18 34.68
N MET C 70 -45.68 -20.20 35.26
CA MET C 70 -45.44 -20.71 36.61
C MET C 70 -45.97 -22.13 36.78
N VAL C 71 -46.04 -22.87 35.68
CA VAL C 71 -46.41 -24.28 35.73
C VAL C 71 -45.66 -25.03 34.62
N LEU C 72 -45.34 -26.29 34.91
CA LEU C 72 -44.72 -27.22 33.99
C LEU C 72 -45.72 -27.87 33.03
N ASN C 73 -46.84 -28.43 33.54
CA ASN C 73 -47.80 -29.10 32.68
C ASN C 73 -48.53 -28.11 31.78
N SER C 74 -48.81 -28.53 30.54
CA SER C 74 -49.52 -27.69 29.59
C SER C 74 -51.00 -28.05 29.52
N SER C 75 -51.38 -29.19 30.08
CA SER C 75 -52.73 -29.40 30.56
C SER C 75 -52.92 -28.58 31.83
N LEU C 76 -54.15 -28.62 32.31
CA LEU C 76 -54.52 -27.96 33.57
C LEU C 76 -54.64 -29.09 34.58
N GLY C 77 -53.49 -29.55 35.07
CA GLY C 77 -53.46 -30.73 35.92
C GLY C 77 -54.03 -31.98 35.28
N ARG C 78 -53.81 -32.15 33.97
CA ARG C 78 -54.13 -33.33 33.17
C ARG C 78 -55.63 -33.49 32.91
N VAL C 79 -56.42 -32.42 33.11
CA VAL C 79 -57.80 -32.44 32.66
C VAL C 79 -57.77 -32.14 31.15
N ARG C 80 -58.91 -32.35 30.48
CA ARG C 80 -58.99 -32.25 29.03
C ARG C 80 -59.11 -30.79 28.59
N MET C 81 -58.22 -29.95 29.13
CA MET C 81 -58.12 -28.53 28.80
C MET C 81 -56.65 -28.20 28.59
N THR C 82 -56.38 -27.14 27.84
CA THR C 82 -55.02 -26.82 27.48
C THR C 82 -54.74 -25.34 27.73
N LEU C 83 -53.46 -25.04 27.99
CA LEU C 83 -52.95 -23.69 28.12
C LEU C 83 -52.90 -22.99 26.76
N PRO C 84 -53.08 -21.67 26.73
CA PRO C 84 -52.87 -20.94 25.47
C PRO C 84 -51.51 -21.19 24.86
N LEU C 85 -50.45 -21.34 25.68
CA LEU C 85 -49.13 -21.68 25.16
C LEU C 85 -49.16 -22.89 24.23
N LEU C 86 -49.92 -23.93 24.59
CA LEU C 86 -49.99 -25.13 23.74
C LEU C 86 -50.71 -24.83 22.44
N GLU C 87 -51.86 -24.14 22.53
CA GLU C 87 -52.57 -23.72 21.33
C GLU C 87 -51.68 -22.87 20.44
N GLU C 88 -50.83 -22.04 21.06
CA GLU C 88 -49.93 -21.18 20.30
C GLU C 88 -48.82 -22.00 19.64
N ALA C 89 -48.30 -23.01 20.35
CA ALA C 89 -47.28 -23.89 19.77
C ALA C 89 -47.82 -24.63 18.57
N GLU C 90 -49.01 -25.22 18.72
CA GLU C 90 -49.58 -25.98 17.61
C GLU C 90 -50.05 -25.07 16.49
N CYS C 91 -50.32 -23.80 16.78
CA CYS C 91 -50.68 -22.88 15.71
C CYS C 91 -49.44 -22.40 14.97
N ALA C 92 -48.32 -22.23 15.69
CA ALA C 92 -47.06 -21.87 15.02
C ALA C 92 -46.54 -23.02 14.16
N LEU C 93 -46.58 -24.26 14.67
CA LEU C 93 -46.24 -25.38 13.81
C LEU C 93 -47.17 -25.46 12.62
N GLY C 94 -48.46 -25.19 12.83
CA GLY C 94 -49.40 -25.23 11.73
C GLY C 94 -49.10 -24.19 10.67
N ASP C 95 -48.72 -22.98 11.07
CA ASP C 95 -48.35 -21.98 10.08
C ASP C 95 -47.07 -22.37 9.36
N LEU C 96 -46.12 -22.97 10.08
CA LEU C 96 -44.87 -23.39 9.48
C LEU C 96 -45.10 -24.44 8.40
N PHE C 97 -45.75 -25.55 8.76
CA PHE C 97 -45.90 -26.64 7.82
C PHE C 97 -47.03 -26.42 6.82
N GLY C 98 -47.94 -25.49 7.11
CA GLY C 98 -49.14 -25.35 6.31
C GLY C 98 -50.04 -26.55 6.49
N ALA C 99 -50.33 -26.90 7.74
CA ALA C 99 -51.06 -28.13 8.01
C ALA C 99 -51.60 -28.08 9.43
N ASP C 100 -52.52 -28.98 9.71
CA ASP C 100 -52.98 -29.19 11.08
C ASP C 100 -51.95 -30.02 11.83
N VAL C 101 -51.52 -29.56 12.99
CA VAL C 101 -50.40 -30.17 13.70
C VAL C 101 -50.72 -30.28 15.18
N ALA C 102 -50.49 -31.46 15.76
CA ALA C 102 -50.53 -31.65 17.20
C ALA C 102 -49.15 -31.98 17.73
N THR C 103 -48.88 -31.51 18.94
CA THR C 103 -47.64 -31.88 19.63
C THR C 103 -47.87 -33.09 20.53
N LEU C 104 -46.80 -33.86 20.73
CA LEU C 104 -46.79 -34.96 21.70
C LEU C 104 -45.44 -34.95 22.37
N ASN C 105 -45.25 -35.80 23.39
CA ASN C 105 -43.97 -35.79 24.11
C ASN C 105 -42.84 -36.50 23.35
N SER C 106 -43.09 -37.05 22.17
CA SER C 106 -42.08 -37.80 21.45
C SER C 106 -42.67 -38.17 20.10
N CYS C 107 -41.78 -38.31 19.10
CA CYS C 107 -42.19 -38.86 17.83
C CYS C 107 -42.76 -40.27 18.01
N SER C 108 -42.12 -41.08 18.85
CA SER C 108 -42.63 -42.40 19.18
C SER C 108 -44.10 -42.35 19.59
N ALA C 109 -44.44 -41.50 20.59
CA ALA C 109 -45.84 -41.38 20.99
C ALA C 109 -46.73 -41.04 19.80
N ALA C 110 -46.23 -40.19 18.90
CA ALA C 110 -47.01 -39.85 17.70
C ALA C 110 -47.23 -41.08 16.83
N ALA C 111 -46.24 -41.96 16.71
CA ALA C 111 -46.44 -43.19 15.96
C ALA C 111 -47.50 -44.06 16.62
N TRP C 112 -47.35 -44.29 17.94
CA TRP C 112 -48.28 -45.10 18.72
C TRP C 112 -49.70 -44.51 18.66
N ALA C 113 -49.84 -43.19 18.56
CA ALA C 113 -51.16 -42.57 18.51
C ALA C 113 -51.82 -42.65 17.14
N THR C 114 -51.06 -42.84 16.07
CA THR C 114 -51.57 -42.74 14.71
C THR C 114 -51.64 -44.08 13.99
N LEU C 115 -50.61 -44.91 14.04
CA LEU C 115 -50.60 -46.13 13.24
C LEU C 115 -51.78 -47.06 13.50
N PRO C 116 -52.21 -47.32 14.73
CA PRO C 116 -53.35 -48.24 14.89
C PRO C 116 -54.68 -47.69 14.36
N VAL C 117 -54.95 -46.41 14.51
CA VAL C 117 -56.21 -45.91 13.99
C VAL C 117 -56.15 -45.82 12.46
N LEU C 118 -54.97 -45.66 11.88
CA LEU C 118 -54.85 -45.74 10.43
C LEU C 118 -55.10 -47.17 9.96
N ALA C 119 -54.62 -48.15 10.73
CA ALA C 119 -54.87 -49.55 10.41
C ALA C 119 -56.34 -49.90 10.56
N SER C 120 -57.09 -49.14 11.35
CA SER C 120 -58.50 -49.43 11.58
C SER C 120 -59.39 -48.98 10.44
N GLY C 121 -58.87 -48.22 9.47
CA GLY C 121 -59.67 -47.60 8.43
C GLY C 121 -60.35 -46.31 8.80
N LEU C 122 -60.25 -45.88 10.07
CA LEU C 122 -60.92 -44.66 10.50
C LEU C 122 -60.39 -43.42 9.79
N LEU C 123 -59.17 -43.47 9.26
CA LEU C 123 -58.60 -42.36 8.50
C LEU C 123 -58.78 -42.53 7.00
N THR C 124 -59.33 -43.66 6.55
CA THR C 124 -59.55 -43.95 5.12
C THR C 124 -61.01 -44.36 4.87
N ASP C 125 -61.94 -43.45 5.17
CA ASP C 125 -63.36 -43.62 4.83
C ASP C 125 -63.93 -44.96 5.34
N GLY C 126 -63.45 -45.44 6.48
CA GLY C 126 -63.96 -46.67 7.05
C GLY C 126 -63.46 -47.94 6.40
N VAL C 127 -62.57 -47.86 5.43
CA VAL C 127 -62.03 -49.02 4.75
C VAL C 127 -60.65 -49.32 5.34
N ALA C 128 -60.54 -50.43 6.07
CA ALA C 128 -59.26 -50.76 6.67
C ALA C 128 -58.23 -51.00 5.58
N PRO C 129 -57.24 -50.12 5.44
CA PRO C 129 -56.23 -50.31 4.39
C PRO C 129 -55.39 -51.57 4.62
N VAL C 130 -54.75 -52.02 3.55
CA VAL C 130 -53.59 -52.89 3.71
C VAL C 130 -52.42 -52.03 4.18
N MET C 131 -51.77 -52.46 5.27
CA MET C 131 -50.69 -51.69 5.89
C MET C 131 -49.35 -52.23 5.38
N VAL C 132 -48.70 -51.46 4.50
CA VAL C 132 -47.40 -51.80 3.95
C VAL C 132 -46.33 -51.02 4.69
N PHE C 133 -45.48 -51.73 5.43
CA PHE C 133 -44.32 -51.16 6.09
C PHE C 133 -43.08 -51.39 5.24
N ASP C 134 -42.29 -50.34 5.06
CA ASP C 134 -40.96 -50.50 4.51
C ASP C 134 -40.13 -51.35 5.44
N LYS C 135 -39.17 -52.08 4.86
CA LYS C 135 -38.30 -52.94 5.66
C LYS C 135 -37.43 -52.13 6.60
N ARG C 136 -37.12 -50.88 6.23
CA ARG C 136 -36.19 -50.03 6.97
C ARG C 136 -36.91 -48.93 7.74
N ALA C 137 -38.21 -49.06 7.96
CA ALA C 137 -38.92 -48.07 8.76
C ALA C 137 -38.38 -48.07 10.18
N HIS C 138 -38.33 -46.88 10.78
CA HIS C 138 -37.88 -46.79 12.16
C HIS C 138 -38.72 -47.69 13.07
N PHE C 139 -38.12 -48.09 14.19
CA PHE C 139 -38.75 -49.05 15.08
C PHE C 139 -39.94 -48.49 15.84
N CYS C 140 -40.07 -47.17 15.98
CA CYS C 140 -41.25 -46.66 16.65
C CYS C 140 -42.51 -46.95 15.86
N MET C 141 -42.35 -47.19 14.56
CA MET C 141 -43.45 -47.66 13.73
C MET C 141 -43.44 -49.18 13.56
N ALA C 142 -42.27 -49.76 13.33
CA ALA C 142 -42.19 -51.17 12.96
C ALA C 142 -42.51 -52.07 14.14
N SER C 143 -42.11 -51.68 15.36
CA SER C 143 -42.47 -52.45 16.55
C SER C 143 -43.97 -52.45 16.83
N LEU C 144 -44.77 -51.75 16.03
CA LEU C 144 -46.20 -51.72 16.24
C LEU C 144 -46.95 -52.54 15.21
N LYS C 145 -46.24 -53.21 14.30
CA LYS C 145 -46.89 -53.98 13.25
C LYS C 145 -47.98 -54.88 13.80
N SER C 146 -47.76 -55.46 14.98
CA SER C 146 -48.75 -56.37 15.53
C SER C 146 -50.01 -55.62 15.90
N LEU C 147 -49.87 -54.48 16.59
CA LEU C 147 -50.98 -53.57 16.80
C LEU C 147 -51.77 -53.33 15.54
N CYS C 148 -51.07 -53.10 14.43
CA CYS C 148 -51.78 -52.87 13.17
C CYS C 148 -52.45 -54.14 12.67
N ALA C 149 -51.85 -55.29 12.95
CA ALA C 149 -52.34 -56.57 12.43
C ALA C 149 -53.60 -57.05 13.15
N ASP C 150 -53.95 -56.46 14.29
CA ASP C 150 -55.21 -56.75 14.95
C ASP C 150 -56.36 -55.95 14.39
N GLU C 151 -56.11 -55.19 13.33
CA GLU C 151 -57.17 -54.41 12.69
C GLU C 151 -57.28 -54.67 11.20
N THR C 152 -56.21 -55.14 10.55
CA THR C 152 -56.15 -55.25 9.10
C THR C 152 -54.88 -56.02 8.77
N ARG C 153 -54.61 -56.15 7.47
CA ARG C 153 -53.46 -56.93 7.00
C ARG C 153 -52.20 -56.08 6.89
N VAL C 154 -51.08 -56.65 7.33
CA VAL C 154 -49.80 -55.97 7.35
C VAL C 154 -48.84 -56.69 6.41
N GLU C 155 -48.10 -55.93 5.60
CA GLU C 155 -47.07 -56.47 4.72
C GLU C 155 -45.81 -55.62 4.85
N THR C 156 -44.65 -56.27 4.70
CA THR C 156 -43.36 -55.60 4.73
C THR C 156 -42.70 -55.84 3.38
N ILE C 157 -42.55 -54.78 2.58
CA ILE C 157 -41.83 -54.88 1.31
C ILE C 157 -40.36 -54.57 1.57
N ARG C 158 -39.50 -55.00 0.64
CA ARG C 158 -38.09 -54.65 0.76
C ARG C 158 -37.91 -53.15 0.51
N HIS C 159 -36.76 -52.64 0.94
CA HIS C 159 -36.55 -51.20 0.96
C HIS C 159 -36.82 -50.56 -0.40
N ASN C 160 -37.64 -49.52 -0.39
CA ASN C 160 -37.95 -48.71 -1.57
C ASN C 160 -38.45 -49.53 -2.74
N ASP C 161 -39.15 -50.63 -2.47
CA ASP C 161 -39.64 -51.53 -3.52
C ASP C 161 -40.96 -50.99 -4.07
N VAL C 162 -40.85 -49.95 -4.89
CA VAL C 162 -42.03 -49.32 -5.47
C VAL C 162 -42.84 -50.33 -6.28
N ASP C 163 -42.17 -51.25 -6.98
CA ASP C 163 -42.88 -52.21 -7.82
C ASP C 163 -43.74 -53.13 -6.98
N ALA C 164 -43.14 -53.76 -5.96
CA ALA C 164 -43.92 -54.60 -5.05
C ALA C 164 -45.05 -53.82 -4.38
N LEU C 165 -44.84 -52.53 -4.10
CA LEU C 165 -45.89 -51.72 -3.50
C LEU C 165 -47.04 -51.52 -4.48
N ALA C 166 -46.71 -51.18 -5.74
CA ALA C 166 -47.74 -50.98 -6.75
C ALA C 166 -48.53 -52.26 -7.02
N ASP C 167 -47.88 -53.43 -6.92
CA ASP C 167 -48.61 -54.68 -7.03
C ASP C 167 -49.68 -54.80 -5.95
N ILE C 168 -49.34 -54.42 -4.72
CA ILE C 168 -50.33 -54.47 -3.64
C ILE C 168 -51.44 -53.46 -3.89
N CYS C 169 -51.12 -52.28 -4.44
CA CYS C 169 -52.15 -51.30 -4.77
C CYS C 169 -53.09 -51.80 -5.85
N ARG C 170 -52.62 -52.70 -6.72
CA ARG C 170 -53.46 -53.23 -7.79
C ARG C 170 -54.38 -54.32 -7.30
N LYS C 171 -53.96 -55.08 -6.30
CA LYS C 171 -54.74 -56.20 -5.82
C LYS C 171 -55.59 -55.88 -4.59
N ASN C 172 -55.67 -54.60 -4.19
CA ASN C 172 -56.42 -54.26 -2.99
C ASN C 172 -57.05 -52.89 -3.15
N LYS C 173 -58.09 -52.65 -2.35
CA LYS C 173 -58.90 -51.43 -2.47
C LYS C 173 -58.21 -50.21 -1.85
N ARG C 174 -57.79 -50.31 -0.59
CA ARG C 174 -57.06 -49.24 0.08
C ARG C 174 -55.74 -49.78 0.61
N VAL C 175 -54.65 -49.08 0.30
CA VAL C 175 -53.33 -49.44 0.78
C VAL C 175 -52.70 -48.23 1.45
N ALA C 176 -51.91 -48.50 2.47
CA ALA C 176 -51.15 -47.47 3.16
C ALA C 176 -49.69 -47.90 3.17
N TYR C 177 -48.78 -46.96 2.91
CA TYR C 177 -47.35 -47.21 2.96
C TYR C 177 -46.74 -46.40 4.10
N VAL C 178 -46.08 -47.11 5.02
CA VAL C 178 -45.44 -46.54 6.20
C VAL C 178 -43.94 -46.54 5.98
N CYS C 179 -43.31 -45.36 6.01
CA CYS C 179 -41.87 -45.34 5.76
C CYS C 179 -41.26 -44.08 6.36
N ASP C 180 -39.93 -44.01 6.29
CA ASP C 180 -39.19 -42.80 6.61
C ASP C 180 -39.04 -41.95 5.37
N SER C 181 -39.00 -40.63 5.58
CA SER C 181 -38.67 -39.72 4.47
C SER C 181 -37.19 -39.78 4.18
N VAL C 182 -36.39 -39.70 5.24
CA VAL C 182 -34.94 -39.75 5.20
C VAL C 182 -34.51 -40.90 6.09
N TYR C 183 -33.73 -41.82 5.53
CA TYR C 183 -33.22 -42.96 6.27
C TYR C 183 -31.81 -42.66 6.76
N SER C 184 -31.57 -42.88 8.05
CA SER C 184 -30.29 -42.57 8.67
C SER C 184 -29.21 -43.51 8.14
N THR C 185 -29.32 -44.81 8.44
CA THR C 185 -28.39 -45.78 7.85
C THR C 185 -28.78 -46.04 6.40
N GLY C 186 -27.79 -46.06 5.52
CA GLY C 186 -28.02 -46.33 4.11
C GLY C 186 -28.03 -45.11 3.22
N GLY C 187 -28.13 -43.91 3.79
CA GLY C 187 -28.17 -42.70 2.98
C GLY C 187 -29.31 -42.71 1.99
N THR C 188 -30.38 -43.42 2.32
CA THR C 188 -31.46 -43.64 1.37
C THR C 188 -32.62 -42.67 1.66
N LEU C 189 -33.33 -42.31 0.58
CA LEU C 189 -34.44 -41.37 0.61
C LEU C 189 -35.65 -42.05 0.01
N ALA C 190 -36.82 -41.57 0.38
CA ALA C 190 -38.09 -42.17 -0.01
C ALA C 190 -38.42 -41.83 -1.46
N PRO C 191 -38.85 -42.81 -2.26
CA PRO C 191 -39.10 -42.58 -3.69
C PRO C 191 -40.30 -41.66 -3.91
N LEU C 192 -40.17 -40.36 -3.61
CA LEU C 192 -41.34 -39.50 -3.55
C LEU C 192 -42.09 -39.46 -4.88
N GLU C 193 -41.37 -39.27 -5.99
CA GLU C 193 -42.03 -39.17 -7.29
C GLU C 193 -42.85 -40.41 -7.61
N GLU C 194 -42.28 -41.59 -7.39
CA GLU C 194 -43.03 -42.83 -7.61
C GLU C 194 -44.15 -42.98 -6.59
N LEU C 195 -43.88 -42.64 -5.33
CA LEU C 195 -44.88 -42.79 -4.28
C LEU C 195 -46.03 -41.84 -4.48
N PHE C 196 -45.73 -40.62 -4.93
CA PHE C 196 -46.78 -39.64 -5.18
C PHE C 196 -47.64 -40.05 -6.37
N ALA C 197 -47.02 -40.61 -7.42
CA ALA C 197 -47.77 -41.06 -8.59
C ALA C 197 -48.69 -42.21 -8.21
N LEU C 198 -48.19 -43.18 -7.44
CA LEU C 198 -49.06 -44.23 -6.92
C LEU C 198 -50.20 -43.65 -6.09
N GLN C 199 -49.97 -42.50 -5.45
CA GLN C 199 -51.04 -41.88 -4.69
C GLN C 199 -52.07 -41.24 -5.61
N LYS C 200 -51.64 -40.57 -6.68
CA LYS C 200 -52.61 -40.03 -7.62
C LYS C 200 -53.41 -41.14 -8.27
N GLU C 201 -52.75 -42.25 -8.63
CA GLU C 201 -53.40 -43.34 -9.35
C GLU C 201 -54.37 -44.13 -8.48
N PHE C 202 -53.87 -44.82 -7.46
CA PHE C 202 -54.68 -45.71 -6.64
C PHE C 202 -55.21 -45.08 -5.36
N GLY C 203 -54.75 -43.88 -4.99
CA GLY C 203 -55.15 -43.30 -3.73
C GLY C 203 -54.40 -43.86 -2.54
N LEU C 204 -53.17 -44.31 -2.74
CA LEU C 204 -52.35 -44.83 -1.65
C LEU C 204 -52.19 -43.80 -0.55
N PHE C 205 -52.36 -44.25 0.70
CA PHE C 205 -52.12 -43.38 1.85
C PHE C 205 -50.64 -43.45 2.22
N LEU C 206 -50.03 -42.27 2.44
CA LEU C 206 -48.61 -42.15 2.67
C LEU C 206 -48.37 -41.67 4.10
N TYR C 207 -47.58 -42.42 4.85
CA TYR C 207 -47.28 -42.17 6.25
C TYR C 207 -45.77 -42.07 6.38
N PHE C 208 -45.25 -40.85 6.58
CA PHE C 208 -43.82 -40.56 6.63
C PHE C 208 -43.35 -40.19 8.04
N ASP C 209 -42.26 -40.82 8.47
CA ASP C 209 -41.47 -40.37 9.62
C ASP C 209 -40.43 -39.38 9.09
N GLU C 210 -40.58 -38.11 9.46
CA GLU C 210 -39.81 -36.99 8.89
C GLU C 210 -38.62 -36.54 9.77
N ALA C 211 -38.25 -37.29 10.82
CA ALA C 211 -37.11 -36.96 11.65
C ALA C 211 -35.84 -37.14 10.84
N HIS C 212 -34.83 -36.32 11.09
CA HIS C 212 -33.68 -36.12 10.20
C HIS C 212 -34.03 -35.42 8.90
N SER C 213 -35.30 -35.18 8.64
CA SER C 213 -35.76 -34.40 7.49
C SER C 213 -36.32 -33.07 7.91
N THR C 214 -37.03 -33.04 9.05
CA THR C 214 -37.86 -31.90 9.39
C THR C 214 -37.11 -30.61 9.27
N SER C 215 -35.89 -30.53 9.73
CA SER C 215 -35.38 -29.17 9.71
C SER C 215 -34.20 -28.97 8.76
N VAL C 216 -33.65 -30.07 8.26
CA VAL C 216 -32.47 -30.08 7.41
C VAL C 216 -32.82 -29.78 5.95
N ILE C 217 -34.07 -30.09 5.56
CA ILE C 217 -34.53 -30.08 4.18
C ILE C 217 -35.69 -29.10 4.03
N GLY C 218 -35.76 -28.46 2.87
CA GLY C 218 -36.92 -27.71 2.46
C GLY C 218 -36.87 -26.25 2.86
N ASP C 219 -37.58 -25.43 2.09
CA ASP C 219 -37.80 -24.05 2.47
C ASP C 219 -38.57 -24.00 3.79
N MET C 220 -38.18 -23.06 4.66
CA MET C 220 -38.60 -22.96 6.07
C MET C 220 -38.43 -24.28 6.83
N GLY C 221 -37.59 -25.16 6.29
CA GLY C 221 -37.38 -26.46 6.87
C GLY C 221 -38.66 -27.25 6.98
N ARG C 222 -39.55 -27.17 6.01
CA ARG C 222 -40.78 -27.95 6.14
C ARG C 222 -40.54 -29.43 5.91
N GLY C 223 -39.35 -29.80 5.45
CA GLY C 223 -39.00 -31.20 5.28
C GLY C 223 -39.06 -31.62 3.82
N TYR C 224 -38.63 -32.87 3.62
CA TYR C 224 -38.46 -33.44 2.28
C TYR C 224 -39.81 -33.66 1.59
N VAL C 225 -40.78 -34.25 2.30
CA VAL C 225 -42.08 -34.54 1.68
C VAL C 225 -42.79 -33.24 1.31
N LEU C 226 -42.90 -32.31 2.26
CA LEU C 226 -43.70 -31.12 2.00
C LEU C 226 -43.04 -30.16 1.03
N ASP C 227 -41.72 -30.29 0.84
CA ASP C 227 -41.04 -29.44 -0.14
C ASP C 227 -41.37 -29.89 -1.55
N ARG C 228 -41.33 -31.20 -1.81
CA ARG C 228 -41.70 -31.72 -3.13
C ARG C 228 -43.18 -31.57 -3.44
N MET C 229 -44.00 -31.50 -2.42
CA MET C 229 -45.44 -31.61 -2.59
C MET C 229 -46.16 -30.27 -2.45
N GLY C 230 -45.48 -29.26 -1.91
CA GLY C 230 -46.11 -27.97 -1.67
C GLY C 230 -47.07 -27.98 -0.49
N ALA C 231 -48.33 -28.27 -0.76
CA ALA C 231 -49.38 -28.37 0.24
C ALA C 231 -49.69 -29.82 0.49
N ILE C 232 -50.00 -30.15 1.72
CA ILE C 232 -50.30 -31.54 2.06
C ILE C 232 -51.72 -31.86 1.60
N ASN C 233 -51.95 -33.12 1.25
CA ASN C 233 -53.28 -33.55 0.83
C ASN C 233 -53.94 -34.39 1.91
N ASP C 234 -55.16 -34.84 1.63
CA ASP C 234 -55.95 -35.63 2.56
C ASP C 234 -55.45 -37.06 2.71
N SER C 235 -54.40 -37.47 2.00
CA SER C 235 -53.93 -38.85 2.08
C SER C 235 -52.47 -38.94 2.51
N THR C 236 -51.91 -37.85 3.03
CA THR C 236 -50.54 -37.86 3.52
C THR C 236 -50.51 -37.43 4.99
N MET C 237 -49.85 -38.23 5.80
CA MET C 237 -49.66 -37.96 7.22
C MET C 237 -48.17 -37.95 7.52
N LEU C 238 -47.75 -37.11 8.45
CA LEU C 238 -46.36 -37.10 8.90
C LEU C 238 -46.28 -37.15 10.42
N ILE C 239 -45.32 -37.91 10.91
CA ILE C 239 -44.85 -37.79 12.28
C ILE C 239 -43.41 -37.32 12.22
N THR C 240 -43.01 -36.55 13.24
CA THR C 240 -41.62 -36.12 13.29
C THR C 240 -41.23 -35.91 14.74
N SER C 241 -39.93 -35.83 14.97
CA SER C 241 -39.35 -35.50 16.27
C SER C 241 -38.88 -34.07 16.23
N LEU C 242 -39.14 -33.32 17.29
CA LEU C 242 -38.82 -31.90 17.34
C LEU C 242 -37.54 -31.60 18.13
N ASN C 243 -36.76 -32.60 18.50
CA ASN C 243 -35.51 -32.34 19.21
C ASN C 243 -34.27 -32.74 18.42
N LYS C 244 -34.38 -32.77 17.09
CA LYS C 244 -33.26 -33.12 16.22
C LYS C 244 -33.10 -32.06 15.15
N GLY C 245 -32.73 -30.85 15.54
CA GLY C 245 -32.60 -29.94 14.43
C GLY C 245 -33.71 -28.91 14.36
N PHE C 246 -34.91 -29.26 14.85
CA PHE C 246 -35.88 -28.21 15.18
C PHE C 246 -35.43 -27.48 16.44
N GLY C 247 -34.56 -28.09 17.24
CA GLY C 247 -34.06 -27.42 18.42
C GLY C 247 -35.04 -27.22 19.55
N ALA C 248 -36.00 -28.14 19.74
CA ALA C 248 -36.93 -28.08 20.87
C ALA C 248 -37.07 -29.43 21.55
N SER C 249 -38.26 -29.75 22.04
CA SER C 249 -38.51 -31.05 22.64
C SER C 249 -39.76 -31.64 22.02
N GLY C 250 -39.93 -32.94 22.21
CA GLY C 250 -41.17 -33.60 21.84
C GLY C 250 -41.24 -33.99 20.37
N GLY C 251 -42.46 -34.35 19.96
CA GLY C 251 -42.74 -34.73 18.58
C GLY C 251 -44.06 -34.14 18.13
N ALA C 252 -44.46 -34.52 16.92
CA ALA C 252 -45.68 -33.96 16.36
C ALA C 252 -46.30 -34.93 15.37
N ILE C 253 -47.62 -34.84 15.21
CA ILE C 253 -48.34 -35.41 14.08
C ILE C 253 -48.65 -34.27 13.14
N VAL C 254 -48.38 -34.46 11.85
CA VAL C 254 -48.85 -33.56 10.81
C VAL C 254 -50.04 -34.27 10.15
N PHE C 255 -51.26 -33.86 10.54
CA PHE C 255 -52.46 -34.62 10.21
C PHE C 255 -52.77 -34.57 8.72
N GLY C 256 -52.63 -33.39 8.11
CA GLY C 256 -53.15 -33.14 6.80
C GLY C 256 -53.48 -31.67 6.66
N PRO C 257 -54.39 -31.35 5.74
CA PRO C 257 -54.66 -29.94 5.43
C PRO C 257 -55.14 -29.14 6.63
N ARG C 258 -54.68 -27.88 6.69
CA ARG C 258 -54.92 -27.00 7.83
C ARG C 258 -56.42 -26.85 8.16
N ASP C 259 -57.29 -26.93 7.17
CA ASP C 259 -58.69 -26.58 7.37
C ASP C 259 -59.60 -27.79 7.62
N ASP C 260 -59.02 -28.98 7.85
CA ASP C 260 -59.79 -30.21 8.00
C ASP C 260 -59.52 -30.81 9.37
N ASP C 261 -60.48 -30.66 10.29
CA ASP C 261 -60.28 -31.14 11.65
C ASP C 261 -60.60 -32.61 11.82
N ARG C 262 -60.93 -33.33 10.75
CA ARG C 262 -61.47 -34.67 10.92
C ARG C 262 -60.43 -35.64 11.48
N LYS C 263 -59.21 -35.63 10.91
CA LYS C 263 -58.22 -36.59 11.37
C LYS C 263 -57.76 -36.28 12.78
N ARG C 264 -57.61 -35.00 13.13
CA ARG C 264 -57.26 -34.67 14.50
C ARG C 264 -58.33 -35.14 15.48
N LYS C 265 -59.60 -34.89 15.17
CA LYS C 265 -60.67 -35.35 16.06
C LYS C 265 -60.67 -36.87 16.18
N ILE C 266 -60.56 -37.56 15.05
CA ILE C 266 -60.56 -39.02 15.05
C ILE C 266 -59.46 -39.56 15.95
N ILE C 267 -58.25 -39.02 15.83
CA ILE C 267 -57.12 -39.50 16.63
C ILE C 267 -57.23 -39.00 18.08
N GLN C 268 -57.71 -37.78 18.29
CA GLN C 268 -57.92 -37.32 19.67
C GLN C 268 -58.99 -38.15 20.37
N ARG C 269 -60.06 -38.52 19.67
CA ARG C 269 -61.15 -39.28 20.28
C ARG C 269 -60.90 -40.78 20.22
N SER C 270 -59.67 -41.18 19.89
CA SER C 270 -59.29 -42.58 19.92
C SER C 270 -58.52 -42.90 21.19
N SER C 271 -58.48 -44.17 21.54
CA SER C 271 -57.76 -44.59 22.72
C SER C 271 -56.28 -44.69 22.37
N GLY C 272 -55.51 -43.67 22.73
CA GLY C 272 -54.11 -43.64 22.41
C GLY C 272 -53.35 -42.61 23.21
N PRO C 273 -52.04 -42.52 22.96
CA PRO C 273 -51.21 -41.57 23.72
C PRO C 273 -51.61 -40.11 23.55
N LEU C 274 -52.16 -39.71 22.41
CA LEU C 274 -52.61 -38.33 22.28
C LEU C 274 -53.70 -38.02 23.29
N MET C 275 -54.47 -39.02 23.70
CA MET C 275 -55.51 -38.89 24.70
C MET C 275 -54.99 -39.05 26.11
N TRP C 276 -54.23 -40.12 26.39
CA TRP C 276 -53.89 -40.48 27.77
C TRP C 276 -52.44 -40.20 28.17
N SER C 277 -51.61 -39.69 27.28
CA SER C 277 -50.21 -39.49 27.62
C SER C 277 -49.93 -38.00 27.77
N GLN C 278 -49.17 -37.65 28.81
CA GLN C 278 -48.94 -36.25 29.15
C GLN C 278 -48.45 -35.43 27.95
N ARG C 279 -48.93 -34.20 27.91
CA ARG C 279 -48.56 -33.20 26.92
C ARG C 279 -47.19 -32.62 27.25
N LEU C 280 -46.62 -31.87 26.29
CA LEU C 280 -45.30 -31.30 26.49
C LEU C 280 -45.33 -30.30 27.64
N ASN C 281 -44.18 -30.15 28.30
CA ASN C 281 -44.14 -29.12 29.32
C ASN C 281 -43.92 -27.75 28.69
N THR C 282 -44.25 -26.72 29.45
CA THR C 282 -44.27 -25.36 28.92
C THR C 282 -42.91 -24.86 28.42
N PRO C 283 -41.76 -25.24 28.99
CA PRO C 283 -40.50 -24.77 28.39
C PRO C 283 -40.29 -25.33 27.00
N ALA C 284 -40.74 -26.58 26.77
CA ALA C 284 -40.65 -27.16 25.43
C ALA C 284 -41.55 -26.42 24.45
N LEU C 285 -42.78 -26.10 24.87
CA LEU C 285 -43.71 -25.39 24.00
C LEU C 285 -43.22 -23.98 23.70
N GLY C 286 -42.64 -23.31 24.70
CA GLY C 286 -42.00 -22.04 24.42
C GLY C 286 -40.88 -22.16 23.41
N ALA C 287 -40.11 -23.24 23.51
CA ALA C 287 -39.02 -23.46 22.57
C ALA C 287 -39.54 -23.76 21.17
N ILE C 288 -40.65 -24.50 21.06
CA ILE C 288 -41.25 -24.77 19.76
C ILE C 288 -41.69 -23.48 19.09
N ILE C 289 -42.32 -22.58 19.87
CA ILE C 289 -42.85 -21.35 19.30
C ILE C 289 -41.73 -20.48 18.76
N GLU C 290 -40.71 -20.22 19.59
CA GLU C 290 -39.56 -19.47 19.11
C GLU C 290 -38.92 -20.13 17.89
N SER C 291 -38.73 -21.45 17.93
CA SER C 291 -38.12 -22.12 16.80
C SER C 291 -38.97 -22.04 15.53
N ALA C 292 -40.30 -22.09 15.67
CA ALA C 292 -41.17 -21.90 14.50
C ALA C 292 -41.00 -20.53 13.88
N LYS C 293 -40.82 -19.50 14.72
CA LYS C 293 -40.51 -18.16 14.21
C LYS C 293 -39.16 -18.15 13.48
N LEU C 294 -38.14 -18.73 14.11
CA LEU C 294 -36.85 -18.88 13.48
C LEU C 294 -36.96 -19.57 12.13
N HIS C 295 -37.66 -20.72 12.07
CA HIS C 295 -37.79 -21.45 10.82
C HIS C 295 -38.47 -20.63 9.72
N ARG C 296 -39.22 -19.60 10.07
CA ARG C 296 -39.79 -18.77 9.02
C ARG C 296 -38.96 -17.53 8.74
N SER C 297 -37.89 -17.33 9.51
CA SER C 297 -37.06 -16.15 9.29
C SER C 297 -36.00 -16.45 8.23
N GLU C 298 -35.19 -15.43 7.93
CA GLU C 298 -34.03 -15.65 7.07
C GLU C 298 -32.94 -16.46 7.75
N ALA C 299 -33.05 -16.72 9.06
CA ALA C 299 -32.02 -17.47 9.75
C ALA C 299 -31.98 -18.92 9.29
N LEU C 300 -33.15 -19.52 9.05
CA LEU C 300 -33.18 -20.94 8.70
C LEU C 300 -32.51 -21.25 7.36
N PRO C 301 -32.76 -20.52 6.27
CA PRO C 301 -31.99 -20.76 5.04
C PRO C 301 -30.50 -20.51 5.21
N GLU C 302 -30.10 -19.52 6.01
CA GLU C 302 -28.67 -19.32 6.27
C GLU C 302 -28.09 -20.51 7.03
N LEU C 303 -28.82 -21.06 8.01
CA LEU C 303 -28.32 -22.23 8.73
C LEU C 303 -28.25 -23.44 7.83
N GLN C 304 -29.13 -23.53 6.84
CA GLN C 304 -29.05 -24.65 5.93
C GLN C 304 -27.86 -24.47 5.00
N ALA C 305 -27.58 -23.22 4.62
CA ALA C 305 -26.43 -22.97 3.78
C ALA C 305 -25.16 -23.38 4.50
N LYS C 306 -25.05 -23.02 5.79
CA LYS C 306 -23.87 -23.39 6.56
C LYS C 306 -23.74 -24.89 6.69
N LEU C 307 -24.87 -25.59 6.84
CA LEU C 307 -24.82 -27.03 6.99
C LEU C 307 -24.34 -27.71 5.71
N HIS C 308 -24.89 -27.30 4.56
CA HIS C 308 -24.43 -27.85 3.29
C HIS C 308 -22.95 -27.59 3.09
N SER C 309 -22.52 -26.36 3.40
CA SER C 309 -21.11 -26.00 3.38
C SER C 309 -20.26 -26.94 4.23
N ASN C 310 -20.73 -27.29 5.43
CA ASN C 310 -19.93 -28.13 6.32
C ASN C 310 -19.91 -29.58 5.87
N ILE C 311 -20.97 -30.04 5.18
CA ILE C 311 -20.97 -31.39 4.66
C ILE C 311 -19.99 -31.52 3.49
N ALA C 312 -20.03 -30.54 2.58
CA ALA C 312 -19.09 -30.50 1.47
C ALA C 312 -17.65 -30.50 1.98
N LEU C 313 -17.37 -29.70 3.02
CA LEU C 313 -16.04 -29.72 3.60
C LEU C 313 -15.71 -31.10 4.16
N PHE C 314 -16.65 -31.72 4.85
CA PHE C 314 -16.36 -33.00 5.50
C PHE C 314 -16.05 -34.07 4.47
N ASP C 315 -16.88 -34.17 3.42
CA ASP C 315 -16.74 -35.23 2.42
C ASP C 315 -15.42 -35.11 1.65
N GLY C 316 -14.94 -33.90 1.42
CA GLY C 316 -13.68 -33.73 0.74
C GLY C 316 -12.46 -34.02 1.58
N LEU C 317 -12.62 -34.17 2.90
CA LEU C 317 -11.51 -34.37 3.81
C LEU C 317 -11.53 -35.74 4.50
N VAL C 318 -12.67 -36.39 4.57
CA VAL C 318 -12.81 -37.68 5.25
C VAL C 318 -13.64 -38.59 4.37
N ARG C 319 -13.12 -39.76 4.07
CA ARG C 319 -13.87 -40.76 3.31
C ARG C 319 -14.70 -41.59 4.27
N ALA C 320 -16.02 -41.55 4.12
CA ALA C 320 -16.90 -42.24 5.04
C ALA C 320 -18.11 -42.71 4.27
N ALA C 321 -18.75 -43.76 4.79
CA ALA C 321 -20.04 -44.15 4.24
C ALA C 321 -21.01 -42.99 4.36
N GLY C 322 -21.77 -42.75 3.29
CA GLY C 322 -22.63 -41.58 3.18
C GLY C 322 -22.07 -40.50 2.29
N GLN C 323 -20.80 -40.59 1.90
CA GLN C 323 -20.14 -39.50 1.18
C GLN C 323 -20.95 -39.07 -0.04
N GLY C 324 -21.19 -37.76 -0.15
CA GLY C 324 -22.02 -37.21 -1.21
C GLY C 324 -23.49 -37.08 -0.88
N ASN C 325 -23.98 -37.71 0.20
CA ASN C 325 -25.38 -37.62 0.58
C ASN C 325 -25.79 -36.16 0.82
N SER C 326 -27.10 -35.96 0.89
CA SER C 326 -27.65 -34.71 1.40
C SER C 326 -27.97 -34.80 2.89
N VAL C 327 -28.17 -36.01 3.39
CA VAL C 327 -28.31 -36.29 4.82
C VAL C 327 -26.97 -36.07 5.52
N PRO C 328 -26.92 -35.37 6.65
CA PRO C 328 -25.65 -35.10 7.34
C PRO C 328 -25.28 -36.16 8.37
N ILE C 329 -25.40 -37.44 7.98
CA ILE C 329 -24.96 -38.56 8.83
C ILE C 329 -23.87 -39.31 8.06
N ARG C 330 -22.78 -39.61 8.74
CA ARG C 330 -21.66 -40.29 8.09
C ARG C 330 -21.17 -41.43 8.97
N TYR C 331 -20.75 -42.52 8.32
CA TYR C 331 -20.31 -43.71 9.02
C TYR C 331 -18.86 -43.98 8.67
N LEU C 332 -17.98 -43.87 9.67
CA LEU C 332 -16.57 -44.24 9.58
C LEU C 332 -16.45 -45.69 9.99
N GLU C 333 -16.34 -46.59 9.01
CA GLU C 333 -16.37 -48.04 9.28
C GLU C 333 -14.98 -48.46 9.77
N LEU C 334 -14.73 -48.23 11.07
CA LEU C 334 -13.49 -48.71 11.68
C LEU C 334 -13.36 -50.21 11.56
N GLY C 335 -14.49 -50.92 11.43
CA GLY C 335 -14.46 -52.37 11.32
C GLY C 335 -14.55 -53.07 12.66
N SER C 336 -13.40 -53.35 13.28
CA SER C 336 -13.38 -54.07 14.55
C SER C 336 -14.08 -53.25 15.63
N GLU C 337 -14.81 -53.94 16.51
CA GLU C 337 -15.51 -53.25 17.57
C GLU C 337 -14.53 -52.50 18.48
N VAL C 338 -13.44 -53.17 18.88
CA VAL C 338 -12.49 -52.55 19.80
C VAL C 338 -11.73 -51.41 19.13
N ASP C 339 -11.39 -51.60 17.85
CA ASP C 339 -10.77 -50.54 17.07
C ASP C 339 -11.70 -49.34 17.00
N THR C 340 -13.00 -49.60 16.75
CA THR C 340 -14.02 -48.56 16.85
C THR C 340 -13.93 -47.83 18.17
N LEU C 341 -13.84 -48.58 19.27
CA LEU C 341 -13.85 -47.97 20.59
C LEU C 341 -12.57 -47.19 20.84
N GLU C 342 -11.42 -47.82 20.59
CA GLU C 342 -10.13 -47.18 20.83
C GLU C 342 -9.98 -45.93 19.98
N ALA C 343 -10.47 -45.98 18.74
CA ALA C 343 -10.51 -44.79 17.90
C ALA C 343 -11.22 -43.65 18.62
N SER C 344 -12.43 -43.92 19.14
CA SER C 344 -13.17 -42.89 19.87
C SER C 344 -12.42 -42.39 21.09
N ALA C 345 -11.82 -43.30 21.86
CA ALA C 345 -10.96 -42.88 22.97
C ALA C 345 -9.86 -41.94 22.47
N TYR C 346 -9.16 -42.34 21.41
CA TYR C 346 -8.08 -41.50 20.85
C TYR C 346 -8.62 -40.14 20.41
N LEU C 347 -9.69 -40.15 19.61
CA LEU C 347 -10.26 -38.91 19.10
C LEU C 347 -10.70 -38.00 20.23
N PHE C 348 -11.19 -38.58 21.33
CA PHE C 348 -11.62 -37.72 22.43
C PHE C 348 -10.43 -37.03 23.08
N ASP C 349 -9.37 -37.80 23.38
CA ASP C 349 -8.21 -37.20 24.02
C ASP C 349 -7.59 -36.11 23.17
N ASN C 350 -7.83 -36.17 21.86
CA ASN C 350 -7.34 -35.17 20.90
C ASN C 350 -8.39 -34.13 20.57
N GLY C 351 -9.59 -34.29 21.12
CA GLY C 351 -10.56 -33.22 21.17
C GLY C 351 -11.82 -33.39 20.35
N PHE C 352 -12.23 -34.63 20.06
CA PHE C 352 -13.35 -34.83 19.16
C PHE C 352 -14.12 -36.07 19.60
N TYR C 353 -15.32 -35.87 20.13
CA TYR C 353 -16.18 -37.01 20.44
C TYR C 353 -16.87 -37.50 19.18
N VAL C 354 -16.80 -38.81 18.94
CA VAL C 354 -17.48 -39.42 17.80
C VAL C 354 -18.06 -40.73 18.32
N GLU C 355 -19.39 -40.86 18.28
CA GLU C 355 -20.06 -41.96 18.97
C GLU C 355 -19.82 -43.27 18.24
N PRO C 356 -19.46 -44.35 18.94
CA PRO C 356 -19.26 -45.64 18.29
C PRO C 356 -20.49 -46.53 18.26
N ASP C 357 -20.71 -47.17 17.12
CA ASP C 357 -21.72 -48.21 16.98
C ASP C 357 -21.05 -49.57 16.94
N PHE C 358 -21.78 -50.59 17.40
CA PHE C 358 -21.24 -51.94 17.47
C PHE C 358 -22.41 -52.91 17.55
N PHE C 359 -22.08 -54.20 17.63
CA PHE C 359 -23.10 -55.23 17.81
C PHE C 359 -23.65 -55.15 19.24
N PRO C 360 -24.98 -55.25 19.43
CA PRO C 360 -26.08 -55.59 18.51
C PRO C 360 -26.64 -54.45 17.66
N ILE C 361 -26.27 -53.20 17.98
CA ILE C 361 -26.79 -52.06 17.24
C ILE C 361 -26.57 -52.23 15.74
N VAL C 362 -25.32 -52.52 15.36
CA VAL C 362 -24.99 -52.84 13.98
C VAL C 362 -24.50 -54.28 13.94
N SER C 363 -24.36 -54.81 12.73
CA SER C 363 -23.87 -56.17 12.56
C SER C 363 -22.43 -56.29 13.05
N ARG C 364 -22.00 -57.54 13.28
CA ARG C 364 -20.60 -57.77 13.60
C ARG C 364 -19.73 -57.50 12.38
N GLY C 365 -18.49 -57.05 12.64
CA GLY C 365 -17.57 -56.71 11.57
C GLY C 365 -17.98 -55.45 10.85
N ALA C 366 -18.95 -54.73 11.45
CA ALA C 366 -19.49 -53.50 10.91
C ALA C 366 -19.55 -52.42 12.00
N ALA C 367 -18.74 -52.55 13.05
CA ALA C 367 -18.66 -51.52 14.07
C ALA C 367 -17.92 -50.30 13.55
N GLY C 368 -18.43 -49.11 13.88
CA GLY C 368 -17.82 -47.90 13.39
C GLY C 368 -18.24 -46.68 14.19
N LEU C 369 -17.73 -45.53 13.77
CA LEU C 369 -18.05 -44.25 14.39
C LEU C 369 -19.12 -43.53 13.58
N ARG C 370 -20.19 -43.11 14.26
CA ARG C 370 -21.34 -42.47 13.61
C ARG C 370 -21.19 -40.97 13.81
N ALA C 371 -20.84 -40.26 12.75
CA ALA C 371 -20.69 -38.82 12.79
C ALA C 371 -21.91 -38.14 12.19
N ARG C 372 -22.19 -36.94 12.67
CA ARG C 372 -23.28 -36.12 12.16
C ARG C 372 -22.79 -34.69 12.00
N ILE C 373 -23.04 -34.11 10.82
CA ILE C 373 -22.63 -32.75 10.50
C ILE C 373 -23.71 -31.79 10.96
N ARG C 374 -23.30 -30.62 11.44
CA ARG C 374 -24.26 -29.61 11.83
C ARG C 374 -23.73 -28.23 11.45
N SER C 375 -24.67 -27.27 11.33
CA SER C 375 -24.33 -25.90 10.93
C SER C 375 -23.42 -25.21 11.93
N SER C 376 -23.47 -25.63 13.19
CA SER C 376 -22.72 -24.96 14.23
C SER C 376 -21.26 -25.41 14.28
N MET C 377 -20.88 -26.37 13.44
CA MET C 377 -19.47 -26.68 13.26
C MET C 377 -18.78 -25.57 12.48
N SER C 378 -17.63 -25.13 12.96
CA SER C 378 -16.78 -24.23 12.20
C SER C 378 -15.93 -25.01 11.20
N THR C 379 -15.54 -24.32 10.13
CA THR C 379 -14.51 -24.83 9.23
C THR C 379 -13.28 -25.31 10.02
N ALA C 380 -12.90 -24.56 11.06
CA ALA C 380 -11.72 -24.95 11.83
C ALA C 380 -11.93 -26.24 12.59
N ASP C 381 -13.15 -26.55 13.04
CA ASP C 381 -13.38 -27.84 13.69
C ASP C 381 -13.21 -29.00 12.70
N ILE C 382 -13.87 -28.92 11.55
CA ILE C 382 -13.92 -30.05 10.62
C ILE C 382 -12.54 -30.30 10.01
N GLU C 383 -11.84 -29.24 9.63
CA GLU C 383 -10.47 -29.41 9.15
C GLU C 383 -9.62 -30.08 10.22
N GLN C 384 -9.71 -29.60 11.45
CA GLN C 384 -8.87 -30.15 12.52
C GLN C 384 -9.29 -31.57 12.89
N PHE C 385 -10.58 -31.91 12.76
CA PHE C 385 -10.98 -33.29 12.96
C PHE C 385 -10.42 -34.20 11.86
N ALA C 386 -10.41 -33.71 10.61
CA ALA C 386 -9.87 -34.53 9.53
C ALA C 386 -8.39 -34.80 9.75
N HIS C 387 -7.67 -33.82 10.30
CA HIS C 387 -6.26 -34.00 10.63
C HIS C 387 -6.07 -35.08 11.70
N VAL C 388 -6.77 -34.94 12.83
CA VAL C 388 -6.65 -35.93 13.92
C VAL C 388 -7.05 -37.32 13.47
N TRP C 389 -8.01 -37.43 12.55
CA TRP C 389 -8.42 -38.75 12.05
C TRP C 389 -7.44 -39.30 11.02
N HIS C 390 -6.78 -38.44 10.26
CA HIS C 390 -5.74 -38.92 9.36
C HIS C 390 -4.58 -39.52 10.15
N LYS C 391 -4.15 -38.85 11.22
CA LYS C 391 -3.05 -39.35 12.03
C LYS C 391 -3.34 -40.72 12.64
N LEU C 392 -4.61 -41.07 12.78
CA LEU C 392 -4.94 -42.39 13.33
C LEU C 392 -4.58 -43.53 12.39
N GLY C 393 -4.37 -43.24 11.11
CA GLY C 393 -3.82 -44.22 10.18
C GLY C 393 -2.35 -44.53 10.42
N VAL C 394 -1.70 -43.84 11.35
CA VAL C 394 -0.31 -44.13 11.72
C VAL C 394 -0.26 -44.96 12.99
N LEU D 4 -18.93 -0.99 10.91
CA LEU D 4 -19.01 0.19 10.06
C LEU D 4 -19.26 1.47 10.89
N ARG D 5 -20.17 1.37 11.88
CA ARG D 5 -20.43 2.50 12.78
C ARG D 5 -19.24 2.76 13.68
N HIS D 6 -18.49 1.69 14.00
CA HIS D 6 -17.22 1.84 14.68
C HIS D 6 -16.22 2.57 13.80
N LEU D 7 -16.21 2.25 12.50
CA LEU D 7 -15.35 2.96 11.56
C LEU D 7 -15.80 4.40 11.41
N SER D 8 -17.12 4.62 11.32
CA SER D 8 -17.66 5.97 11.20
C SER D 8 -17.32 6.80 12.43
N ASP D 9 -17.70 6.32 13.62
CA ASP D 9 -17.34 7.00 14.86
C ASP D 9 -15.83 7.12 15.03
N GLY D 10 -15.06 6.27 14.35
CA GLY D 10 -13.62 6.48 14.31
C GLY D 10 -13.23 7.77 13.60
N TYR D 11 -13.85 8.04 12.45
CA TYR D 11 -13.54 9.27 11.72
C TYR D 11 -14.07 10.49 12.45
N TRP D 12 -15.27 10.38 13.04
CA TRP D 12 -15.83 11.49 13.84
C TRP D 12 -14.87 11.90 14.95
N ASP D 13 -14.32 10.93 15.67
CA ASP D 13 -13.40 11.23 16.76
C ASP D 13 -12.09 11.79 16.24
N SER D 14 -11.52 11.21 15.18
CA SER D 14 -10.33 11.78 14.56
C SER D 14 -10.57 13.24 14.18
N ALA D 15 -11.68 13.48 13.47
CA ALA D 15 -12.05 14.84 13.10
C ALA D 15 -12.18 15.73 14.31
N ALA D 16 -12.82 15.23 15.38
CA ALA D 16 -12.91 16.02 16.61
C ALA D 16 -11.52 16.23 17.21
N ARG D 17 -10.73 15.15 17.28
CA ARG D 17 -9.37 15.25 17.81
C ARG D 17 -8.57 16.32 17.08
N LEU D 18 -8.63 16.33 15.75
CA LEU D 18 -7.84 17.28 14.96
C LEU D 18 -8.43 18.69 14.97
N GLY D 19 -9.47 18.93 15.76
CA GLY D 19 -10.12 20.22 15.87
C GLY D 19 -10.75 20.75 14.61
N VAL D 20 -10.87 19.95 13.55
CA VAL D 20 -11.37 20.43 12.27
C VAL D 20 -12.85 20.08 12.16
N HIS D 21 -13.44 19.76 13.30
CA HIS D 21 -14.81 19.29 13.34
C HIS D 21 -15.34 19.51 14.74
N GLY D 22 -16.51 20.14 14.81
CA GLY D 22 -17.18 20.36 16.08
C GLY D 22 -16.38 21.12 17.11
N ALA D 23 -15.59 22.09 16.70
CA ALA D 23 -14.92 22.94 17.68
C ALA D 23 -15.66 24.26 17.82
N VAL D 24 -15.20 25.08 18.75
CA VAL D 24 -15.85 26.32 19.08
C VAL D 24 -14.96 27.44 18.56
N LEU D 25 -15.48 28.20 17.59
CA LEU D 25 -14.76 29.30 16.95
C LEU D 25 -15.62 30.55 16.99
N GLN D 26 -15.00 31.70 17.22
CA GLN D 26 -15.73 32.94 17.22
C GLN D 26 -15.83 33.48 15.80
N ALA D 27 -16.97 34.09 15.48
CA ALA D 27 -17.13 34.72 14.18
C ALA D 27 -16.39 36.04 14.17
N VAL D 28 -15.56 36.23 13.15
CA VAL D 28 -14.63 37.35 12.99
C VAL D 28 -15.06 38.09 11.73
N PRO D 29 -15.07 39.42 11.72
CA PRO D 29 -15.42 40.14 10.49
C PRO D 29 -14.50 39.73 9.34
N GLY D 30 -15.06 39.75 8.13
CA GLY D 30 -14.33 39.35 6.95
C GLY D 30 -14.39 37.88 6.60
N GLY D 31 -15.47 37.20 6.98
CA GLY D 31 -15.58 35.77 6.71
C GLY D 31 -14.52 34.95 7.43
N ARG D 32 -14.14 35.37 8.63
CA ARG D 32 -13.05 34.75 9.35
C ARG D 32 -13.54 34.12 10.66
N LEU D 33 -12.66 33.31 11.23
CA LEU D 33 -12.92 32.51 12.41
C LEU D 33 -11.72 32.62 13.32
N SER D 34 -11.95 32.61 14.63
CA SER D 34 -10.85 32.68 15.57
C SER D 34 -10.98 31.57 16.61
N ALA D 35 -9.90 30.81 16.80
CA ALA D 35 -9.79 29.80 17.84
C ALA D 35 -9.51 30.48 19.19
N PRO D 36 -9.76 29.80 20.30
CA PRO D 36 -9.40 30.38 21.60
C PRO D 36 -7.90 30.60 21.74
N ASP D 37 -7.09 29.85 20.99
CA ASP D 37 -5.64 29.95 21.04
C ASP D 37 -5.09 31.13 20.24
N GLY D 38 -5.92 31.89 19.55
CA GLY D 38 -5.49 33.06 18.80
C GLY D 38 -5.46 32.87 17.30
N ARG D 39 -5.54 31.65 16.78
CA ARG D 39 -5.44 31.47 15.33
C ARG D 39 -6.69 32.01 14.63
N VAL D 40 -6.48 32.78 13.56
CA VAL D 40 -7.54 33.33 12.73
C VAL D 40 -7.48 32.67 11.35
N ALA D 41 -8.61 32.17 10.87
CA ALA D 41 -8.66 31.61 9.53
C ALA D 41 -9.83 32.15 8.73
N VAL D 42 -9.63 32.22 7.41
CA VAL D 42 -10.70 32.48 6.47
C VAL D 42 -11.57 31.23 6.32
N ASN D 43 -12.88 31.40 6.48
CA ASN D 43 -13.84 30.30 6.34
C ASN D 43 -14.17 30.08 4.87
N MET D 44 -13.63 29.02 4.27
CA MET D 44 -13.87 28.65 2.89
C MET D 44 -15.09 27.77 2.72
N SER D 45 -15.86 27.55 3.79
CA SER D 45 -16.99 26.64 3.70
C SER D 45 -18.30 27.30 4.13
N SER D 46 -18.33 28.62 4.29
CA SER D 46 -19.52 29.31 4.75
C SER D 46 -20.64 29.19 3.72
N TYR D 47 -21.89 29.06 4.19
CA TYR D 47 -23.03 28.98 3.29
C TYR D 47 -23.67 30.34 3.02
N SER D 48 -23.15 31.43 3.57
CA SER D 48 -23.71 32.75 3.27
C SER D 48 -23.08 33.25 1.96
N TYR D 49 -23.61 32.70 0.85
CA TYR D 49 -22.99 32.84 -0.47
C TYR D 49 -22.88 34.27 -0.97
N LEU D 50 -23.65 35.21 -0.43
CA LEU D 50 -23.54 36.62 -0.80
C LEU D 50 -22.97 37.47 0.33
N GLY D 51 -22.42 36.83 1.37
CA GLY D 51 -21.90 37.57 2.50
C GLY D 51 -22.90 38.42 3.25
N LEU D 52 -24.19 38.12 3.17
CA LEU D 52 -25.19 38.90 3.88
C LEU D 52 -25.25 38.59 5.37
N ASP D 53 -24.70 37.47 5.82
CA ASP D 53 -24.58 37.28 7.26
C ASP D 53 -23.66 38.31 7.91
N GLU D 54 -22.94 39.12 7.13
CA GLU D 54 -22.16 40.22 7.66
C GLU D 54 -22.76 41.58 7.30
N SER D 55 -23.98 41.61 6.77
CA SER D 55 -24.61 42.87 6.36
C SER D 55 -25.00 43.72 7.56
N PRO D 56 -24.45 44.92 7.71
CA PRO D 56 -24.86 45.77 8.83
C PRO D 56 -26.31 46.23 8.76
N ARG D 57 -26.84 46.40 7.56
CA ARG D 57 -28.25 46.75 7.40
C ARG D 57 -29.13 45.66 7.99
N ILE D 58 -28.84 44.41 7.67
CA ILE D 58 -29.66 43.31 8.16
C ILE D 58 -29.50 43.16 9.67
N ILE D 59 -28.26 43.21 10.17
CA ILE D 59 -28.04 43.07 11.60
C ILE D 59 -28.80 44.16 12.35
N ASP D 60 -28.71 45.41 11.86
CA ASP D 60 -29.37 46.53 12.54
C ASP D 60 -30.90 46.36 12.53
N ALA D 61 -31.46 45.93 11.40
CA ALA D 61 -32.88 45.65 11.35
C ALA D 61 -33.26 44.55 12.33
N ALA D 62 -32.39 43.58 12.54
CA ALA D 62 -32.71 42.53 13.50
C ALA D 62 -32.76 43.10 14.91
N ILE D 63 -31.73 43.85 15.30
CA ILE D 63 -31.74 44.53 16.59
C ILE D 63 -32.97 45.43 16.71
N ALA D 64 -33.27 46.20 15.65
CA ALA D 64 -34.36 47.17 15.71
C ALA D 64 -35.73 46.51 15.92
N ALA D 65 -35.94 45.33 15.32
CA ALA D 65 -37.20 44.61 15.51
C ALA D 65 -37.35 44.14 16.96
N LEU D 66 -36.25 43.76 17.58
CA LEU D 66 -36.32 43.30 18.96
C LEU D 66 -36.47 44.46 19.94
N ARG D 67 -35.75 45.56 19.69
CA ARG D 67 -35.86 46.72 20.56
C ARG D 67 -37.25 47.35 20.49
N SER D 68 -37.86 47.39 19.30
CA SER D 68 -39.12 48.11 19.20
C SER D 68 -40.31 47.24 19.57
N ASN D 69 -40.20 45.92 19.42
CA ASN D 69 -41.28 45.03 19.80
C ASN D 69 -41.18 44.55 21.24
N MET D 70 -39.96 44.50 21.79
CA MET D 70 -39.73 44.13 23.19
C MET D 70 -40.24 42.73 23.53
N VAL D 71 -40.43 41.86 22.54
CA VAL D 71 -40.71 40.45 22.78
C VAL D 71 -39.99 39.63 21.73
N LEU D 72 -39.59 38.40 22.12
CA LEU D 72 -39.02 37.43 21.20
C LEU D 72 -40.07 36.79 20.28
N ASN D 73 -41.16 36.26 20.86
CA ASN D 73 -42.20 35.55 20.13
C ASN D 73 -42.91 36.49 19.15
N SER D 74 -43.23 35.96 17.95
CA SER D 74 -43.97 36.72 16.95
C SER D 74 -45.43 36.33 16.92
N SER D 75 -45.77 35.23 17.57
CA SER D 75 -47.12 34.97 18.00
C SER D 75 -47.42 35.91 19.16
N LEU D 76 -48.66 35.87 19.63
CA LEU D 76 -49.07 36.70 20.77
C LEU D 76 -49.10 35.79 22.01
N GLY D 77 -47.91 35.47 22.50
CA GLY D 77 -47.73 34.42 23.50
C GLY D 77 -48.15 33.03 23.04
N ARG D 78 -47.90 32.70 21.77
CA ARG D 78 -48.25 31.47 21.05
C ARG D 78 -49.75 31.45 20.70
N VAL D 79 -50.47 32.54 20.94
CA VAL D 79 -51.82 32.65 20.41
C VAL D 79 -51.73 32.74 18.89
N ARG D 80 -52.82 32.32 18.21
CA ARG D 80 -52.87 32.23 16.76
C ARG D 80 -52.67 33.59 16.09
N MET D 81 -53.13 34.65 16.74
CA MET D 81 -52.80 36.02 16.39
C MET D 81 -51.31 36.20 16.07
N THR D 82 -50.99 37.02 15.06
CA THR D 82 -49.61 37.38 14.74
C THR D 82 -49.34 38.84 15.04
N LEU D 83 -48.06 39.13 15.32
CA LEU D 83 -47.59 40.50 15.37
C LEU D 83 -47.60 41.11 13.97
N PRO D 84 -47.70 42.43 13.88
CA PRO D 84 -47.54 43.08 12.57
C PRO D 84 -46.20 42.76 11.90
N LEU D 85 -45.13 42.57 12.68
CA LEU D 85 -43.82 42.24 12.11
C LEU D 85 -43.88 41.00 11.22
N LEU D 86 -44.50 39.94 11.73
CA LEU D 86 -44.65 38.71 10.96
C LEU D 86 -45.35 38.98 9.63
N GLU D 87 -46.50 39.69 9.66
CA GLU D 87 -47.21 39.97 8.43
C GLU D 87 -46.37 40.81 7.48
N GLU D 88 -45.60 41.77 8.02
CA GLU D 88 -44.70 42.53 7.16
C GLU D 88 -43.67 41.61 6.49
N ALA D 89 -43.14 40.64 7.25
CA ALA D 89 -42.11 39.74 6.73
C ALA D 89 -42.63 38.89 5.58
N GLU D 90 -43.79 38.26 5.77
CA GLU D 90 -44.37 37.45 4.71
C GLU D 90 -44.82 38.29 3.52
N CYS D 91 -45.26 39.53 3.77
CA CYS D 91 -45.53 40.43 2.67
C CYS D 91 -44.23 40.85 1.98
N ALA D 92 -43.15 41.04 2.73
CA ALA D 92 -41.87 41.34 2.10
C ALA D 92 -41.42 40.19 1.19
N LEU D 93 -41.48 38.95 1.68
CA LEU D 93 -41.10 37.80 0.86
C LEU D 93 -42.04 37.62 -0.33
N GLY D 94 -43.32 37.91 -0.15
CA GLY D 94 -44.28 37.74 -1.22
C GLY D 94 -44.06 38.70 -2.38
N ASP D 95 -43.61 39.91 -2.08
CA ASP D 95 -43.25 40.83 -3.15
C ASP D 95 -41.95 40.42 -3.82
N LEU D 96 -40.99 39.90 -3.06
CA LEU D 96 -39.74 39.44 -3.67
C LEU D 96 -40.02 38.29 -4.62
N PHE D 97 -40.66 37.22 -4.14
CA PHE D 97 -40.88 36.07 -4.99
C PHE D 97 -42.06 36.23 -5.93
N GLY D 98 -42.99 37.13 -5.63
CA GLY D 98 -44.18 37.29 -6.45
C GLY D 98 -45.07 36.09 -6.25
N ALA D 99 -45.50 35.89 -5.00
CA ALA D 99 -46.12 34.62 -4.61
C ALA D 99 -46.60 34.74 -3.17
N ASP D 100 -47.46 33.81 -2.79
CA ASP D 100 -47.89 33.70 -1.42
C ASP D 100 -46.87 32.88 -0.64
N VAL D 101 -46.30 33.49 0.39
CA VAL D 101 -45.19 32.93 1.16
C VAL D 101 -45.57 32.93 2.63
N ALA D 102 -45.26 31.84 3.33
CA ALA D 102 -45.29 31.83 4.78
C ALA D 102 -43.89 31.52 5.29
N THR D 103 -43.58 32.02 6.48
CA THR D 103 -42.32 31.72 7.15
C THR D 103 -42.52 30.62 8.19
N LEU D 104 -41.46 29.85 8.40
CA LEU D 104 -41.41 28.86 9.46
C LEU D 104 -40.04 28.96 10.08
N ASN D 105 -39.81 28.16 11.12
CA ASN D 105 -38.54 28.25 11.83
C ASN D 105 -37.42 27.49 11.12
N SER D 106 -37.73 26.79 10.04
CA SER D 106 -36.72 26.13 9.24
C SER D 106 -37.34 25.66 7.92
N CYS D 107 -36.45 25.35 6.99
CA CYS D 107 -36.87 24.72 5.75
C CYS D 107 -37.35 23.31 6.01
N SER D 108 -36.70 22.59 6.93
CA SER D 108 -37.17 21.26 7.34
C SER D 108 -38.62 21.31 7.81
N ALA D 109 -38.93 22.18 8.77
CA ALA D 109 -40.29 22.30 9.26
C ALA D 109 -41.25 22.58 8.11
N ALA D 110 -40.80 23.32 7.09
CA ALA D 110 -41.64 23.55 5.91
C ALA D 110 -41.88 22.27 5.13
N ALA D 111 -40.89 21.37 5.06
CA ALA D 111 -41.11 20.07 4.44
C ALA D 111 -42.12 19.25 5.22
N TRP D 112 -41.92 19.14 6.53
CA TRP D 112 -42.84 18.40 7.39
C TRP D 112 -44.28 18.91 7.27
N ALA D 113 -44.46 20.19 6.98
CA ALA D 113 -45.77 20.79 6.91
C ALA D 113 -46.41 20.71 5.53
N THR D 114 -45.64 20.50 4.47
CA THR D 114 -46.18 20.52 3.12
C THR D 114 -46.27 19.15 2.47
N LEU D 115 -45.20 18.34 2.49
CA LEU D 115 -45.23 17.04 1.81
C LEU D 115 -46.43 16.18 2.20
N PRO D 116 -46.82 16.07 3.49
CA PRO D 116 -47.93 15.17 3.80
C PRO D 116 -49.27 15.67 3.30
N VAL D 117 -49.53 16.98 3.32
CA VAL D 117 -50.78 17.45 2.77
C VAL D 117 -50.83 17.23 1.26
N LEU D 118 -49.68 17.39 0.58
CA LEU D 118 -49.65 17.15 -0.87
C LEU D 118 -49.99 15.70 -1.17
N ALA D 119 -49.36 14.77 -0.47
CA ALA D 119 -49.62 13.34 -0.64
C ALA D 119 -51.08 12.98 -0.41
N SER D 120 -51.78 13.72 0.43
CA SER D 120 -53.17 13.38 0.75
C SER D 120 -54.12 13.67 -0.41
N GLY D 121 -53.80 14.67 -1.22
CA GLY D 121 -54.66 15.09 -2.32
C GLY D 121 -55.24 16.46 -2.14
N LEU D 122 -55.15 17.03 -0.94
CA LEU D 122 -55.85 18.29 -0.69
C LEU D 122 -55.32 19.43 -1.55
N LEU D 123 -54.10 19.31 -2.07
CA LEU D 123 -53.55 20.34 -2.94
C LEU D 123 -53.57 19.95 -4.40
N THR D 124 -54.10 18.78 -4.72
CA THR D 124 -54.23 18.30 -6.08
C THR D 124 -55.68 17.97 -6.39
N ASP D 125 -56.58 18.90 -6.06
CA ASP D 125 -58.00 18.83 -6.41
C ASP D 125 -58.71 17.67 -5.77
N GLY D 126 -58.11 17.06 -4.73
CA GLY D 126 -58.70 15.91 -4.08
C GLY D 126 -58.05 14.61 -4.46
N VAL D 127 -57.41 14.56 -5.62
CA VAL D 127 -56.85 13.32 -6.16
C VAL D 127 -55.48 13.12 -5.55
N ALA D 128 -55.36 12.17 -4.62
CA ALA D 128 -54.07 11.92 -3.99
C ALA D 128 -53.08 11.56 -5.07
N PRO D 129 -52.01 12.35 -5.27
CA PRO D 129 -51.05 12.04 -6.32
C PRO D 129 -50.12 10.91 -5.90
N VAL D 130 -49.45 10.36 -6.90
CA VAL D 130 -48.31 9.49 -6.65
C VAL D 130 -47.12 10.39 -6.38
N MET D 131 -46.50 10.22 -5.22
CA MET D 131 -45.40 11.08 -4.78
C MET D 131 -44.09 10.46 -5.27
N VAL D 132 -43.44 11.14 -6.21
CA VAL D 132 -42.22 10.62 -6.82
C VAL D 132 -41.04 11.46 -6.34
N PHE D 133 -40.27 10.92 -5.40
CA PHE D 133 -39.08 11.58 -4.90
C PHE D 133 -37.89 11.26 -5.78
N ASP D 134 -37.09 12.27 -6.08
CA ASP D 134 -35.77 12.07 -6.65
C ASP D 134 -34.87 11.41 -5.62
N LYS D 135 -33.92 10.59 -6.12
CA LYS D 135 -33.06 9.79 -5.23
C LYS D 135 -32.14 10.66 -4.39
N ARG D 136 -31.72 11.81 -4.90
CA ARG D 136 -30.81 12.72 -4.21
C ARG D 136 -31.52 13.89 -3.52
N ALA D 137 -32.83 13.79 -3.32
CA ALA D 137 -33.58 14.83 -2.64
C ALA D 137 -33.14 14.92 -1.19
N HIS D 138 -33.00 16.17 -0.70
CA HIS D 138 -32.50 16.44 0.65
C HIS D 138 -33.28 15.61 1.67
N PHE D 139 -32.58 15.20 2.73
CA PHE D 139 -33.19 14.31 3.71
C PHE D 139 -34.36 14.94 4.42
N CYS D 140 -34.48 16.28 4.44
CA CYS D 140 -35.60 16.87 5.16
C CYS D 140 -36.90 16.50 4.47
N MET D 141 -36.85 16.27 3.16
CA MET D 141 -37.98 15.73 2.42
C MET D 141 -37.99 14.21 2.39
N ALA D 142 -36.85 13.57 2.08
CA ALA D 142 -36.84 12.13 1.88
C ALA D 142 -37.15 11.37 3.17
N SER D 143 -36.64 11.84 4.31
CA SER D 143 -36.99 11.18 5.58
C SER D 143 -38.48 11.16 5.85
N LEU D 144 -39.31 11.80 5.03
CA LEU D 144 -40.75 11.83 5.26
C LEU D 144 -41.55 10.99 4.28
N LYS D 145 -40.88 10.12 3.51
CA LYS D 145 -41.58 9.28 2.55
C LYS D 145 -42.63 8.43 3.22
N SER D 146 -42.30 7.86 4.37
CA SER D 146 -43.26 7.00 5.06
C SER D 146 -44.46 7.79 5.57
N LEU D 147 -44.32 9.10 5.81
CA LEU D 147 -45.51 9.88 6.16
C LEU D 147 -46.39 10.07 4.94
N CYS D 148 -45.76 10.27 3.77
CA CYS D 148 -46.51 10.30 2.53
C CYS D 148 -47.04 8.92 2.17
N ALA D 149 -46.29 7.86 2.47
CA ALA D 149 -46.75 6.51 2.17
C ALA D 149 -48.03 6.16 2.91
N ASP D 150 -48.23 6.68 4.13
CA ASP D 150 -49.51 6.43 4.80
C ASP D 150 -50.66 7.17 4.16
N GLU D 151 -50.40 8.05 3.18
CA GLU D 151 -51.46 8.77 2.50
C GLU D 151 -51.64 8.36 1.05
N THR D 152 -50.59 7.92 0.38
CA THR D 152 -50.67 7.57 -1.03
C THR D 152 -49.47 6.69 -1.34
N ARG D 153 -49.33 6.32 -2.62
CA ARG D 153 -48.18 5.55 -3.04
C ARG D 153 -47.00 6.48 -3.24
N VAL D 154 -45.83 6.03 -2.76
CA VAL D 154 -44.57 6.79 -2.80
C VAL D 154 -43.59 6.01 -3.65
N GLU D 155 -42.92 6.69 -4.58
CA GLU D 155 -41.93 6.10 -5.47
C GLU D 155 -40.66 6.94 -5.40
N THR D 156 -39.52 6.29 -5.61
CA THR D 156 -38.22 6.94 -5.68
C THR D 156 -37.57 6.58 -7.00
N ILE D 157 -37.32 7.57 -7.84
CA ILE D 157 -36.69 7.35 -9.13
C ILE D 157 -35.23 7.79 -9.04
N ARG D 158 -34.44 7.34 -10.01
CA ARG D 158 -33.02 7.68 -10.04
C ARG D 158 -32.87 9.15 -10.40
N HIS D 159 -31.69 9.70 -10.11
CA HIS D 159 -31.48 11.14 -10.17
C HIS D 159 -31.79 11.69 -11.57
N ASN D 160 -32.77 12.61 -11.63
CA ASN D 160 -33.10 13.37 -12.84
C ASN D 160 -33.67 12.48 -13.93
N ASP D 161 -34.22 11.32 -13.56
CA ASP D 161 -34.71 10.35 -14.53
C ASP D 161 -36.04 10.83 -15.10
N VAL D 162 -35.96 11.80 -16.02
CA VAL D 162 -37.18 12.42 -16.53
C VAL D 162 -38.08 11.39 -17.19
N ASP D 163 -37.47 10.35 -17.80
CA ASP D 163 -38.24 9.38 -18.57
C ASP D 163 -39.14 8.54 -17.66
N ALA D 164 -38.61 8.07 -16.54
CA ALA D 164 -39.42 7.33 -15.58
C ALA D 164 -40.55 8.19 -15.04
N LEU D 165 -40.26 9.47 -14.79
CA LEU D 165 -41.31 10.39 -14.40
C LEU D 165 -42.41 10.42 -15.46
N ALA D 166 -42.02 10.50 -16.73
CA ALA D 166 -43.00 10.46 -17.81
C ALA D 166 -43.82 9.18 -17.75
N ASP D 167 -43.18 8.06 -17.43
CA ASP D 167 -43.89 6.80 -17.38
C ASP D 167 -44.96 6.82 -16.29
N ILE D 168 -44.57 7.23 -15.09
CA ILE D 168 -45.53 7.30 -13.99
C ILE D 168 -46.64 8.31 -14.31
N CYS D 169 -46.32 9.35 -15.08
CA CYS D 169 -47.33 10.35 -15.42
C CYS D 169 -48.41 9.77 -16.32
N ARG D 170 -48.06 8.82 -17.19
CA ARG D 170 -49.06 8.22 -18.08
C ARG D 170 -49.87 7.12 -17.41
N LYS D 171 -49.28 6.42 -16.45
CA LYS D 171 -49.96 5.33 -15.76
C LYS D 171 -50.81 5.78 -14.59
N ASN D 172 -50.88 7.08 -14.30
CA ASN D 172 -51.61 7.56 -13.12
C ASN D 172 -52.27 8.89 -13.42
N LYS D 173 -53.32 9.20 -12.66
CA LYS D 173 -54.10 10.40 -12.93
C LYS D 173 -53.37 11.65 -12.47
N ARG D 174 -52.81 11.63 -11.26
CA ARG D 174 -52.03 12.76 -10.76
C ARG D 174 -50.71 12.26 -10.19
N VAL D 175 -49.65 13.02 -10.46
CA VAL D 175 -48.30 12.70 -10.01
C VAL D 175 -47.65 13.98 -9.49
N ALA D 176 -46.80 13.82 -8.46
CA ALA D 176 -46.01 14.91 -7.92
C ALA D 176 -44.55 14.51 -7.85
N TYR D 177 -43.66 15.45 -8.19
CA TYR D 177 -42.21 15.23 -8.18
C TYR D 177 -41.57 16.12 -7.12
N VAL D 178 -40.91 15.50 -6.15
CA VAL D 178 -40.26 16.18 -5.05
C VAL D 178 -38.75 16.14 -5.29
N CYS D 179 -38.12 17.30 -5.45
CA CYS D 179 -36.68 17.32 -5.70
C CYS D 179 -36.06 18.59 -5.12
N ASP D 180 -34.73 18.68 -5.28
CA ASP D 180 -33.95 19.88 -5.01
C ASP D 180 -33.80 20.66 -6.30
N SER D 181 -33.80 21.99 -6.21
CA SER D 181 -33.50 22.80 -7.38
C SER D 181 -32.02 22.72 -7.70
N VAL D 182 -31.20 22.97 -6.70
CA VAL D 182 -29.75 22.90 -6.79
C VAL D 182 -29.30 21.80 -5.84
N TYR D 183 -28.57 20.82 -6.37
CA TYR D 183 -28.07 19.69 -5.60
C TYR D 183 -26.64 20.01 -5.14
N SER D 184 -26.44 20.04 -3.82
CA SER D 184 -25.15 20.45 -3.26
C SER D 184 -24.05 19.47 -3.63
N THR D 185 -24.30 18.17 -3.46
CA THR D 185 -23.36 17.14 -3.88
C THR D 185 -23.74 16.67 -5.28
N GLY D 186 -22.81 16.82 -6.22
CA GLY D 186 -22.98 16.32 -7.58
C GLY D 186 -22.90 17.42 -8.62
N GLY D 187 -23.08 18.67 -8.20
CA GLY D 187 -23.18 19.76 -9.16
C GLY D 187 -24.44 19.79 -9.97
N THR D 188 -25.32 18.80 -9.81
CA THR D 188 -26.47 18.66 -10.69
C THR D 188 -27.55 19.69 -10.35
N LEU D 189 -28.34 20.01 -11.37
CA LEU D 189 -29.48 20.90 -11.27
C LEU D 189 -30.71 20.13 -11.70
N ALA D 190 -31.89 20.64 -11.31
CA ALA D 190 -33.14 20.01 -11.70
C ALA D 190 -33.40 20.21 -13.19
N PRO D 191 -33.89 19.18 -13.90
CA PRO D 191 -34.17 19.28 -15.36
C PRO D 191 -35.43 20.08 -15.65
N LEU D 192 -35.34 21.40 -15.53
CA LEU D 192 -36.54 22.23 -15.48
C LEU D 192 -37.33 22.17 -16.79
N GLU D 193 -36.65 22.31 -17.93
CA GLU D 193 -37.35 22.31 -19.22
C GLU D 193 -38.16 21.04 -19.39
N GLU D 194 -37.53 19.89 -19.13
CA GLU D 194 -38.25 18.63 -19.20
C GLU D 194 -39.36 18.58 -18.15
N LEU D 195 -39.05 19.00 -16.91
CA LEU D 195 -40.05 19.00 -15.84
C LEU D 195 -41.21 19.93 -16.17
N PHE D 196 -40.93 21.09 -16.77
CA PHE D 196 -42.02 22.02 -17.05
C PHE D 196 -42.94 21.46 -18.13
N ALA D 197 -42.38 20.76 -19.13
CA ALA D 197 -43.21 20.22 -20.20
C ALA D 197 -44.08 19.07 -19.71
N LEU D 198 -43.53 18.18 -18.86
CA LEU D 198 -44.37 17.16 -18.23
C LEU D 198 -45.50 17.79 -17.44
N GLN D 199 -45.28 19.00 -16.92
CA GLN D 199 -46.34 19.71 -16.22
C GLN D 199 -47.34 20.28 -17.21
N LYS D 200 -46.85 20.78 -18.35
CA LYS D 200 -47.75 21.26 -19.41
C LYS D 200 -48.61 20.12 -19.95
N GLU D 201 -48.04 18.92 -20.03
CA GLU D 201 -48.75 17.79 -20.62
C GLU D 201 -49.57 17.02 -19.59
N PHE D 202 -48.94 16.58 -18.50
CA PHE D 202 -49.62 15.72 -17.55
C PHE D 202 -50.13 16.46 -16.31
N GLY D 203 -49.82 17.74 -16.16
CA GLY D 203 -50.21 18.42 -14.93
C GLY D 203 -49.40 18.02 -13.72
N LEU D 204 -48.15 17.59 -13.93
CA LEU D 204 -47.25 17.19 -12.85
C LEU D 204 -47.11 18.31 -11.83
N PHE D 205 -47.27 17.97 -10.54
CA PHE D 205 -47.00 18.91 -9.45
C PHE D 205 -45.50 18.90 -9.17
N LEU D 206 -44.91 20.11 -9.15
CA LEU D 206 -43.47 20.29 -9.00
C LEU D 206 -43.20 20.86 -7.61
N TYR D 207 -42.47 20.10 -6.79
CA TYR D 207 -42.11 20.48 -5.43
C TYR D 207 -40.59 20.62 -5.38
N PHE D 208 -40.11 21.84 -5.21
CA PHE D 208 -38.70 22.21 -5.27
C PHE D 208 -38.18 22.67 -3.92
N ASP D 209 -36.97 22.19 -3.56
CA ASP D 209 -36.22 22.67 -2.41
C ASP D 209 -35.15 23.63 -2.92
N GLU D 210 -35.34 24.93 -2.66
CA GLU D 210 -34.54 26.00 -3.25
C GLU D 210 -33.39 26.46 -2.37
N ALA D 211 -33.05 25.69 -1.32
CA ALA D 211 -32.17 26.20 -0.26
C ALA D 211 -30.77 26.62 -0.77
N HIS D 212 -30.24 25.99 -1.83
CA HIS D 212 -28.99 26.46 -2.43
C HIS D 212 -29.21 27.27 -3.70
N SER D 213 -30.44 27.64 -3.97
CA SER D 213 -30.75 28.45 -5.12
C SER D 213 -31.20 29.85 -4.73
N THR D 214 -31.99 29.97 -3.66
CA THR D 214 -32.42 31.28 -3.16
C THR D 214 -31.23 32.21 -2.99
N SER D 215 -31.39 33.45 -3.44
CA SER D 215 -30.37 34.49 -3.44
C SER D 215 -29.27 34.29 -4.49
N VAL D 216 -28.75 33.06 -4.66
CA VAL D 216 -27.56 32.92 -5.49
C VAL D 216 -27.91 33.04 -6.98
N ILE D 217 -29.08 32.56 -7.38
CA ILE D 217 -29.49 32.42 -8.77
C ILE D 217 -30.70 33.32 -9.05
N GLY D 218 -30.67 34.03 -10.18
CA GLY D 218 -31.84 34.70 -10.71
C GLY D 218 -31.90 36.18 -10.29
N ASP D 219 -32.71 36.92 -11.03
CA ASP D 219 -32.90 38.34 -10.73
C ASP D 219 -33.59 38.47 -9.38
N MET D 220 -33.09 39.42 -8.58
CA MET D 220 -33.49 39.63 -7.19
C MET D 220 -33.35 38.38 -6.32
N GLY D 221 -32.57 37.40 -6.79
CA GLY D 221 -32.34 36.18 -6.04
C GLY D 221 -33.57 35.34 -5.84
N ARG D 222 -34.55 35.43 -6.74
CA ARG D 222 -35.75 34.62 -6.69
C ARG D 222 -35.49 33.14 -6.91
N GLY D 223 -34.29 32.77 -7.34
CA GLY D 223 -33.87 31.39 -7.40
C GLY D 223 -34.02 30.79 -8.79
N TYR D 224 -33.55 29.55 -8.90
CA TYR D 224 -33.47 28.85 -10.17
C TYR D 224 -34.84 28.58 -10.78
N VAL D 225 -35.80 28.11 -9.98
CA VAL D 225 -37.09 27.74 -10.52
C VAL D 225 -37.88 28.96 -10.98
N LEU D 226 -37.88 30.03 -10.19
CA LEU D 226 -38.68 31.20 -10.53
C LEU D 226 -38.04 32.09 -11.59
N ASP D 227 -36.74 31.93 -11.83
CA ASP D 227 -36.10 32.74 -12.87
C ASP D 227 -36.48 32.24 -14.25
N ARG D 228 -36.51 30.92 -14.45
CA ARG D 228 -36.89 30.38 -15.74
C ARG D 228 -38.40 30.42 -15.94
N MET D 229 -39.15 30.39 -14.85
CA MET D 229 -40.60 30.29 -14.90
C MET D 229 -41.28 31.65 -14.77
N GLY D 230 -40.63 32.57 -14.07
CA GLY D 230 -41.23 33.88 -13.82
C GLY D 230 -42.23 33.81 -12.66
N ALA D 231 -43.51 34.01 -12.97
CA ALA D 231 -44.54 33.89 -11.95
C ALA D 231 -44.78 32.42 -11.65
N ILE D 232 -44.90 32.08 -10.37
CA ILE D 232 -45.16 30.71 -9.97
C ILE D 232 -46.59 30.35 -10.36
N ASN D 233 -46.78 29.14 -10.89
CA ASN D 233 -48.12 28.69 -11.28
C ASN D 233 -48.78 27.94 -10.12
N ASP D 234 -50.00 27.45 -10.37
CA ASP D 234 -50.80 26.78 -9.34
C ASP D 234 -50.39 25.33 -9.10
N SER D 235 -49.39 24.80 -9.80
CA SER D 235 -49.02 23.40 -9.64
C SER D 235 -47.56 23.25 -9.24
N THR D 236 -47.00 24.30 -8.63
CA THR D 236 -45.61 24.34 -8.22
C THR D 236 -45.49 24.92 -6.82
N MET D 237 -44.66 24.30 -6.00
CA MET D 237 -44.47 24.70 -4.62
C MET D 237 -42.98 24.73 -4.31
N LEU D 238 -42.53 25.76 -3.61
CA LEU D 238 -41.14 25.90 -3.22
C LEU D 238 -41.02 25.86 -1.71
N ILE D 239 -39.97 25.21 -1.21
CA ILE D 239 -39.54 25.39 0.17
C ILE D 239 -38.09 25.84 0.12
N THR D 240 -37.71 26.67 1.10
CA THR D 240 -36.34 27.12 1.11
C THR D 240 -35.88 27.49 2.52
N SER D 241 -34.57 27.66 2.64
CA SER D 241 -33.93 28.08 3.88
C SER D 241 -33.47 29.52 3.72
N LEU D 242 -33.68 30.32 4.76
CA LEU D 242 -33.40 31.74 4.71
C LEU D 242 -32.10 32.12 5.42
N ASN D 243 -31.33 31.15 5.90
CA ASN D 243 -30.10 31.46 6.63
C ASN D 243 -28.84 31.09 5.86
N LYS D 244 -28.95 30.92 4.54
CA LYS D 244 -27.77 30.67 3.72
C LYS D 244 -27.53 31.92 2.89
N GLY D 245 -27.84 31.92 1.59
CA GLY D 245 -27.69 33.12 0.81
C GLY D 245 -28.53 34.31 1.24
N PHE D 246 -29.71 34.06 1.84
CA PHE D 246 -30.63 35.16 2.15
C PHE D 246 -30.17 35.96 3.36
N GLY D 247 -29.36 35.35 4.24
CA GLY D 247 -28.74 36.10 5.32
C GLY D 247 -29.62 36.45 6.49
N ALA D 248 -30.64 35.62 6.78
CA ALA D 248 -31.57 35.83 7.89
C ALA D 248 -31.77 34.54 8.66
N SER D 249 -32.96 34.27 9.20
CA SER D 249 -33.21 33.01 9.91
C SER D 249 -34.48 32.34 9.38
N GLY D 250 -34.64 31.06 9.73
CA GLY D 250 -35.83 30.31 9.40
C GLY D 250 -35.90 29.82 7.96
N GLY D 251 -37.12 29.42 7.57
CA GLY D 251 -37.39 28.97 6.22
C GLY D 251 -38.75 29.47 5.76
N ALA D 252 -39.12 29.06 4.55
CA ALA D 252 -40.35 29.56 3.98
C ALA D 252 -40.98 28.52 3.05
N ILE D 253 -42.29 28.63 2.90
CA ILE D 253 -43.08 27.92 1.89
C ILE D 253 -43.53 28.94 0.85
N VAL D 254 -43.24 28.67 -0.41
CA VAL D 254 -43.79 29.46 -1.52
C VAL D 254 -44.99 28.68 -2.05
N PHE D 255 -46.19 29.03 -1.57
CA PHE D 255 -47.39 28.23 -1.87
C PHE D 255 -47.70 28.21 -3.35
N GLY D 256 -47.59 29.35 -4.00
CA GLY D 256 -48.09 29.50 -5.35
C GLY D 256 -48.49 30.93 -5.56
N PRO D 257 -49.44 31.14 -6.48
CA PRO D 257 -49.75 32.52 -6.90
C PRO D 257 -50.16 33.41 -5.73
N ARG D 258 -49.68 34.65 -5.79
CA ARG D 258 -49.96 35.64 -4.75
C ARG D 258 -51.45 35.73 -4.44
N ASP D 259 -52.30 35.79 -5.47
CA ASP D 259 -53.71 36.07 -5.24
C ASP D 259 -54.54 34.84 -4.81
N ASP D 260 -53.93 33.67 -4.63
CA ASP D 260 -54.67 32.46 -4.30
C ASP D 260 -54.34 32.04 -2.87
N ASP D 261 -55.31 32.17 -1.97
CA ASP D 261 -55.09 31.81 -0.58
C ASP D 261 -55.33 30.34 -0.30
N ARG D 262 -55.71 29.55 -1.30
CA ARG D 262 -56.28 28.24 -0.99
C ARG D 262 -55.25 27.28 -0.42
N LYS D 263 -54.02 27.29 -0.95
CA LYS D 263 -53.01 26.36 -0.45
C LYS D 263 -52.56 26.74 0.96
N ARG D 264 -52.33 28.04 1.19
CA ARG D 264 -52.02 28.48 2.54
C ARG D 264 -53.12 28.09 3.52
N LYS D 265 -54.38 28.31 3.17
CA LYS D 265 -55.47 27.94 4.07
C LYS D 265 -55.48 26.44 4.36
N ILE D 266 -55.34 25.61 3.31
CA ILE D 266 -55.38 24.17 3.52
C ILE D 266 -54.27 23.73 4.47
N ILE D 267 -53.05 24.22 4.24
CA ILE D 267 -51.91 23.81 5.05
C ILE D 267 -51.96 24.42 6.47
N GLN D 268 -52.47 25.65 6.63
CA GLN D 268 -52.67 26.23 7.97
C GLN D 268 -53.71 25.45 8.76
N ARG D 269 -54.83 25.14 8.13
CA ARG D 269 -55.93 24.41 8.75
C ARG D 269 -55.66 22.92 8.84
N SER D 270 -54.42 22.52 8.57
CA SER D 270 -53.97 21.14 8.60
C SER D 270 -53.07 20.89 9.80
N SER D 271 -53.11 19.67 10.32
CA SER D 271 -52.29 19.30 11.47
C SER D 271 -50.83 19.21 11.03
N GLY D 272 -50.05 20.25 11.30
CA GLY D 272 -48.66 20.26 10.92
C GLY D 272 -47.84 21.29 11.68
N PRO D 273 -46.52 21.27 11.49
CA PRO D 273 -45.65 22.27 12.13
C PRO D 273 -46.07 23.71 11.87
N LEU D 274 -46.70 24.00 10.73
CA LEU D 274 -47.11 25.38 10.45
C LEU D 274 -48.17 25.85 11.44
N MET D 275 -48.99 24.92 11.94
CA MET D 275 -49.95 25.21 13.00
C MET D 275 -49.37 25.10 14.40
N TRP D 276 -48.63 24.03 14.71
CA TRP D 276 -48.31 23.72 16.10
C TRP D 276 -46.88 24.09 16.51
N SER D 277 -46.02 24.50 15.57
CA SER D 277 -44.63 24.78 15.89
C SER D 277 -44.37 26.29 15.87
N GLN D 278 -43.57 26.74 16.85
CA GLN D 278 -43.36 28.17 17.10
C GLN D 278 -42.89 28.89 15.85
N ARG D 279 -43.33 30.14 15.71
CA ARG D 279 -42.93 30.97 14.59
C ARG D 279 -41.61 31.68 14.88
N LEU D 280 -41.05 32.28 13.83
CA LEU D 280 -39.75 32.94 13.92
C LEU D 280 -39.76 34.01 15.00
N ASN D 281 -38.61 34.22 15.63
CA ASN D 281 -38.61 35.27 16.62
C ASN D 281 -38.46 36.63 15.93
N THR D 282 -38.66 37.70 16.69
CA THR D 282 -38.72 39.01 16.07
C THR D 282 -37.42 39.43 15.41
N PRO D 283 -36.22 39.21 15.98
CA PRO D 283 -35.00 39.58 15.23
C PRO D 283 -34.91 38.87 13.90
N ALA D 284 -35.21 37.57 13.86
CA ALA D 284 -35.26 36.83 12.59
C ALA D 284 -36.21 37.50 11.61
N LEU D 285 -37.37 37.98 12.08
CA LEU D 285 -38.33 38.60 11.17
C LEU D 285 -37.84 39.95 10.69
N GLY D 286 -37.31 40.78 11.58
CA GLY D 286 -36.68 42.00 11.13
C GLY D 286 -35.62 41.76 10.08
N ALA D 287 -34.80 40.74 10.28
CA ALA D 287 -33.73 40.43 9.32
C ALA D 287 -34.31 40.06 7.96
N ILE D 288 -35.36 39.23 7.95
CA ILE D 288 -35.98 38.84 6.68
C ILE D 288 -36.48 40.07 5.92
N ILE D 289 -37.21 40.96 6.61
CA ILE D 289 -37.75 42.15 5.95
C ILE D 289 -36.64 43.00 5.33
N GLU D 290 -35.54 43.22 6.07
CA GLU D 290 -34.46 44.03 5.53
C GLU D 290 -33.77 43.33 4.37
N SER D 291 -33.48 42.04 4.50
CA SER D 291 -32.86 41.32 3.40
C SER D 291 -33.76 41.35 2.16
N ALA D 292 -35.07 41.23 2.33
CA ALA D 292 -35.97 41.27 1.17
C ALA D 292 -35.88 42.62 0.43
N LYS D 293 -35.88 43.72 1.17
CA LYS D 293 -35.64 45.01 0.55
C LYS D 293 -34.29 45.02 -0.16
N LEU D 294 -33.27 44.45 0.47
CA LEU D 294 -31.95 44.35 -0.14
C LEU D 294 -32.02 43.56 -1.45
N HIS D 295 -32.80 42.48 -1.49
CA HIS D 295 -32.85 41.66 -2.69
C HIS D 295 -33.53 42.35 -3.85
N ARG D 296 -34.32 43.39 -3.60
CA ARG D 296 -34.98 44.14 -4.64
C ARG D 296 -34.20 45.39 -5.03
N SER D 297 -33.13 45.70 -4.29
CA SER D 297 -32.26 46.83 -4.60
C SER D 297 -31.19 46.41 -5.62
N GLU D 298 -30.39 47.38 -6.04
CA GLU D 298 -29.27 47.11 -6.93
C GLU D 298 -28.15 46.35 -6.24
N ALA D 299 -28.23 46.19 -4.91
CA ALA D 299 -27.15 45.48 -4.21
C ALA D 299 -27.13 44.01 -4.58
N LEU D 300 -28.31 43.41 -4.88
CA LEU D 300 -28.35 41.97 -5.15
C LEU D 300 -27.62 41.61 -6.44
N PRO D 301 -27.84 42.28 -7.58
CA PRO D 301 -27.03 41.96 -8.76
C PRO D 301 -25.55 42.29 -8.57
N GLU D 302 -25.22 43.32 -7.78
CA GLU D 302 -23.83 43.59 -7.48
C GLU D 302 -23.20 42.43 -6.71
N LEU D 303 -23.94 41.82 -5.78
CA LEU D 303 -23.37 40.71 -5.00
C LEU D 303 -23.26 39.45 -5.84
N GLN D 304 -24.20 39.22 -6.76
CA GLN D 304 -24.09 38.04 -7.62
C GLN D 304 -22.95 38.20 -8.61
N ALA D 305 -22.70 39.42 -9.09
CA ALA D 305 -21.55 39.63 -9.95
C ALA D 305 -20.27 39.36 -9.19
N LYS D 306 -20.19 39.84 -7.94
CA LYS D 306 -19.00 39.60 -7.13
C LYS D 306 -18.81 38.09 -6.89
N LEU D 307 -19.91 37.40 -6.59
CA LEU D 307 -19.88 35.95 -6.41
C LEU D 307 -19.34 35.25 -7.65
N HIS D 308 -19.96 35.51 -8.82
CA HIS D 308 -19.49 34.87 -10.04
C HIS D 308 -18.05 35.25 -10.35
N SER D 309 -17.65 36.48 -10.03
CA SER D 309 -16.25 36.89 -10.17
C SER D 309 -15.34 35.99 -9.35
N ASN D 310 -15.75 35.68 -8.10
CA ASN D 310 -14.93 34.85 -7.25
C ASN D 310 -14.98 33.38 -7.66
N ILE D 311 -16.07 32.92 -8.26
CA ILE D 311 -16.08 31.55 -8.78
C ILE D 311 -15.05 31.42 -9.89
N ALA D 312 -14.97 32.43 -10.77
CA ALA D 312 -14.00 32.41 -11.85
C ALA D 312 -12.58 32.39 -11.31
N LEU D 313 -12.31 33.23 -10.31
CA LEU D 313 -10.96 33.28 -9.73
C LEU D 313 -10.58 31.93 -9.15
N PHE D 314 -11.45 31.39 -8.31
CA PHE D 314 -11.22 30.09 -7.70
C PHE D 314 -11.02 29.00 -8.75
N ASP D 315 -11.89 28.96 -9.77
CA ASP D 315 -11.81 27.93 -10.81
C ASP D 315 -10.50 28.01 -11.58
N GLY D 316 -10.00 29.23 -11.81
CA GLY D 316 -8.73 29.39 -12.49
C GLY D 316 -7.52 29.07 -11.63
N LEU D 317 -7.67 29.06 -10.31
CA LEU D 317 -6.56 28.82 -9.41
C LEU D 317 -6.55 27.44 -8.79
N VAL D 318 -7.69 26.75 -8.75
CA VAL D 318 -7.78 25.48 -8.04
C VAL D 318 -8.63 24.52 -8.86
N ARG D 319 -8.22 23.27 -8.91
CA ARG D 319 -8.95 22.23 -9.59
C ARG D 319 -9.85 21.54 -8.56
N ALA D 320 -11.15 21.50 -8.81
CA ALA D 320 -12.06 20.92 -7.84
C ALA D 320 -13.28 20.35 -8.55
N ALA D 321 -13.96 19.43 -7.89
CA ALA D 321 -15.20 18.89 -8.44
C ALA D 321 -16.23 19.99 -8.54
N GLY D 322 -16.86 20.10 -9.69
CA GLY D 322 -17.75 21.20 -9.97
C GLY D 322 -17.11 22.37 -10.69
N GLN D 323 -15.81 22.31 -10.97
CA GLN D 323 -15.15 23.40 -11.67
C GLN D 323 -15.85 23.67 -13.00
N GLY D 324 -16.19 24.93 -13.23
CA GLY D 324 -16.97 25.32 -14.38
C GLY D 324 -18.44 25.61 -14.10
N ASN D 325 -18.98 25.08 -12.99
CA ASN D 325 -20.35 25.36 -12.57
C ASN D 325 -20.54 26.83 -12.28
N SER D 326 -21.81 27.24 -12.23
CA SER D 326 -22.22 28.53 -11.70
C SER D 326 -22.72 28.44 -10.28
N VAL D 327 -22.95 27.23 -9.77
CA VAL D 327 -23.21 26.96 -8.36
C VAL D 327 -21.92 27.12 -7.56
N PRO D 328 -21.92 27.87 -6.44
CA PRO D 328 -20.67 28.15 -5.71
C PRO D 328 -20.29 27.09 -4.68
N ILE D 329 -20.33 25.83 -5.10
CA ILE D 329 -19.98 24.69 -4.24
C ILE D 329 -18.92 23.87 -4.98
N ARG D 330 -17.79 23.65 -4.32
CA ARG D 330 -16.64 22.99 -4.91
C ARG D 330 -16.21 21.88 -3.97
N TYR D 331 -15.67 20.80 -4.54
CA TYR D 331 -15.26 19.66 -3.74
C TYR D 331 -13.83 19.31 -4.08
N LEU D 332 -12.94 19.43 -3.10
CA LEU D 332 -11.55 19.02 -3.22
C LEU D 332 -11.45 17.58 -2.74
N GLU D 333 -11.61 16.64 -3.67
CA GLU D 333 -11.65 15.23 -3.32
C GLU D 333 -10.23 14.71 -3.09
N LEU D 334 -9.91 14.32 -1.85
CA LEU D 334 -8.67 13.62 -1.52
C LEU D 334 -8.88 12.12 -1.33
N GLY D 335 -10.13 11.66 -1.23
CA GLY D 335 -10.45 10.24 -1.11
C GLY D 335 -10.23 9.62 0.26
N SER D 336 -8.96 9.59 0.68
CA SER D 336 -8.59 9.05 1.98
C SER D 336 -9.12 9.94 3.11
N GLU D 337 -9.94 9.36 4.00
CA GLU D 337 -10.49 10.12 5.12
C GLU D 337 -9.38 10.69 6.01
N VAL D 338 -8.28 9.95 6.17
CA VAL D 338 -7.17 10.43 6.99
C VAL D 338 -6.47 11.61 6.32
N ASP D 339 -6.36 11.59 4.99
CA ASP D 339 -5.70 12.70 4.31
C ASP D 339 -6.61 13.92 4.25
N THR D 340 -7.90 13.69 4.04
CA THR D 340 -8.87 14.78 4.10
C THR D 340 -8.80 15.49 5.44
N LEU D 341 -8.86 14.75 6.54
CA LEU D 341 -8.84 15.39 7.85
C LEU D 341 -7.51 16.09 8.10
N GLU D 342 -6.42 15.56 7.56
CA GLU D 342 -5.10 16.16 7.78
C GLU D 342 -4.87 17.38 6.89
N ALA D 343 -5.34 17.34 5.65
CA ALA D 343 -5.40 18.54 4.83
C ALA D 343 -6.15 19.68 5.54
N SER D 344 -7.32 19.39 6.09
CA SER D 344 -8.09 20.40 6.80
C SER D 344 -7.30 20.99 7.97
N ALA D 345 -6.69 20.13 8.79
CA ALA D 345 -5.91 20.63 9.91
C ALA D 345 -4.73 21.47 9.43
N TYR D 346 -4.06 21.05 8.35
CA TYR D 346 -2.94 21.83 7.82
C TYR D 346 -3.43 23.17 7.29
N LEU D 347 -4.50 23.16 6.50
CA LEU D 347 -5.00 24.41 5.92
C LEU D 347 -5.48 25.38 7.01
N PHE D 348 -5.99 24.86 8.13
CA PHE D 348 -6.40 25.73 9.22
C PHE D 348 -5.20 26.42 9.86
N ASP D 349 -4.12 25.66 10.10
CA ASP D 349 -2.93 26.28 10.68
C ASP D 349 -2.29 27.28 9.77
N ASN D 350 -2.74 27.32 8.52
CA ASN D 350 -2.21 28.24 7.53
C ASN D 350 -3.22 29.27 7.09
N GLY D 351 -4.31 29.43 7.83
CA GLY D 351 -5.25 30.52 7.64
C GLY D 351 -6.52 30.23 6.88
N PHE D 352 -6.90 28.98 6.70
CA PHE D 352 -8.10 28.71 5.93
C PHE D 352 -8.85 27.52 6.49
N TYR D 353 -10.13 27.70 6.83
CA TYR D 353 -10.91 26.56 7.24
C TYR D 353 -11.66 26.03 6.02
N VAL D 354 -11.57 24.73 5.81
CA VAL D 354 -12.29 24.05 4.73
C VAL D 354 -12.90 22.79 5.33
N GLU D 355 -14.23 22.67 5.30
CA GLU D 355 -14.86 21.62 6.09
C GLU D 355 -14.61 20.25 5.47
N PRO D 356 -14.17 19.27 6.23
CA PRO D 356 -13.96 17.93 5.68
C PRO D 356 -15.22 17.08 5.68
N ASP D 357 -15.54 16.45 4.56
CA ASP D 357 -16.57 15.42 4.49
C ASP D 357 -15.89 14.07 4.54
N PHE D 358 -16.40 13.16 5.36
CA PHE D 358 -15.85 11.83 5.50
C PHE D 358 -17.01 10.85 5.71
N PHE D 359 -16.71 9.56 5.61
CA PHE D 359 -17.71 8.54 5.92
C PHE D 359 -18.11 8.65 7.38
N PRO D 360 -19.42 8.66 7.70
CA PRO D 360 -20.52 8.35 6.78
C PRO D 360 -21.17 9.50 6.00
N ILE D 361 -20.66 10.74 6.10
CA ILE D 361 -21.32 11.85 5.40
C ILE D 361 -21.25 11.63 3.90
N VAL D 362 -20.12 11.09 3.42
CA VAL D 362 -19.91 10.68 2.05
C VAL D 362 -19.41 9.24 2.07
N SER D 363 -19.19 8.69 0.88
CA SER D 363 -18.74 7.31 0.76
C SER D 363 -17.34 7.11 1.31
N ARG D 364 -17.06 5.87 1.69
CA ARG D 364 -15.68 5.45 1.92
C ARG D 364 -14.83 5.76 0.72
N GLY D 365 -13.61 6.23 0.96
CA GLY D 365 -12.69 6.54 -0.12
C GLY D 365 -13.13 7.65 -1.05
N ALA D 366 -14.14 8.42 -0.65
CA ALA D 366 -14.58 9.61 -1.39
C ALA D 366 -14.60 10.83 -0.48
N ALA D 367 -13.76 10.84 0.55
CA ALA D 367 -13.65 11.97 1.46
C ALA D 367 -12.98 13.15 0.76
N GLY D 368 -13.24 14.35 1.28
CA GLY D 368 -12.71 15.54 0.65
C GLY D 368 -13.09 16.78 1.43
N LEU D 369 -12.74 17.92 0.84
CA LEU D 369 -12.93 19.22 1.44
C LEU D 369 -14.00 19.96 0.67
N ARG D 370 -15.02 20.45 1.38
CA ARG D 370 -16.21 21.04 0.75
C ARG D 370 -16.09 22.56 0.88
N ALA D 371 -15.65 23.21 -0.19
CA ALA D 371 -15.48 24.65 -0.21
C ALA D 371 -16.72 25.33 -0.80
N ARG D 372 -16.99 26.54 -0.35
CA ARG D 372 -18.10 27.30 -0.89
C ARG D 372 -17.65 28.71 -1.15
N ILE D 373 -18.04 29.23 -2.28
CA ILE D 373 -17.61 30.55 -2.70
C ILE D 373 -18.67 31.54 -2.26
N ARG D 374 -18.26 32.68 -1.73
CA ARG D 374 -19.21 33.70 -1.34
C ARG D 374 -18.75 35.05 -1.87
N SER D 375 -19.71 35.98 -1.95
CA SER D 375 -19.43 37.33 -2.42
C SER D 375 -18.36 38.03 -1.57
N SER D 376 -18.26 37.68 -0.30
CA SER D 376 -17.47 38.45 0.66
C SER D 376 -16.04 37.95 0.77
N MET D 377 -15.68 36.92 0.02
CA MET D 377 -14.27 36.61 -0.19
C MET D 377 -13.64 37.71 -1.03
N SER D 378 -12.46 38.19 -0.60
CA SER D 378 -11.68 39.06 -1.47
C SER D 378 -10.85 38.25 -2.47
N THR D 379 -10.28 38.97 -3.44
CA THR D 379 -9.29 38.38 -4.36
C THR D 379 -8.11 37.79 -3.59
N ALA D 380 -7.57 38.54 -2.62
CA ALA D 380 -6.44 38.04 -1.83
C ALA D 380 -6.78 36.76 -1.09
N ASP D 381 -7.96 36.71 -0.43
CA ASP D 381 -8.42 35.50 0.23
C ASP D 381 -8.25 34.29 -0.69
N ILE D 382 -8.84 34.37 -1.88
CA ILE D 382 -8.89 33.19 -2.75
C ILE D 382 -7.52 32.92 -3.36
N GLU D 383 -6.76 33.98 -3.66
CA GLU D 383 -5.41 33.77 -4.20
C GLU D 383 -4.48 33.16 -3.17
N GLN D 384 -4.57 33.61 -1.91
CA GLN D 384 -3.71 33.05 -0.87
C GLN D 384 -4.12 31.62 -0.53
N PHE D 385 -5.41 31.32 -0.54
CA PHE D 385 -5.83 29.95 -0.34
C PHE D 385 -5.26 29.03 -1.43
N ALA D 386 -5.26 29.49 -2.68
CA ALA D 386 -4.73 28.66 -3.76
C ALA D 386 -3.23 28.42 -3.58
N HIS D 387 -2.49 29.43 -3.12
CA HIS D 387 -1.08 29.24 -2.80
C HIS D 387 -0.90 28.19 -1.72
N VAL D 388 -1.66 28.31 -0.62
CA VAL D 388 -1.51 27.36 0.49
C VAL D 388 -1.94 25.96 0.07
N TRP D 389 -2.97 25.86 -0.77
CA TRP D 389 -3.41 24.56 -1.24
C TRP D 389 -2.35 23.89 -2.11
N HIS D 390 -1.63 24.68 -2.91
CA HIS D 390 -0.60 24.13 -3.77
C HIS D 390 0.68 23.77 -3.00
N LYS D 391 1.05 24.54 -1.99
CA LYS D 391 2.13 24.13 -1.08
C LYS D 391 1.85 22.75 -0.50
N LEU D 392 0.58 22.46 -0.18
CA LEU D 392 0.23 21.18 0.42
C LEU D 392 0.65 20.01 -0.45
N GLY D 393 0.42 20.12 -1.77
CA GLY D 393 0.85 19.07 -2.68
C GLY D 393 2.35 18.89 -2.66
N VAL D 394 3.10 19.97 -2.44
CA VAL D 394 4.53 19.87 -2.25
C VAL D 394 4.85 19.17 -0.91
N LEU E 4 11.03 -33.98 -48.12
CA LEU E 4 12.23 -33.39 -47.54
C LEU E 4 12.18 -33.43 -46.00
N ARG E 5 11.05 -33.89 -45.47
CA ARG E 5 10.87 -33.95 -44.02
C ARG E 5 11.86 -34.91 -43.37
N HIS E 6 12.22 -35.99 -44.09
CA HIS E 6 13.17 -36.96 -43.56
C HIS E 6 14.57 -36.36 -43.47
N LEU E 7 14.93 -35.53 -44.46
CA LEU E 7 16.18 -34.81 -44.40
C LEU E 7 16.19 -33.84 -43.23
N SER E 8 15.12 -33.05 -43.11
CA SER E 8 15.01 -32.10 -42.01
C SER E 8 15.03 -32.80 -40.66
N ASP E 9 14.33 -33.95 -40.55
CA ASP E 9 14.38 -34.69 -39.29
C ASP E 9 15.76 -35.28 -39.05
N GLY E 10 16.49 -35.63 -40.11
CA GLY E 10 17.85 -36.07 -39.92
C GLY E 10 18.71 -34.99 -39.29
N TYR E 11 18.63 -33.77 -39.82
CA TYR E 11 19.47 -32.69 -39.34
C TYR E 11 19.18 -32.38 -37.88
N TRP E 12 17.89 -32.27 -37.53
CA TRP E 12 17.51 -32.01 -36.14
C TRP E 12 18.13 -33.06 -35.22
N ASP E 13 17.97 -34.34 -35.55
CA ASP E 13 18.45 -35.38 -34.66
C ASP E 13 19.98 -35.42 -34.61
N SER E 14 20.65 -35.06 -35.70
CA SER E 14 22.12 -34.98 -35.65
C SER E 14 22.56 -33.83 -34.76
N ALA E 15 21.98 -32.64 -34.96
CA ALA E 15 22.22 -31.51 -34.07
C ALA E 15 22.00 -31.89 -32.61
N ALA E 16 20.95 -32.66 -32.32
CA ALA E 16 20.73 -33.07 -30.94
C ALA E 16 21.78 -34.08 -30.49
N ARG E 17 22.14 -35.03 -31.35
CA ARG E 17 23.17 -36.01 -31.00
C ARG E 17 24.49 -35.33 -30.65
N LEU E 18 24.86 -34.32 -31.43
CA LEU E 18 26.15 -33.65 -31.29
C LEU E 18 26.20 -32.69 -30.11
N GLY E 19 25.18 -32.66 -29.26
CA GLY E 19 25.13 -31.73 -28.15
C GLY E 19 24.99 -30.26 -28.50
N VAL E 20 24.73 -29.93 -29.77
CA VAL E 20 24.62 -28.53 -30.21
C VAL E 20 23.20 -28.02 -30.30
N HIS E 21 22.20 -28.89 -30.15
CA HIS E 21 20.80 -28.50 -29.99
C HIS E 21 20.22 -29.26 -28.80
N GLY E 22 19.23 -28.64 -28.16
CA GLY E 22 18.49 -29.29 -27.09
C GLY E 22 19.34 -29.67 -25.90
N ALA E 23 20.40 -28.92 -25.61
CA ALA E 23 21.16 -29.20 -24.42
C ALA E 23 20.62 -28.39 -23.24
N VAL E 24 21.00 -28.82 -22.06
CA VAL E 24 20.59 -28.23 -20.80
C VAL E 24 21.82 -27.61 -20.17
N LEU E 25 21.89 -26.29 -20.19
CA LEU E 25 23.05 -25.54 -19.77
C LEU E 25 22.64 -24.49 -18.76
N GLN E 26 23.47 -24.29 -17.74
CA GLN E 26 23.26 -23.21 -16.78
C GLN E 26 23.86 -21.93 -17.34
N ALA E 27 23.17 -20.81 -17.11
CA ALA E 27 23.72 -19.52 -17.48
C ALA E 27 24.70 -19.08 -16.40
N VAL E 28 25.87 -18.61 -16.84
CA VAL E 28 27.02 -18.31 -15.98
C VAL E 28 27.43 -16.87 -16.27
N PRO E 29 27.93 -16.10 -15.30
CA PRO E 29 28.25 -14.69 -15.58
C PRO E 29 29.28 -14.54 -16.69
N GLY E 30 29.23 -13.39 -17.35
CA GLY E 30 30.14 -13.13 -18.45
C GLY E 30 29.71 -13.79 -19.74
N GLY E 31 28.41 -13.83 -20.02
CA GLY E 31 27.94 -14.36 -21.29
C GLY E 31 28.24 -15.81 -21.46
N ARG E 32 28.26 -16.58 -20.38
CA ARG E 32 28.79 -17.92 -20.41
C ARG E 32 27.71 -18.97 -20.14
N LEU E 33 28.00 -20.18 -20.60
CA LEU E 33 27.15 -21.33 -20.46
C LEU E 33 27.96 -22.42 -19.78
N SER E 34 27.38 -23.11 -18.83
CA SER E 34 28.07 -24.18 -18.12
C SER E 34 27.29 -25.47 -18.32
N ALA E 35 28.00 -26.53 -18.72
CA ALA E 35 27.34 -27.79 -19.00
C ALA E 35 27.34 -28.65 -17.77
N PRO E 36 26.43 -29.64 -17.71
CA PRO E 36 26.54 -30.64 -16.63
C PRO E 36 27.96 -31.14 -16.46
N ASP E 37 28.63 -31.54 -17.54
CA ASP E 37 29.96 -32.14 -17.49
C ASP E 37 31.08 -31.13 -17.19
N GLY E 38 30.76 -29.93 -16.72
CA GLY E 38 31.80 -29.01 -16.28
C GLY E 38 32.31 -28.06 -17.34
N ARG E 39 32.06 -28.33 -18.63
CA ARG E 39 32.48 -27.41 -19.68
C ARG E 39 31.86 -26.04 -19.45
N VAL E 40 32.67 -25.01 -19.62
CA VAL E 40 32.18 -23.64 -19.71
C VAL E 40 32.51 -23.11 -21.09
N ALA E 41 31.50 -22.55 -21.77
CA ALA E 41 31.69 -21.98 -23.09
C ALA E 41 31.19 -20.54 -23.09
N VAL E 42 31.77 -19.73 -23.96
CA VAL E 42 31.25 -18.40 -24.22
C VAL E 42 30.13 -18.52 -25.24
N ASN E 43 28.99 -17.88 -24.96
CA ASN E 43 27.83 -17.91 -25.86
C ASN E 43 28.00 -16.81 -26.91
N MET E 44 28.28 -17.21 -28.14
CA MET E 44 28.41 -16.28 -29.25
C MET E 44 27.09 -16.02 -29.97
N SER E 45 26.00 -16.62 -29.49
CA SER E 45 24.70 -16.48 -30.14
C SER E 45 23.62 -15.95 -29.21
N SER E 46 23.99 -15.31 -28.09
CA SER E 46 23.00 -14.72 -27.19
C SER E 46 22.29 -13.55 -27.87
N TYR E 47 21.00 -13.37 -27.57
CA TYR E 47 20.28 -12.26 -28.17
C TYR E 47 20.24 -11.02 -27.27
N SER E 48 20.75 -11.10 -26.04
CA SER E 48 20.79 -9.96 -25.14
C SER E 48 21.94 -9.04 -25.58
N TYR E 49 21.67 -8.24 -26.61
CA TYR E 49 22.72 -7.54 -27.32
C TYR E 49 23.49 -6.55 -26.46
N LEU E 50 22.88 -6.00 -25.40
CA LEU E 50 23.59 -5.07 -24.54
C LEU E 50 24.04 -5.70 -23.25
N GLY E 51 23.89 -7.03 -23.13
CA GLY E 51 24.24 -7.72 -21.92
C GLY E 51 23.35 -7.43 -20.72
N LEU E 52 22.19 -6.78 -20.93
CA LEU E 52 21.33 -6.42 -19.80
C LEU E 52 20.71 -7.63 -19.11
N ASP E 53 20.69 -8.81 -19.75
CA ASP E 53 20.27 -10.03 -19.07
C ASP E 53 21.17 -10.37 -17.87
N GLU E 54 22.27 -9.67 -17.69
CA GLU E 54 23.17 -9.87 -16.56
C GLU E 54 23.20 -8.67 -15.63
N SER E 55 22.34 -7.70 -15.85
CA SER E 55 22.37 -6.47 -15.09
C SER E 55 21.92 -6.74 -13.67
N PRO E 56 22.75 -6.46 -12.66
CA PRO E 56 22.24 -6.57 -11.27
C PRO E 56 21.07 -5.65 -10.98
N ARG E 57 21.10 -4.41 -11.49
CA ARG E 57 19.98 -3.48 -11.28
C ARG E 57 18.66 -4.11 -11.71
N ILE E 58 18.62 -4.67 -12.93
CA ILE E 58 17.38 -5.24 -13.45
C ILE E 58 16.98 -6.46 -12.64
N ILE E 59 17.92 -7.36 -12.39
CA ILE E 59 17.60 -8.56 -11.63
C ILE E 59 17.07 -8.20 -10.25
N ASP E 60 17.73 -7.26 -9.57
CA ASP E 60 17.29 -6.83 -8.24
C ASP E 60 15.89 -6.20 -8.29
N ALA E 61 15.61 -5.38 -9.30
CA ALA E 61 14.28 -4.79 -9.41
C ALA E 61 13.22 -5.86 -9.64
N ALA E 62 13.52 -6.86 -10.48
CA ALA E 62 12.57 -7.96 -10.66
C ALA E 62 12.25 -8.65 -9.33
N ILE E 63 13.27 -8.89 -8.51
CA ILE E 63 13.05 -9.53 -7.22
C ILE E 63 12.21 -8.63 -6.31
N ALA E 64 12.52 -7.33 -6.30
CA ALA E 64 11.80 -6.40 -5.43
C ALA E 64 10.32 -6.28 -5.80
N ALA E 65 9.99 -6.34 -7.11
CA ALA E 65 8.59 -6.24 -7.51
C ALA E 65 7.81 -7.46 -7.04
N LEU E 66 8.42 -8.63 -7.14
CA LEU E 66 7.77 -9.86 -6.68
C LEU E 66 7.61 -9.85 -5.17
N ARG E 67 8.69 -9.54 -4.45
CA ARG E 67 8.67 -9.58 -2.98
C ARG E 67 7.69 -8.57 -2.40
N SER E 68 7.61 -7.38 -2.99
CA SER E 68 6.76 -6.37 -2.35
C SER E 68 5.29 -6.50 -2.75
N ASN E 69 4.99 -6.94 -3.98
CA ASN E 69 3.61 -7.22 -4.35
C ASN E 69 3.13 -8.56 -3.81
N MET E 70 4.04 -9.52 -3.60
CA MET E 70 3.70 -10.86 -3.13
C MET E 70 2.61 -11.52 -3.99
N VAL E 71 2.49 -11.15 -5.26
CA VAL E 71 1.76 -11.95 -6.23
C VAL E 71 2.56 -12.03 -7.53
N LEU E 72 2.35 -13.11 -8.27
CA LEU E 72 2.86 -13.21 -9.63
C LEU E 72 2.01 -12.40 -10.60
N ASN E 73 0.69 -12.64 -10.62
CA ASN E 73 -0.19 -12.01 -11.61
C ASN E 73 -0.21 -10.50 -11.43
N SER E 74 -0.25 -9.77 -12.54
CA SER E 74 -0.32 -8.31 -12.48
C SER E 74 -1.71 -7.79 -12.73
N SER E 75 -2.61 -8.65 -13.24
CA SER E 75 -4.02 -8.47 -13.01
C SER E 75 -4.35 -8.84 -11.57
N LEU E 76 -5.59 -8.62 -11.20
CA LEU E 76 -6.04 -8.95 -9.85
C LEU E 76 -6.84 -10.25 -9.95
N GLY E 77 -6.09 -11.35 -10.06
CA GLY E 77 -6.71 -12.65 -10.30
C GLY E 77 -7.47 -12.63 -11.61
N ARG E 78 -7.01 -11.77 -12.52
CA ARG E 78 -7.46 -11.66 -13.91
C ARG E 78 -8.79 -10.94 -14.13
N VAL E 79 -9.13 -9.91 -13.36
CA VAL E 79 -10.50 -9.39 -13.35
C VAL E 79 -10.66 -8.10 -14.16
N ARG E 80 -9.75 -7.79 -15.09
CA ARG E 80 -9.78 -6.52 -15.83
C ARG E 80 -9.50 -5.33 -14.92
N MET E 81 -8.75 -5.56 -13.85
CA MET E 81 -8.11 -4.52 -13.09
C MET E 81 -6.60 -4.76 -13.15
N THR E 82 -5.82 -3.72 -12.90
CA THR E 82 -4.38 -3.82 -13.04
C THR E 82 -3.65 -3.30 -11.82
N LEU E 83 -2.61 -4.03 -11.41
CA LEU E 83 -1.74 -3.56 -10.33
C LEU E 83 -1.11 -2.21 -10.68
N PRO E 84 -0.78 -1.38 -9.68
CA PRO E 84 0.01 -0.18 -9.96
C PRO E 84 1.29 -0.47 -10.72
N LEU E 85 1.93 -1.61 -10.42
CA LEU E 85 3.16 -2.01 -11.09
C LEU E 85 2.99 -2.01 -12.61
N LEU E 86 1.89 -2.59 -13.10
CA LEU E 86 1.65 -2.63 -14.53
C LEU E 86 1.61 -1.24 -15.12
N GLU E 87 0.82 -0.36 -14.52
CA GLU E 87 0.74 1.02 -14.98
C GLU E 87 2.09 1.71 -14.94
N GLU E 88 2.86 1.52 -13.86
CA GLU E 88 4.18 2.12 -13.76
C GLU E 88 5.08 1.66 -14.92
N ALA E 89 5.07 0.34 -15.20
CA ALA E 89 5.86 -0.18 -16.32
C ALA E 89 5.43 0.44 -17.63
N GLU E 90 4.13 0.58 -17.86
CA GLU E 90 3.68 1.13 -19.13
C GLU E 90 3.91 2.62 -19.20
N CYS E 91 3.96 3.29 -18.07
CA CYS E 91 4.32 4.71 -18.09
C CYS E 91 5.82 4.85 -18.31
N ALA E 92 6.62 3.94 -17.75
CA ALA E 92 8.06 3.95 -18.03
C ALA E 92 8.33 3.74 -19.50
N LEU E 93 7.77 2.66 -20.08
CA LEU E 93 7.93 2.44 -21.52
C LEU E 93 7.40 3.61 -22.33
N GLY E 94 6.32 4.25 -21.84
CA GLY E 94 5.80 5.43 -22.51
C GLY E 94 6.74 6.62 -22.45
N ASP E 95 7.49 6.75 -21.35
CA ASP E 95 8.47 7.84 -21.24
C ASP E 95 9.68 7.57 -22.12
N LEU E 96 10.17 6.34 -22.09
CA LEU E 96 11.29 5.97 -22.93
C LEU E 96 10.99 6.25 -24.40
N PHE E 97 9.81 5.84 -24.87
CA PHE E 97 9.58 5.84 -26.30
C PHE E 97 8.92 7.13 -26.81
N GLY E 98 8.33 7.94 -25.93
CA GLY E 98 7.51 9.03 -26.42
C GLY E 98 6.22 8.58 -27.06
N ALA E 99 5.65 7.47 -26.58
CA ALA E 99 4.45 6.93 -27.21
C ALA E 99 3.57 6.25 -26.15
N ASP E 100 2.31 6.03 -26.53
CA ASP E 100 1.42 5.18 -25.75
C ASP E 100 1.85 3.72 -25.95
N VAL E 101 2.12 3.01 -24.84
CA VAL E 101 2.67 1.66 -24.91
C VAL E 101 1.90 0.73 -23.99
N ALA E 102 1.54 -0.46 -24.49
CA ALA E 102 1.01 -1.53 -23.66
C ALA E 102 1.94 -2.74 -23.66
N THR E 103 2.06 -3.41 -22.51
CA THR E 103 2.80 -4.65 -22.41
C THR E 103 1.89 -5.84 -22.72
N LEU E 104 2.52 -6.93 -23.17
CA LEU E 104 1.89 -8.22 -23.35
C LEU E 104 2.91 -9.26 -22.92
N ASN E 105 2.55 -10.53 -23.00
CA ASN E 105 3.47 -11.55 -22.52
C ASN E 105 4.51 -11.93 -23.57
N SER E 106 4.44 -11.35 -24.76
CA SER E 106 5.29 -11.72 -25.87
C SER E 106 5.06 -10.74 -27.01
N CYS E 107 6.09 -10.57 -27.83
CA CYS E 107 5.91 -9.81 -29.06
C CYS E 107 4.94 -10.52 -30.00
N SER E 108 4.96 -11.85 -29.99
CA SER E 108 4.03 -12.61 -30.82
C SER E 108 2.58 -12.29 -30.48
N ALA E 109 2.26 -12.26 -29.17
CA ALA E 109 0.92 -11.88 -28.75
C ALA E 109 0.59 -10.46 -29.20
N ALA E 110 1.58 -9.56 -29.18
CA ALA E 110 1.35 -8.21 -29.65
C ALA E 110 0.99 -8.21 -31.13
N ALA E 111 1.62 -9.10 -31.91
CA ALA E 111 1.27 -9.22 -33.32
C ALA E 111 -0.16 -9.72 -33.47
N TRP E 112 -0.47 -10.83 -32.80
CA TRP E 112 -1.82 -11.39 -32.76
C TRP E 112 -2.88 -10.37 -32.35
N ALA E 113 -2.56 -9.50 -31.40
CA ALA E 113 -3.55 -8.56 -30.89
C ALA E 113 -3.82 -7.41 -31.85
N THR E 114 -2.93 -7.13 -32.80
CA THR E 114 -3.04 -5.89 -33.57
C THR E 114 -3.22 -6.08 -35.06
N LEU E 115 -2.59 -7.09 -35.67
CA LEU E 115 -2.74 -7.26 -37.11
C LEU E 115 -4.20 -7.41 -37.54
N PRO E 116 -5.00 -8.30 -36.95
CA PRO E 116 -6.40 -8.41 -37.40
C PRO E 116 -7.21 -7.13 -37.27
N VAL E 117 -6.98 -6.30 -36.25
CA VAL E 117 -7.80 -5.09 -36.15
C VAL E 117 -7.22 -3.99 -37.03
N LEU E 118 -5.92 -4.00 -37.30
CA LEU E 118 -5.39 -3.15 -38.36
C LEU E 118 -6.06 -3.46 -39.68
N ALA E 119 -6.08 -4.74 -40.06
CA ALA E 119 -6.71 -5.17 -41.31
C ALA E 119 -8.19 -4.79 -41.39
N SER E 120 -8.87 -4.67 -40.23
CA SER E 120 -10.32 -4.50 -40.23
C SER E 120 -10.76 -3.05 -40.46
N GLY E 121 -9.85 -2.09 -40.35
CA GLY E 121 -10.16 -0.71 -40.61
C GLY E 121 -10.34 0.15 -39.39
N LEU E 122 -10.53 -0.47 -38.22
CA LEU E 122 -10.71 0.30 -37.01
C LEU E 122 -9.53 1.22 -36.74
N LEU E 123 -8.35 0.87 -37.22
CA LEU E 123 -7.18 1.71 -37.05
C LEU E 123 -6.99 2.70 -38.20
N THR E 124 -7.64 2.48 -39.34
CA THR E 124 -7.52 3.40 -40.48
C THR E 124 -8.85 4.08 -40.80
N ASP E 125 -9.45 4.73 -39.80
CA ASP E 125 -10.65 5.55 -39.96
C ASP E 125 -11.84 4.77 -40.52
N GLY E 126 -11.83 3.44 -40.40
CA GLY E 126 -12.91 2.62 -40.88
C GLY E 126 -12.69 2.03 -42.26
N VAL E 127 -11.75 2.56 -43.02
CA VAL E 127 -11.40 1.99 -44.31
C VAL E 127 -10.49 0.79 -44.07
N ALA E 128 -10.96 -0.40 -44.39
CA ALA E 128 -10.13 -1.58 -44.30
C ALA E 128 -8.96 -1.45 -45.27
N PRO E 129 -7.75 -1.31 -44.77
CA PRO E 129 -6.61 -1.06 -45.65
C PRO E 129 -6.15 -2.33 -46.34
N VAL E 130 -5.49 -2.13 -47.48
CA VAL E 130 -4.76 -3.21 -48.12
C VAL E 130 -3.53 -3.53 -47.26
N MET E 131 -3.37 -4.80 -46.91
CA MET E 131 -2.34 -5.26 -45.98
C MET E 131 -1.19 -5.88 -46.77
N VAL E 132 -0.09 -5.13 -46.91
CA VAL E 132 1.04 -5.57 -47.70
C VAL E 132 2.11 -6.12 -46.77
N PHE E 133 2.44 -7.39 -46.93
CA PHE E 133 3.42 -8.06 -46.08
C PHE E 133 4.76 -8.12 -46.80
N ASP E 134 5.82 -7.75 -46.10
CA ASP E 134 7.15 -7.97 -46.64
C ASP E 134 7.46 -9.46 -46.60
N LYS E 135 8.16 -9.93 -47.64
CA LYS E 135 8.40 -11.36 -47.78
C LYS E 135 9.15 -11.93 -46.59
N ARG E 136 10.00 -11.13 -45.95
CA ARG E 136 10.86 -11.63 -44.89
C ARG E 136 10.38 -11.21 -43.50
N ALA E 137 9.19 -10.63 -43.39
CA ALA E 137 8.65 -10.30 -42.09
C ALA E 137 8.60 -11.53 -41.20
N HIS E 138 8.88 -11.34 -39.91
CA HIS E 138 8.92 -12.46 -38.97
C HIS E 138 7.62 -13.26 -38.96
N PHE E 139 7.76 -14.57 -38.73
CA PHE E 139 6.63 -15.48 -38.80
C PHE E 139 5.49 -15.08 -37.86
N CYS E 140 5.79 -14.39 -36.74
CA CYS E 140 4.71 -14.04 -35.81
C CYS E 140 3.70 -13.12 -36.46
N MET E 141 4.14 -12.31 -37.43
CA MET E 141 3.23 -11.56 -38.29
C MET E 141 2.81 -12.33 -39.53
N ALA E 142 3.76 -13.04 -40.16
CA ALA E 142 3.47 -13.71 -41.41
C ALA E 142 2.47 -14.84 -41.23
N SER E 143 2.51 -15.54 -40.10
CA SER E 143 1.57 -16.64 -39.87
C SER E 143 0.14 -16.16 -39.65
N LEU E 144 -0.09 -14.86 -39.55
CA LEU E 144 -1.44 -14.34 -39.37
C LEU E 144 -1.99 -13.70 -40.64
N LYS E 145 -1.44 -14.04 -41.81
CA LYS E 145 -1.98 -13.50 -43.05
C LYS E 145 -3.43 -13.93 -43.26
N SER E 146 -3.73 -15.19 -42.92
CA SER E 146 -5.08 -15.72 -43.09
C SER E 146 -6.11 -14.97 -42.25
N LEU E 147 -5.73 -14.58 -41.02
CA LEU E 147 -6.62 -13.77 -40.21
C LEU E 147 -6.87 -12.42 -40.85
N CYS E 148 -5.81 -11.77 -41.33
CA CYS E 148 -5.99 -10.51 -42.04
C CYS E 148 -6.81 -10.71 -43.31
N ALA E 149 -6.60 -11.84 -44.00
CA ALA E 149 -7.29 -12.11 -45.27
C ALA E 149 -8.79 -12.19 -45.10
N ASP E 150 -9.29 -12.39 -43.88
CA ASP E 150 -10.73 -12.41 -43.64
C ASP E 150 -11.32 -11.03 -43.44
N GLU E 151 -10.50 -9.98 -43.35
CA GLU E 151 -10.99 -8.63 -43.13
C GLU E 151 -10.80 -7.72 -44.34
N THR E 152 -9.81 -8.01 -45.18
CA THR E 152 -9.35 -7.08 -46.21
C THR E 152 -8.45 -7.89 -47.15
N ARG E 153 -7.83 -7.20 -48.12
CA ARG E 153 -6.98 -7.88 -49.09
C ARG E 153 -5.54 -7.88 -48.59
N VAL E 154 -4.88 -9.04 -48.66
CA VAL E 154 -3.49 -9.16 -48.22
C VAL E 154 -2.64 -9.56 -49.43
N GLU E 155 -1.64 -8.73 -49.74
CA GLU E 155 -0.61 -9.03 -50.72
C GLU E 155 0.74 -9.12 -50.03
N THR E 156 1.66 -9.83 -50.67
CA THR E 156 3.03 -9.98 -50.19
C THR E 156 3.98 -9.50 -51.28
N ILE E 157 4.69 -8.40 -51.03
CA ILE E 157 5.71 -7.95 -51.98
C ILE E 157 7.05 -8.57 -51.64
N ARG E 158 7.99 -8.47 -52.59
CA ARG E 158 9.35 -8.95 -52.38
C ARG E 158 10.08 -8.04 -51.41
N HIS E 159 11.09 -8.62 -50.74
CA HIS E 159 11.78 -7.93 -49.65
C HIS E 159 12.24 -6.52 -50.04
N ASN E 160 11.80 -5.55 -49.25
CA ASN E 160 12.15 -4.14 -49.42
C ASN E 160 11.81 -3.58 -50.80
N ASP E 161 10.88 -4.23 -51.52
CA ASP E 161 10.51 -3.77 -52.86
C ASP E 161 9.59 -2.56 -52.71
N VAL E 162 10.19 -1.40 -52.48
CA VAL E 162 9.42 -0.18 -52.27
C VAL E 162 8.59 0.18 -53.49
N ASP E 163 9.10 -0.11 -54.69
CA ASP E 163 8.40 0.34 -55.90
C ASP E 163 7.06 -0.36 -56.06
N ALA E 164 7.04 -1.68 -55.87
CA ALA E 164 5.76 -2.39 -55.84
C ALA E 164 4.82 -1.79 -54.81
N LEU E 165 5.37 -1.42 -53.64
CA LEU E 165 4.57 -0.83 -52.57
C LEU E 165 4.00 0.52 -52.99
N ALA E 166 4.78 1.31 -53.73
CA ALA E 166 4.27 2.58 -54.25
C ALA E 166 3.08 2.36 -55.17
N ASP E 167 3.16 1.36 -56.07
CA ASP E 167 2.07 1.10 -56.99
C ASP E 167 0.79 0.76 -56.24
N ILE E 168 0.88 -0.08 -55.20
CA ILE E 168 -0.29 -0.43 -54.41
C ILE E 168 -0.87 0.82 -53.75
N CYS E 169 -0.02 1.80 -53.42
CA CYS E 169 -0.52 3.01 -52.78
C CYS E 169 -1.32 3.87 -53.75
N ARG E 170 -0.91 3.91 -55.02
CA ARG E 170 -1.65 4.69 -56.00
C ARG E 170 -2.98 4.03 -56.37
N LYS E 171 -3.06 2.70 -56.29
CA LYS E 171 -4.22 1.95 -56.76
C LYS E 171 -5.21 1.59 -55.65
N ASN E 172 -5.07 2.15 -54.44
CA ASN E 172 -5.97 1.83 -53.34
C ASN E 172 -6.06 3.03 -52.40
N LYS E 173 -7.20 3.14 -51.70
CA LYS E 173 -7.39 4.30 -50.82
C LYS E 173 -6.45 4.26 -49.63
N ARG E 174 -6.36 3.11 -48.95
CA ARG E 174 -5.53 2.93 -47.77
C ARG E 174 -4.67 1.68 -47.93
N VAL E 175 -3.39 1.78 -47.55
CA VAL E 175 -2.48 0.65 -47.58
C VAL E 175 -1.74 0.56 -46.24
N ALA E 176 -1.44 -0.67 -45.83
CA ALA E 176 -0.62 -0.95 -44.66
C ALA E 176 0.51 -1.87 -45.06
N TYR E 177 1.72 -1.57 -44.58
CA TYR E 177 2.92 -2.33 -44.89
C TYR E 177 3.46 -2.91 -43.59
N VAL E 178 3.67 -4.22 -43.58
CA VAL E 178 4.01 -4.98 -42.37
C VAL E 178 5.41 -5.54 -42.52
N CYS E 179 6.34 -5.09 -41.67
CA CYS E 179 7.73 -5.44 -41.88
C CYS E 179 8.50 -5.49 -40.56
N ASP E 180 9.74 -5.96 -40.66
CA ASP E 180 10.71 -5.83 -39.58
C ASP E 180 11.46 -4.51 -39.76
N SER E 181 11.83 -3.89 -38.63
CA SER E 181 12.81 -2.80 -38.70
C SER E 181 14.19 -3.34 -39.08
N VAL E 182 14.60 -4.42 -38.43
CA VAL E 182 15.93 -5.00 -38.56
C VAL E 182 15.73 -6.49 -38.82
N TYR E 183 16.05 -6.94 -40.03
CA TYR E 183 15.90 -8.34 -40.36
C TYR E 183 17.10 -9.11 -39.83
N SER E 184 16.84 -10.29 -39.27
CA SER E 184 17.90 -11.07 -38.63
C SER E 184 18.72 -11.85 -39.64
N THR E 185 18.15 -12.19 -40.80
CA THR E 185 18.89 -12.84 -41.87
C THR E 185 18.75 -12.00 -43.14
N GLY E 186 19.87 -11.85 -43.85
CA GLY E 186 20.00 -10.91 -44.94
C GLY E 186 20.73 -9.64 -44.55
N GLY E 187 20.89 -9.38 -43.26
CA GLY E 187 21.59 -8.19 -42.77
C GLY E 187 20.89 -6.88 -43.10
N THR E 188 19.74 -6.95 -43.77
CA THR E 188 19.11 -5.77 -44.32
C THR E 188 18.30 -5.03 -43.25
N LEU E 189 17.85 -3.84 -43.63
CA LEU E 189 17.11 -2.93 -42.78
C LEU E 189 15.90 -2.44 -43.54
N ALA E 190 14.85 -2.08 -42.80
CA ALA E 190 13.69 -1.50 -43.43
C ALA E 190 14.08 -0.18 -44.11
N PRO E 191 13.60 0.07 -45.33
CA PRO E 191 14.00 1.28 -46.10
C PRO E 191 13.27 2.53 -45.60
N LEU E 192 13.73 3.07 -44.47
CA LEU E 192 12.93 4.04 -43.73
C LEU E 192 12.66 5.32 -44.53
N GLU E 193 13.69 5.88 -45.17
CA GLU E 193 13.51 7.15 -45.86
C GLU E 193 12.47 7.03 -46.97
N GLU E 194 12.50 5.92 -47.72
CA GLU E 194 11.50 5.71 -48.75
C GLU E 194 10.13 5.46 -48.15
N LEU E 195 10.04 4.57 -47.16
CA LEU E 195 8.75 4.24 -46.53
C LEU E 195 8.10 5.48 -45.95
N PHE E 196 8.89 6.32 -45.26
CA PHE E 196 8.34 7.57 -44.73
C PHE E 196 7.84 8.47 -45.86
N ALA E 197 8.56 8.48 -46.99
CA ALA E 197 8.12 9.24 -48.16
C ALA E 197 6.76 8.76 -48.64
N LEU E 198 6.63 7.45 -48.90
CA LEU E 198 5.34 6.87 -49.27
C LEU E 198 4.25 7.16 -48.24
N GLN E 199 4.61 7.46 -47.00
CA GLN E 199 3.61 7.75 -45.98
C GLN E 199 3.21 9.22 -45.98
N LYS E 200 4.17 10.12 -46.18
CA LYS E 200 3.80 11.53 -46.36
C LYS E 200 2.96 11.70 -47.61
N GLU E 201 3.15 10.83 -48.60
CA GLU E 201 2.46 10.97 -49.88
C GLU E 201 1.07 10.36 -49.84
N PHE E 202 0.99 9.05 -49.67
CA PHE E 202 -0.27 8.34 -49.75
C PHE E 202 -0.89 8.06 -48.38
N GLY E 203 -0.19 8.37 -47.29
CA GLY E 203 -0.67 7.97 -45.99
C GLY E 203 -0.52 6.50 -45.73
N LEU E 204 0.55 5.89 -46.25
CA LEU E 204 0.80 4.48 -46.02
C LEU E 204 0.91 4.22 -44.52
N PHE E 205 0.24 3.17 -44.05
CA PHE E 205 0.36 2.78 -42.65
C PHE E 205 1.61 1.93 -42.46
N LEU E 206 2.43 2.30 -41.49
CA LEU E 206 3.70 1.63 -41.24
C LEU E 206 3.57 0.79 -39.97
N TYR E 207 3.84 -0.50 -40.11
CA TYR E 207 3.74 -1.47 -39.03
C TYR E 207 5.10 -2.18 -38.93
N PHE E 208 5.83 -1.91 -37.85
CA PHE E 208 7.21 -2.37 -37.71
C PHE E 208 7.34 -3.32 -36.52
N ASP E 209 7.91 -4.49 -36.79
CA ASP E 209 8.42 -5.36 -35.75
C ASP E 209 9.86 -4.93 -35.44
N GLU E 210 10.08 -4.44 -34.23
CA GLU E 210 11.31 -3.75 -33.84
C GLU E 210 12.18 -4.59 -32.91
N ALA E 211 11.97 -5.91 -32.88
CA ALA E 211 12.60 -6.78 -31.88
C ALA E 211 14.14 -6.71 -31.92
N HIS E 212 14.75 -6.68 -33.10
CA HIS E 212 16.20 -6.58 -33.17
C HIS E 212 16.69 -5.15 -33.19
N SER E 213 15.79 -4.18 -33.13
CA SER E 213 16.17 -2.78 -33.16
C SER E 213 16.15 -2.13 -31.78
N THR E 214 15.15 -2.48 -30.94
CA THR E 214 15.05 -1.96 -29.57
C THR E 214 16.32 -2.20 -28.76
N SER E 215 16.76 -1.16 -28.03
CA SER E 215 18.00 -1.11 -27.25
C SER E 215 19.26 -1.07 -28.13
N VAL E 216 19.29 -1.88 -29.20
CA VAL E 216 20.50 -2.01 -29.99
C VAL E 216 20.80 -0.71 -30.73
N ILE E 217 19.76 -0.08 -31.26
CA ILE E 217 19.87 1.04 -32.19
C ILE E 217 19.22 2.27 -31.57
N GLY E 218 19.92 3.39 -31.64
CA GLY E 218 19.28 4.67 -31.49
C GLY E 218 19.55 5.27 -30.12
N ASP E 219 19.34 6.58 -30.02
CA ASP E 219 19.52 7.26 -28.75
C ASP E 219 18.52 6.73 -27.72
N MET E 220 19.01 6.49 -26.51
CA MET E 220 18.28 5.85 -25.42
C MET E 220 17.74 4.46 -25.78
N GLY E 221 18.09 3.94 -26.94
CA GLY E 221 17.66 2.62 -27.33
C GLY E 221 16.29 2.55 -27.95
N ARG E 222 15.72 3.69 -28.32
CA ARG E 222 14.35 3.75 -28.82
C ARG E 222 14.18 3.03 -30.16
N GLY E 223 15.26 2.55 -30.75
CA GLY E 223 15.17 1.74 -31.94
C GLY E 223 15.25 2.57 -33.22
N TYR E 224 15.28 1.85 -34.33
CA TYR E 224 15.67 2.41 -35.62
C TYR E 224 14.59 3.34 -36.16
N VAL E 225 13.34 2.88 -36.20
CA VAL E 225 12.26 3.72 -36.68
C VAL E 225 12.12 4.97 -35.83
N LEU E 226 12.01 4.79 -34.51
CA LEU E 226 11.79 5.95 -33.65
C LEU E 226 12.96 6.91 -33.68
N ASP E 227 14.19 6.40 -33.86
CA ASP E 227 15.35 7.29 -33.87
C ASP E 227 15.37 8.17 -35.12
N ARG E 228 15.10 7.57 -36.28
CA ARG E 228 15.00 8.35 -37.51
C ARG E 228 13.75 9.23 -37.47
N MET E 229 12.62 8.65 -37.09
CA MET E 229 11.33 9.36 -37.13
C MET E 229 11.28 10.48 -36.12
N GLY E 230 12.00 10.35 -35.00
CA GLY E 230 11.93 11.32 -33.92
C GLY E 230 10.78 11.09 -32.97
N ALA E 231 9.60 11.57 -33.34
CA ALA E 231 8.38 11.39 -32.57
C ALA E 231 7.40 10.58 -33.41
N ILE E 232 6.79 9.56 -32.80
CA ILE E 232 5.88 8.72 -33.57
C ILE E 232 4.66 9.54 -33.98
N ASN E 233 4.03 9.14 -35.08
CA ASN E 233 2.82 9.80 -35.57
C ASN E 233 1.65 8.82 -35.58
N ASP E 234 0.48 9.34 -35.96
CA ASP E 234 -0.77 8.59 -35.92
C ASP E 234 -0.88 7.53 -37.02
N SER E 235 0.19 7.29 -37.80
CA SER E 235 0.13 6.34 -38.90
C SER E 235 1.17 5.24 -38.79
N THR E 236 1.84 5.13 -37.66
CA THR E 236 2.91 4.16 -37.46
C THR E 236 2.67 3.41 -36.16
N MET E 237 2.67 2.08 -36.24
CA MET E 237 2.64 1.23 -35.06
C MET E 237 3.93 0.42 -34.99
N LEU E 238 4.35 0.09 -33.76
CA LEU E 238 5.47 -0.82 -33.54
C LEU E 238 5.07 -1.93 -32.57
N ILE E 239 5.53 -3.14 -32.85
CA ILE E 239 5.56 -4.21 -31.87
C ILE E 239 7.02 -4.57 -31.61
N THR E 240 7.32 -5.01 -30.39
CA THR E 240 8.67 -5.42 -30.12
C THR E 240 8.70 -6.46 -29.01
N SER E 241 9.80 -7.16 -28.93
CA SER E 241 10.09 -8.03 -27.80
C SER E 241 10.96 -7.26 -26.82
N LEU E 242 10.82 -7.60 -25.54
CA LEU E 242 11.54 -6.92 -24.46
C LEU E 242 12.55 -7.84 -23.79
N ASN E 243 12.79 -9.04 -24.34
CA ASN E 243 13.75 -9.97 -23.76
C ASN E 243 14.90 -10.25 -24.71
N LYS E 244 15.17 -9.33 -25.65
CA LYS E 244 16.24 -9.45 -26.64
C LYS E 244 17.04 -8.15 -26.69
N GLY E 245 17.70 -7.82 -25.60
CA GLY E 245 18.52 -6.62 -25.58
C GLY E 245 17.99 -5.55 -24.68
N PHE E 246 16.66 -5.50 -24.49
CA PHE E 246 16.04 -4.69 -23.45
C PHE E 246 16.21 -5.32 -22.08
N GLY E 247 16.54 -6.61 -22.02
CA GLY E 247 16.88 -7.25 -20.76
C GLY E 247 15.74 -7.54 -19.79
N ALA E 248 14.49 -7.61 -20.28
CA ALA E 248 13.37 -8.00 -19.40
C ALA E 248 12.61 -9.21 -19.92
N SER E 249 11.29 -9.22 -19.79
CA SER E 249 10.45 -10.26 -20.37
C SER E 249 9.32 -9.62 -21.14
N GLY E 250 8.65 -10.41 -21.95
CA GLY E 250 7.45 -9.98 -22.59
C GLY E 250 7.68 -9.13 -23.82
N GLY E 251 6.57 -8.56 -24.29
CA GLY E 251 6.56 -7.76 -25.50
C GLY E 251 5.75 -6.50 -25.27
N ALA E 252 5.60 -5.72 -26.35
CA ALA E 252 4.99 -4.42 -26.22
C ALA E 252 4.39 -3.99 -27.54
N ILE E 253 3.34 -3.16 -27.45
CA ILE E 253 2.75 -2.47 -28.58
C ILE E 253 3.05 -1.00 -28.40
N VAL E 254 3.51 -0.35 -29.46
CA VAL E 254 3.66 1.10 -29.45
C VAL E 254 2.52 1.59 -30.33
N PHE E 255 1.45 2.07 -29.69
CA PHE E 255 0.23 2.41 -30.43
C PHE E 255 0.44 3.63 -31.30
N GLY E 256 1.17 4.61 -30.80
CA GLY E 256 1.28 5.87 -31.48
C GLY E 256 1.53 6.98 -30.49
N PRO E 257 1.12 8.20 -30.85
CA PRO E 257 1.32 9.34 -29.95
C PRO E 257 0.82 9.04 -28.55
N ARG E 258 1.55 9.55 -27.56
CA ARG E 258 1.25 9.33 -26.15
C ARG E 258 -0.06 9.96 -25.71
N ASP E 259 -0.52 11.02 -26.38
CA ASP E 259 -1.73 11.74 -25.98
C ASP E 259 -3.01 11.18 -26.58
N ASP E 260 -2.91 10.15 -27.43
CA ASP E 260 -4.07 9.59 -28.11
C ASP E 260 -4.35 8.20 -27.56
N ASP E 261 -5.50 8.05 -26.89
CA ASP E 261 -5.93 6.77 -26.35
C ASP E 261 -6.69 5.93 -27.34
N ARG E 262 -7.07 6.51 -28.49
CA ARG E 262 -8.06 5.87 -29.37
C ARG E 262 -7.60 4.49 -29.83
N LYS E 263 -6.34 4.37 -30.27
CA LYS E 263 -5.86 3.09 -30.78
C LYS E 263 -5.71 2.08 -29.65
N ARG E 264 -5.27 2.52 -28.47
CA ARG E 264 -5.19 1.61 -27.34
C ARG E 264 -6.59 1.11 -26.97
N LYS E 265 -7.58 2.01 -26.98
CA LYS E 265 -8.95 1.62 -26.63
C LYS E 265 -9.51 0.62 -27.62
N ILE E 266 -9.35 0.90 -28.92
CA ILE E 266 -9.84 0.02 -29.96
C ILE E 266 -9.29 -1.40 -29.79
N ILE E 267 -7.98 -1.51 -29.56
CA ILE E 267 -7.34 -2.82 -29.48
C ILE E 267 -7.58 -3.47 -28.13
N GLN E 268 -7.51 -2.69 -27.04
CA GLN E 268 -7.90 -3.22 -25.74
C GLN E 268 -9.35 -3.71 -25.72
N ARG E 269 -10.26 -3.05 -26.45
CA ARG E 269 -11.66 -3.50 -26.45
C ARG E 269 -11.97 -4.52 -27.54
N SER E 270 -10.99 -4.89 -28.33
CA SER E 270 -11.12 -5.87 -29.40
C SER E 270 -10.96 -7.26 -28.82
N SER E 271 -11.46 -8.26 -29.52
CA SER E 271 -11.36 -9.63 -29.04
C SER E 271 -9.99 -10.18 -29.41
N GLY E 272 -9.02 -10.09 -28.50
CA GLY E 272 -7.67 -10.51 -28.79
C GLY E 272 -6.84 -10.77 -27.55
N PRO E 273 -5.60 -11.21 -27.75
CA PRO E 273 -4.71 -11.49 -26.59
C PRO E 273 -4.61 -10.35 -25.59
N LEU E 274 -4.67 -9.08 -26.04
CA LEU E 274 -4.57 -7.98 -25.08
C LEU E 274 -5.73 -8.01 -24.09
N MET E 275 -6.85 -8.61 -24.48
CA MET E 275 -7.97 -8.77 -23.57
C MET E 275 -7.96 -10.10 -22.82
N TRP E 276 -7.70 -11.21 -23.51
CA TRP E 276 -7.94 -12.53 -22.96
C TRP E 276 -6.68 -13.30 -22.56
N SER E 277 -5.49 -12.78 -22.88
CA SER E 277 -4.27 -13.49 -22.53
C SER E 277 -3.53 -12.79 -21.38
N GLN E 278 -2.98 -13.61 -20.49
CA GLN E 278 -2.45 -13.16 -19.21
C GLN E 278 -1.39 -12.10 -19.40
N ARG E 279 -1.47 -11.08 -18.56
CA ARG E 279 -0.51 -9.99 -18.52
C ARG E 279 0.78 -10.48 -17.91
N LEU E 280 1.86 -9.72 -18.11
CA LEU E 280 3.18 -10.07 -17.58
C LEU E 280 3.11 -10.24 -16.07
N ASN E 281 3.92 -11.16 -15.54
CA ASN E 281 4.00 -11.34 -14.09
C ASN E 281 4.81 -10.21 -13.47
N THR E 282 4.72 -10.07 -12.14
CA THR E 282 5.31 -8.90 -11.49
C THR E 282 6.83 -8.85 -11.62
N PRO E 283 7.57 -9.97 -11.62
CA PRO E 283 9.02 -9.80 -11.81
C PRO E 283 9.31 -9.16 -13.15
N ALA E 284 8.56 -9.54 -14.20
CA ALA E 284 8.81 -8.96 -15.52
C ALA E 284 8.57 -7.46 -15.51
N LEU E 285 7.48 -7.00 -14.89
CA LEU E 285 7.18 -5.58 -14.91
C LEU E 285 8.21 -4.79 -14.12
N GLY E 286 8.72 -5.35 -13.03
CA GLY E 286 9.77 -4.68 -12.29
C GLY E 286 11.06 -4.55 -13.09
N ALA E 287 11.38 -5.58 -13.90
CA ALA E 287 12.56 -5.51 -14.75
C ALA E 287 12.37 -4.48 -15.86
N ILE E 288 11.17 -4.41 -16.43
CA ILE E 288 10.90 -3.45 -17.49
C ILE E 288 11.09 -2.03 -16.97
N ILE E 289 10.55 -1.74 -15.77
CA ILE E 289 10.72 -0.41 -15.17
C ILE E 289 12.19 -0.06 -15.01
N GLU E 290 12.96 -0.98 -14.42
CA GLU E 290 14.38 -0.69 -14.14
C GLU E 290 15.20 -0.62 -15.43
N SER E 291 14.94 -1.48 -16.41
CA SER E 291 15.59 -1.36 -17.70
C SER E 291 15.23 -0.04 -18.38
N ALA E 292 13.99 0.40 -18.23
CA ALA E 292 13.56 1.66 -18.84
C ALA E 292 14.30 2.86 -18.26
N LYS E 293 14.50 2.90 -16.93
CA LYS E 293 15.30 3.95 -16.33
C LYS E 293 16.74 3.86 -16.82
N LEU E 294 17.28 2.65 -16.81
CA LEU E 294 18.59 2.37 -17.38
C LEU E 294 18.69 2.88 -18.81
N HIS E 295 17.67 2.59 -19.63
CA HIS E 295 17.69 3.04 -21.01
C HIS E 295 17.73 4.56 -21.14
N ARG E 296 17.41 5.28 -20.07
CA ARG E 296 17.46 6.73 -20.09
C ARG E 296 18.71 7.29 -19.44
N SER E 297 19.46 6.48 -18.70
CA SER E 297 20.68 6.91 -18.04
C SER E 297 21.87 6.90 -19.01
N GLU E 298 23.02 7.32 -18.50
CA GLU E 298 24.25 7.24 -19.28
C GLU E 298 24.68 5.81 -19.58
N ALA E 299 24.12 4.82 -18.91
CA ALA E 299 24.57 3.46 -19.14
C ALA E 299 24.27 3.00 -20.56
N LEU E 300 23.15 3.46 -21.15
CA LEU E 300 22.79 2.99 -22.49
C LEU E 300 23.82 3.42 -23.53
N PRO E 301 24.13 4.73 -23.70
CA PRO E 301 25.19 5.07 -24.68
C PRO E 301 26.48 4.36 -24.40
N GLU E 302 26.78 4.08 -23.13
CA GLU E 302 28.00 3.34 -22.83
C GLU E 302 27.93 1.91 -23.35
N LEU E 303 26.82 1.21 -23.11
CA LEU E 303 26.68 -0.15 -23.60
C LEU E 303 26.59 -0.20 -25.12
N GLN E 304 26.04 0.84 -25.75
CA GLN E 304 26.08 0.85 -27.21
C GLN E 304 27.48 1.14 -27.70
N ALA E 305 28.28 1.87 -26.92
CA ALA E 305 29.65 2.11 -27.31
C ALA E 305 30.43 0.81 -27.30
N LYS E 306 30.29 0.06 -26.21
CA LYS E 306 30.94 -1.23 -26.11
C LYS E 306 30.48 -2.16 -27.22
N LEU E 307 29.20 -2.12 -27.58
CA LEU E 307 28.67 -3.01 -28.62
C LEU E 307 29.35 -2.73 -29.97
N HIS E 308 29.38 -1.46 -30.39
CA HIS E 308 29.97 -1.13 -31.67
C HIS E 308 31.46 -1.44 -31.68
N SER E 309 32.12 -1.13 -30.56
CA SER E 309 33.48 -1.57 -30.30
C SER E 309 33.65 -3.07 -30.58
N ASN E 310 32.82 -3.92 -29.96
CA ASN E 310 32.99 -5.36 -30.12
C ASN E 310 32.65 -5.83 -31.53
N ILE E 311 31.76 -5.11 -32.21
CA ILE E 311 31.49 -5.41 -33.61
C ILE E 311 32.71 -5.13 -34.46
N ALA E 312 33.26 -3.92 -34.31
CA ALA E 312 34.49 -3.55 -34.99
C ALA E 312 35.57 -4.60 -34.77
N LEU E 313 35.81 -5.00 -33.51
CA LEU E 313 36.80 -6.03 -33.25
C LEU E 313 36.49 -7.28 -34.04
N PHE E 314 35.24 -7.74 -33.98
CA PHE E 314 34.90 -9.01 -34.60
C PHE E 314 35.06 -8.95 -36.12
N ASP E 315 34.68 -7.84 -36.74
CA ASP E 315 34.75 -7.75 -38.18
C ASP E 315 36.19 -7.67 -38.69
N GLY E 316 37.12 -7.23 -37.84
CA GLY E 316 38.51 -7.21 -38.21
C GLY E 316 39.26 -8.50 -37.93
N LEU E 317 38.65 -9.43 -37.21
CA LEU E 317 39.29 -10.71 -36.94
C LEU E 317 38.65 -11.87 -37.69
N VAL E 318 37.35 -11.78 -38.00
CA VAL E 318 36.59 -12.87 -38.59
C VAL E 318 35.76 -12.26 -39.71
N ARG E 319 35.76 -12.88 -40.87
CA ARG E 319 34.95 -12.42 -41.99
C ARG E 319 33.69 -13.26 -42.07
N ALA E 320 32.55 -12.59 -42.25
CA ALA E 320 31.25 -13.21 -42.15
C ALA E 320 30.22 -12.32 -42.82
N ALA E 321 29.14 -12.94 -43.31
CA ALA E 321 28.05 -12.16 -43.91
C ALA E 321 27.55 -11.15 -42.89
N GLY E 322 27.38 -9.91 -43.34
CA GLY E 322 27.05 -8.82 -42.45
C GLY E 322 28.23 -7.93 -42.08
N GLN E 323 29.46 -8.35 -42.39
CA GLN E 323 30.65 -7.55 -42.10
C GLN E 323 30.47 -6.11 -42.57
N GLY E 324 30.67 -5.17 -41.66
CA GLY E 324 30.43 -3.76 -41.93
C GLY E 324 29.09 -3.22 -41.46
N ASN E 325 28.13 -4.09 -41.12
CA ASN E 325 26.83 -3.66 -40.60
C ASN E 325 26.99 -2.88 -39.30
N SER E 326 25.89 -2.25 -38.90
CA SER E 326 25.69 -1.78 -37.54
C SER E 326 24.85 -2.74 -36.70
N VAL E 327 24.12 -3.66 -37.34
CA VAL E 327 23.37 -4.67 -36.58
C VAL E 327 24.33 -5.77 -36.14
N PRO E 328 24.24 -6.23 -34.92
CA PRO E 328 25.23 -7.17 -34.39
C PRO E 328 24.88 -8.63 -34.68
N ILE E 329 24.51 -8.92 -35.92
CA ILE E 329 24.15 -10.26 -36.36
C ILE E 329 25.11 -10.65 -37.49
N ARG E 330 25.77 -11.80 -37.32
CA ARG E 330 26.75 -12.31 -38.27
C ARG E 330 26.42 -13.75 -38.63
N TYR E 331 26.69 -14.11 -39.89
CA TYR E 331 26.45 -15.45 -40.39
C TYR E 331 27.76 -16.00 -40.93
N LEU E 332 28.30 -17.01 -40.26
CA LEU E 332 29.49 -17.74 -40.72
C LEU E 332 29.02 -18.98 -41.46
N GLU E 333 28.76 -18.86 -42.76
CA GLU E 333 28.05 -19.94 -43.42
C GLU E 333 28.99 -20.88 -44.15
N LEU E 334 28.82 -22.16 -43.89
CA LEU E 334 29.60 -23.23 -44.48
C LEU E 334 28.81 -23.95 -45.56
N GLY E 335 27.56 -23.57 -45.77
CA GLY E 335 26.72 -24.09 -46.83
C GLY E 335 26.49 -25.59 -46.78
N SER E 336 26.94 -26.24 -45.73
CA SER E 336 26.87 -27.68 -45.63
C SER E 336 26.31 -28.04 -44.27
N GLU E 337 25.27 -28.85 -44.24
CA GLU E 337 24.64 -29.18 -42.98
C GLU E 337 25.61 -29.93 -42.05
N VAL E 338 26.27 -30.96 -42.58
CA VAL E 338 27.19 -31.74 -41.76
C VAL E 338 28.36 -30.88 -41.27
N ASP E 339 28.84 -29.98 -42.13
CA ASP E 339 29.98 -29.13 -41.76
C ASP E 339 29.61 -28.15 -40.66
N THR E 340 28.44 -27.52 -40.77
CA THR E 340 28.01 -26.56 -39.76
C THR E 340 27.78 -27.25 -38.42
N LEU E 341 27.18 -28.44 -38.46
CA LEU E 341 26.96 -29.17 -37.22
C LEU E 341 28.26 -29.51 -36.53
N GLU E 342 29.26 -29.96 -37.29
CA GLU E 342 30.53 -30.32 -36.68
C GLU E 342 31.42 -29.12 -36.42
N ALA E 343 31.25 -28.05 -37.19
CA ALA E 343 31.88 -26.78 -36.83
C ALA E 343 31.43 -26.34 -35.45
N SER E 344 30.12 -26.44 -35.18
CA SER E 344 29.56 -26.04 -33.90
C SER E 344 30.02 -26.98 -32.79
N ALA E 345 29.98 -28.29 -33.03
CA ALA E 345 30.47 -29.24 -32.03
C ALA E 345 31.92 -28.94 -31.65
N TYR E 346 32.77 -28.64 -32.65
CA TYR E 346 34.18 -28.37 -32.38
C TYR E 346 34.37 -27.06 -31.63
N LEU E 347 33.64 -26.01 -32.03
CA LEU E 347 33.77 -24.74 -31.33
C LEU E 347 33.35 -24.86 -29.87
N PHE E 348 32.30 -25.66 -29.59
CA PHE E 348 31.85 -25.81 -28.20
C PHE E 348 32.83 -26.65 -27.39
N ASP E 349 33.43 -27.66 -28.01
CA ASP E 349 34.51 -28.37 -27.31
C ASP E 349 35.72 -27.48 -27.07
N ASN E 350 35.79 -26.31 -27.72
CA ASN E 350 36.87 -25.38 -27.46
C ASN E 350 36.38 -24.07 -26.87
N GLY E 351 35.23 -24.08 -26.20
CA GLY E 351 34.81 -22.99 -25.33
C GLY E 351 33.91 -21.92 -25.93
N PHE E 352 33.25 -22.20 -27.04
CA PHE E 352 32.45 -21.19 -27.74
C PHE E 352 31.25 -21.84 -28.37
N TYR E 353 30.06 -21.40 -27.99
CA TYR E 353 28.83 -21.90 -28.58
C TYR E 353 28.36 -20.92 -29.64
N VAL E 354 28.04 -21.43 -30.81
CA VAL E 354 27.56 -20.64 -31.95
C VAL E 354 26.46 -21.47 -32.57
N GLU E 355 25.23 -20.95 -32.59
CA GLU E 355 24.12 -21.81 -32.96
C GLU E 355 24.21 -22.17 -34.44
N PRO E 356 23.99 -23.43 -34.77
CA PRO E 356 23.92 -23.83 -36.18
C PRO E 356 22.52 -23.61 -36.75
N ASP E 357 22.47 -23.09 -37.97
CA ASP E 357 21.23 -23.00 -38.73
C ASP E 357 21.35 -23.92 -39.94
N PHE E 358 20.45 -24.88 -40.01
CA PHE E 358 20.41 -25.86 -41.09
C PHE E 358 18.99 -25.95 -41.61
N PHE E 359 18.83 -26.58 -42.76
CA PHE E 359 17.49 -26.82 -43.29
C PHE E 359 16.71 -27.63 -42.25
N PRO E 360 15.46 -27.25 -41.93
CA PRO E 360 14.60 -26.24 -42.58
C PRO E 360 14.70 -24.79 -42.10
N ILE E 361 15.60 -24.44 -41.18
CA ILE E 361 15.74 -23.05 -40.77
C ILE E 361 16.24 -22.19 -41.93
N VAL E 362 17.18 -22.70 -42.71
CA VAL E 362 17.68 -22.02 -43.90
C VAL E 362 17.55 -22.98 -45.09
N SER E 363 17.83 -22.44 -46.29
CA SER E 363 17.77 -23.27 -47.49
C SER E 363 18.80 -24.39 -47.43
N ARG E 364 18.53 -25.46 -48.17
CA ARG E 364 19.50 -26.55 -48.25
C ARG E 364 20.78 -26.06 -48.89
N GLY E 365 21.91 -26.37 -48.27
CA GLY E 365 23.18 -25.93 -48.81
C GLY E 365 23.56 -24.51 -48.46
N ALA E 366 22.84 -23.86 -47.54
CA ALA E 366 23.19 -22.53 -47.05
C ALA E 366 23.23 -22.53 -45.53
N ALA E 367 23.53 -23.67 -44.92
CA ALA E 367 23.71 -23.78 -43.48
C ALA E 367 24.92 -22.97 -43.02
N GLY E 368 24.92 -22.62 -41.72
CA GLY E 368 26.00 -21.85 -41.16
C GLY E 368 25.78 -21.59 -39.69
N LEU E 369 26.71 -20.83 -39.11
CA LEU E 369 26.67 -20.48 -37.70
C LEU E 369 26.19 -19.04 -37.54
N ARG E 370 25.17 -18.86 -36.70
CA ARG E 370 24.62 -17.53 -36.43
C ARG E 370 25.30 -16.96 -35.19
N ALA E 371 26.14 -15.94 -35.37
CA ALA E 371 26.76 -15.26 -34.26
C ALA E 371 26.09 -13.91 -33.99
N ARG E 372 26.06 -13.52 -32.72
CA ARG E 372 25.54 -12.22 -32.31
C ARG E 372 26.53 -11.55 -31.37
N ILE E 373 26.85 -10.29 -31.64
CA ILE E 373 27.74 -9.50 -30.81
C ILE E 373 26.92 -8.84 -29.71
N ARG E 374 27.46 -8.84 -28.49
CA ARG E 374 26.81 -8.16 -27.38
C ARG E 374 27.83 -7.36 -26.57
N SER E 375 27.35 -6.29 -25.93
CA SER E 375 28.22 -5.47 -25.08
C SER E 375 28.99 -6.30 -24.07
N SER E 376 28.41 -7.39 -23.56
CA SER E 376 29.07 -8.14 -22.50
C SER E 376 30.18 -9.08 -23.02
N MET E 377 30.54 -9.00 -24.29
CA MET E 377 31.75 -9.69 -24.75
C MET E 377 32.99 -8.91 -24.35
N SER E 378 33.98 -9.59 -23.80
CA SER E 378 35.31 -9.00 -23.62
C SER E 378 36.11 -9.13 -24.91
N THR E 379 37.12 -8.24 -25.04
CA THR E 379 38.11 -8.34 -26.10
C THR E 379 38.70 -9.76 -26.20
N ALA E 380 39.00 -10.37 -25.06
CA ALA E 380 39.63 -11.69 -25.05
C ALA E 380 38.67 -12.78 -25.57
N ASP E 381 37.39 -12.71 -25.21
CA ASP E 381 36.41 -13.62 -25.78
C ASP E 381 36.42 -13.56 -27.30
N ILE E 382 36.40 -12.35 -27.85
CA ILE E 382 36.32 -12.20 -29.31
C ILE E 382 37.63 -12.61 -29.97
N GLU E 383 38.77 -12.29 -29.33
CA GLU E 383 40.04 -12.67 -29.92
C GLU E 383 40.24 -14.18 -29.79
N GLN E 384 39.88 -14.75 -28.64
CA GLN E 384 40.02 -16.18 -28.50
C GLN E 384 39.06 -16.91 -29.41
N PHE E 385 37.87 -16.33 -29.69
CA PHE E 385 36.98 -16.98 -30.64
C PHE E 385 37.61 -17.00 -32.03
N ALA E 386 38.07 -15.84 -32.51
CA ALA E 386 38.73 -15.75 -33.81
C ALA E 386 39.85 -16.78 -33.96
N HIS E 387 40.66 -16.92 -32.92
CA HIS E 387 41.74 -17.91 -32.98
C HIS E 387 41.20 -19.33 -33.08
N VAL E 388 40.10 -19.64 -32.36
CA VAL E 388 39.56 -20.99 -32.40
C VAL E 388 38.85 -21.24 -33.73
N TRP E 389 38.24 -20.19 -34.29
CA TRP E 389 37.55 -20.36 -35.57
C TRP E 389 38.54 -20.55 -36.71
N HIS E 390 39.65 -19.81 -36.68
CA HIS E 390 40.64 -19.93 -37.74
C HIS E 390 41.39 -21.26 -37.66
N LYS E 391 41.57 -21.82 -36.46
CA LYS E 391 42.18 -23.14 -36.37
C LYS E 391 41.34 -24.20 -37.05
N LEU E 392 40.03 -24.01 -37.10
CA LEU E 392 39.19 -24.99 -37.79
C LEU E 392 39.44 -24.94 -39.30
N GLY E 393 39.92 -23.81 -39.81
CA GLY E 393 40.14 -23.62 -41.24
C GLY E 393 40.93 -24.72 -41.94
N VAL E 394 41.74 -25.46 -41.17
CA VAL E 394 42.53 -26.59 -41.67
C VAL E 394 41.70 -27.60 -42.47
N ARG F 5 40.30 3.87 -3.01
CA ARG F 5 40.02 3.90 -1.58
C ARG F 5 40.73 2.76 -0.83
N HIS F 6 40.66 1.55 -1.37
CA HIS F 6 41.33 0.40 -0.72
C HIS F 6 42.83 0.64 -0.59
N LEU F 7 43.45 1.26 -1.60
CA LEU F 7 44.84 1.66 -1.49
C LEU F 7 45.01 2.73 -0.40
N SER F 8 44.10 3.70 -0.36
CA SER F 8 44.14 4.71 0.69
C SER F 8 44.01 4.05 2.05
N ASP F 9 43.02 3.16 2.21
CA ASP F 9 42.90 2.42 3.46
C ASP F 9 44.14 1.56 3.70
N GLY F 10 44.69 0.98 2.64
CA GLY F 10 45.98 0.29 2.75
C GLY F 10 47.08 1.21 3.23
N TYR F 11 47.07 2.47 2.79
CA TYR F 11 48.00 3.46 3.32
C TYR F 11 47.71 3.78 4.78
N TRP F 12 46.42 3.88 5.15
CA TRP F 12 46.08 4.13 6.55
C TRP F 12 46.67 3.05 7.45
N ASP F 13 46.58 1.78 7.04
CA ASP F 13 47.00 0.68 7.90
C ASP F 13 48.48 0.74 8.19
N SER F 14 49.28 0.94 7.15
CA SER F 14 50.73 1.08 7.32
C SER F 14 51.04 2.23 8.27
N ALA F 15 50.42 3.39 8.04
CA ALA F 15 50.61 4.55 8.93
C ALA F 15 50.40 4.18 10.39
N ALA F 16 49.29 3.47 10.69
CA ALA F 16 49.02 3.01 12.03
C ALA F 16 50.03 1.96 12.47
N ARG F 17 50.39 1.05 11.56
CA ARG F 17 51.35 0.01 11.88
C ARG F 17 52.73 0.61 12.15
N LEU F 18 53.11 1.64 11.39
CA LEU F 18 54.36 2.34 11.64
C LEU F 18 54.33 3.17 12.91
N GLY F 19 53.15 3.47 13.45
CA GLY F 19 53.07 4.30 14.64
C GLY F 19 53.06 5.79 14.40
N VAL F 20 52.97 6.23 13.13
CA VAL F 20 52.87 7.64 12.81
C VAL F 20 51.43 8.11 12.61
N HIS F 21 50.46 7.20 12.59
CA HIS F 21 49.05 7.55 12.71
C HIS F 21 48.45 6.79 13.87
N GLY F 22 47.49 7.42 14.54
CA GLY F 22 46.64 6.75 15.50
C GLY F 22 47.35 6.15 16.70
N ALA F 23 48.37 6.82 17.21
CA ALA F 23 49.06 6.34 18.39
C ALA F 23 48.69 7.20 19.58
N VAL F 24 49.00 6.70 20.76
CA VAL F 24 48.63 7.35 22.00
C VAL F 24 49.89 7.90 22.63
N LEU F 25 50.02 9.22 22.65
CA LEU F 25 51.16 9.89 23.25
C LEU F 25 50.68 10.93 24.26
N GLN F 26 51.50 11.14 25.28
CA GLN F 26 51.24 12.15 26.30
C GLN F 26 51.90 13.48 25.95
N ALA F 27 51.17 14.56 26.20
CA ALA F 27 51.70 15.90 26.01
C ALA F 27 52.82 16.15 27.01
N VAL F 28 53.96 16.62 26.50
CA VAL F 28 55.15 16.87 27.30
C VAL F 28 55.51 18.34 27.12
N PRO F 29 55.84 19.08 28.19
CA PRO F 29 56.12 20.51 28.04
C PRO F 29 57.27 20.77 27.05
N GLY F 30 57.20 21.93 26.40
CA GLY F 30 58.14 22.26 25.36
C GLY F 30 57.76 21.76 23.98
N GLY F 31 56.48 21.63 23.69
CA GLY F 31 56.02 21.14 22.40
C GLY F 31 56.40 19.70 22.13
N ARG F 32 56.34 18.85 23.14
CA ARG F 32 56.91 17.51 23.04
C ARG F 32 55.85 16.44 23.33
N LEU F 33 56.17 15.23 22.92
CA LEU F 33 55.33 14.06 23.03
C LEU F 33 56.15 12.92 23.61
N SER F 34 55.57 12.19 24.55
CA SER F 34 56.20 11.00 25.12
C SER F 34 55.39 9.77 24.74
N ALA F 35 56.05 8.81 24.11
CA ALA F 35 55.44 7.54 23.75
C ALA F 35 55.32 6.66 24.99
N PRO F 36 54.64 5.50 24.87
CA PRO F 36 54.69 4.50 25.96
C PRO F 36 56.10 4.10 26.38
N ASP F 37 57.01 3.91 25.42
CA ASP F 37 58.37 3.45 25.72
C ASP F 37 59.28 4.55 26.25
N GLY F 38 58.72 5.72 26.58
CA GLY F 38 59.53 6.83 27.06
C GLY F 38 60.21 7.65 25.99
N ARG F 39 60.12 7.26 24.72
CA ARG F 39 60.67 8.05 23.62
C ARG F 39 59.99 9.41 23.57
N VAL F 40 60.75 10.47 23.81
CA VAL F 40 60.26 11.84 23.77
C VAL F 40 60.64 12.46 22.43
N ALA F 41 59.66 13.05 21.74
CA ALA F 41 59.89 13.71 20.47
C ALA F 41 59.33 15.12 20.45
N VAL F 42 59.92 15.95 19.61
CA VAL F 42 59.42 17.29 19.32
C VAL F 42 58.30 17.18 18.27
N ASN F 43 57.18 17.83 18.54
CA ASN F 43 56.01 17.82 17.65
C ASN F 43 56.16 18.95 16.64
N MET F 44 56.57 18.61 15.41
CA MET F 44 56.75 19.63 14.37
C MET F 44 55.47 19.91 13.58
N SER F 45 54.33 19.36 14.01
CA SER F 45 53.09 19.52 13.26
C SER F 45 51.95 20.06 14.14
N SER F 46 52.24 20.49 15.35
CA SER F 46 51.22 21.05 16.23
C SER F 46 50.61 22.30 15.62
N TYR F 47 49.32 22.48 15.86
CA TYR F 47 48.60 23.64 15.36
C TYR F 47 48.56 24.79 16.36
N SER F 48 49.08 24.63 17.58
CA SER F 48 49.10 25.73 18.54
C SER F 48 50.21 26.70 18.16
N TYR F 49 49.93 27.50 17.12
CA TYR F 49 50.96 28.29 16.44
C TYR F 49 51.70 29.23 17.39
N LEU F 50 50.98 29.84 18.34
CA LEU F 50 51.66 30.75 19.25
C LEU F 50 52.14 30.07 20.52
N GLY F 51 52.05 28.73 20.59
CA GLY F 51 52.40 28.02 21.80
C GLY F 51 51.45 28.21 22.96
N LEU F 52 50.24 28.74 22.71
CA LEU F 52 49.35 29.11 23.81
C LEU F 52 48.72 27.90 24.49
N ASP F 53 48.78 26.71 23.88
CA ASP F 53 48.31 25.50 24.54
C ASP F 53 49.16 25.14 25.76
N GLU F 54 50.34 25.74 25.91
CA GLU F 54 51.17 25.61 27.10
C GLU F 54 51.19 26.88 27.94
N SER F 55 50.28 27.82 27.69
CA SER F 55 50.19 29.01 28.53
C SER F 55 49.65 28.68 29.91
N PRO F 56 50.41 28.84 30.98
CA PRO F 56 49.86 28.55 32.32
C PRO F 56 48.81 29.57 32.76
N ARG F 57 48.84 30.80 32.25
CA ARG F 57 47.76 31.75 32.49
C ARG F 57 46.44 31.22 31.97
N ILE F 58 46.42 30.76 30.73
CA ILE F 58 45.18 30.28 30.14
C ILE F 58 44.70 29.03 30.85
N ILE F 59 45.61 28.09 31.13
CA ILE F 59 45.22 26.84 31.78
C ILE F 59 44.65 27.11 33.17
N ASP F 60 45.20 28.10 33.89
CA ASP F 60 44.68 28.40 35.23
C ASP F 60 43.33 29.08 35.14
N ALA F 61 43.14 29.97 34.18
CA ALA F 61 41.84 30.59 33.99
C ALA F 61 40.79 29.53 33.69
N ALA F 62 41.16 28.53 32.90
CA ALA F 62 40.24 27.42 32.66
C ALA F 62 39.88 26.72 33.96
N ILE F 63 40.88 26.35 34.75
CA ILE F 63 40.59 25.70 36.04
C ILE F 63 39.77 26.62 36.91
N ALA F 64 40.11 27.92 36.94
CA ALA F 64 39.41 28.85 37.82
C ALA F 64 37.94 28.95 37.45
N ALA F 65 37.65 29.12 36.15
CA ALA F 65 36.27 29.25 35.71
C ALA F 65 35.45 28.03 36.10
N LEU F 66 36.06 26.84 36.04
CA LEU F 66 35.34 25.62 36.37
C LEU F 66 35.09 25.50 37.87
N ARG F 67 35.99 26.05 38.69
CA ARG F 67 35.84 25.93 40.13
C ARG F 67 34.89 26.97 40.70
N SER F 68 34.86 28.17 40.11
CA SER F 68 33.93 29.19 40.58
C SER F 68 32.50 28.87 40.17
N ASN F 69 32.31 28.33 38.96
CA ASN F 69 30.96 28.04 38.49
C ASN F 69 30.45 26.68 38.97
N MET F 70 31.35 25.74 39.24
CA MET F 70 31.01 24.39 39.70
C MET F 70 30.03 23.69 38.76
N VAL F 71 29.93 24.14 37.51
CA VAL F 71 29.21 23.40 36.48
C VAL F 71 30.05 23.36 35.22
N LEU F 72 29.80 22.34 34.41
CA LEU F 72 30.33 22.26 33.07
C LEU F 72 29.51 23.11 32.08
N ASN F 73 28.20 22.85 31.99
CA ASN F 73 27.37 23.53 31.00
C ASN F 73 27.40 25.03 31.23
N SER F 74 27.49 25.79 30.14
CA SER F 74 27.37 27.24 30.19
C SER F 74 25.95 27.70 29.92
N SER F 75 25.09 26.76 29.59
CA SER F 75 23.66 27.00 29.63
C SER F 75 23.23 26.63 31.03
N LEU F 76 21.92 26.75 31.27
CA LEU F 76 21.35 26.44 32.58
C LEU F 76 20.55 25.17 32.40
N GLY F 77 21.28 24.04 32.34
CA GLY F 77 20.66 22.77 32.00
C GLY F 77 20.03 22.80 30.62
N ARG F 78 20.58 23.64 29.74
CA ARG F 78 20.33 23.77 28.31
C ARG F 78 19.09 24.58 27.99
N VAL F 79 18.49 25.24 28.98
CA VAL F 79 17.42 26.18 28.68
C VAL F 79 18.01 27.34 27.88
N ARG F 80 17.16 28.21 27.34
CA ARG F 80 17.62 29.32 26.52
C ARG F 80 18.00 30.49 27.43
N MET F 81 19.05 30.25 28.22
CA MET F 81 19.68 31.24 29.08
C MET F 81 21.17 30.92 29.12
N THR F 82 21.97 31.87 29.62
CA THR F 82 23.42 31.70 29.65
C THR F 82 24.01 32.16 30.98
N LEU F 83 25.04 31.44 31.41
CA LEU F 83 25.90 31.88 32.51
C LEU F 83 26.57 33.22 32.21
N PRO F 84 26.78 34.06 33.22
CA PRO F 84 27.62 35.26 33.04
C PRO F 84 28.96 34.97 32.39
N LEU F 85 29.56 33.80 32.67
CA LEU F 85 30.84 33.47 32.03
C LEU F 85 30.73 33.49 30.51
N LEU F 86 29.66 32.93 29.95
CA LEU F 86 29.51 32.90 28.50
C LEU F 86 29.42 34.31 27.92
N GLU F 87 28.68 35.19 28.58
CA GLU F 87 28.59 36.57 28.11
C GLU F 87 29.93 37.27 28.20
N GLU F 88 30.66 37.04 29.30
CA GLU F 88 31.99 37.62 29.44
C GLU F 88 32.92 37.15 28.34
N ALA F 89 32.82 35.86 27.97
CA ALA F 89 33.68 35.36 26.89
C ALA F 89 33.31 35.98 25.55
N GLU F 90 32.02 36.15 25.27
CA GLU F 90 31.64 36.70 23.99
C GLU F 90 31.89 38.19 23.94
N CYS F 91 31.85 38.85 25.08
CA CYS F 91 32.23 40.25 25.11
C CYS F 91 33.74 40.41 24.96
N ALA F 92 34.52 39.51 25.57
CA ALA F 92 35.97 39.52 25.39
C ALA F 92 36.35 39.36 23.93
N LEU F 93 35.75 38.39 23.25
CA LEU F 93 36.02 38.25 21.81
C LEU F 93 35.41 39.39 21.03
N GLY F 94 34.35 40.02 21.56
CA GLY F 94 33.81 41.19 20.90
C GLY F 94 34.74 42.39 20.98
N ASP F 95 35.37 42.59 22.14
CA ASP F 95 36.35 43.66 22.26
C ASP F 95 37.58 43.37 21.41
N LEU F 96 38.00 42.11 21.33
CA LEU F 96 39.24 41.79 20.62
C LEU F 96 39.10 42.02 19.12
N PHE F 97 38.02 41.53 18.53
CA PHE F 97 37.82 41.65 17.08
C PHE F 97 37.08 42.93 16.69
N GLY F 98 36.49 43.65 17.65
CA GLY F 98 35.65 44.79 17.36
C GLY F 98 34.46 44.39 16.52
N ALA F 99 33.68 43.43 17.03
CA ALA F 99 32.59 42.84 16.28
C ALA F 99 31.70 42.05 17.24
N ASP F 100 30.46 41.83 16.80
CA ASP F 100 29.57 40.92 17.50
C ASP F 100 30.05 39.48 17.29
N VAL F 101 30.35 38.77 18.38
CA VAL F 101 30.90 37.42 18.26
C VAL F 101 30.08 36.45 19.10
N ALA F 102 29.70 35.32 18.52
CA ALA F 102 29.14 34.20 19.26
C ALA F 102 30.14 33.05 19.33
N THR F 103 30.14 32.33 20.44
CA THR F 103 30.92 31.10 20.56
C THR F 103 30.07 29.90 20.16
N LEU F 104 30.75 28.83 19.77
CA LEU F 104 30.12 27.56 19.47
C LEU F 104 31.11 26.49 19.89
N ASN F 105 30.66 25.25 19.92
CA ASN F 105 31.55 24.19 20.36
C ASN F 105 32.62 23.87 19.32
N SER F 106 32.50 24.40 18.10
CA SER F 106 33.50 24.16 17.07
C SER F 106 33.33 25.17 15.95
N CYS F 107 34.37 25.30 15.11
CA CYS F 107 34.25 26.08 13.89
C CYS F 107 33.34 25.39 12.89
N SER F 108 33.38 24.04 12.85
CA SER F 108 32.44 23.27 12.03
C SER F 108 30.99 23.64 12.35
N ALA F 109 30.62 23.68 13.64
CA ALA F 109 29.27 24.08 14.02
C ALA F 109 28.98 25.51 13.58
N ALA F 110 30.00 26.37 13.61
CA ALA F 110 29.84 27.72 13.10
C ALA F 110 29.49 27.72 11.62
N ALA F 111 30.10 26.82 10.85
CA ALA F 111 29.79 26.77 9.42
C ALA F 111 28.38 26.22 9.20
N TRP F 112 28.00 25.21 9.99
CA TRP F 112 26.68 24.59 9.85
C TRP F 112 25.57 25.58 10.18
N ALA F 113 25.77 26.40 11.20
CA ALA F 113 24.78 27.36 11.64
C ALA F 113 24.65 28.57 10.72
N THR F 114 25.67 28.88 9.93
CA THR F 114 25.67 30.13 9.19
C THR F 114 25.48 29.99 7.69
N LEU F 115 26.04 28.97 7.07
CA LEU F 115 26.02 28.89 5.60
C LEU F 115 24.62 28.63 5.04
N PRO F 116 23.79 27.79 5.68
CA PRO F 116 22.42 27.65 5.16
C PRO F 116 21.62 28.93 5.22
N VAL F 117 21.71 29.68 6.31
CA VAL F 117 20.91 30.89 6.42
C VAL F 117 21.45 31.98 5.49
N LEU F 118 22.76 31.99 5.22
CA LEU F 118 23.29 32.94 4.23
C LEU F 118 22.79 32.58 2.84
N ALA F 119 22.71 31.30 2.55
CA ALA F 119 22.18 30.85 1.27
C ALA F 119 20.74 31.29 1.08
N SER F 120 19.97 31.35 2.17
CA SER F 120 18.55 31.67 2.11
C SER F 120 18.26 33.14 1.81
N GLY F 121 19.25 34.03 1.88
CA GLY F 121 18.98 35.44 1.73
C GLY F 121 18.49 36.16 2.98
N LEU F 122 18.28 35.44 4.09
CA LEU F 122 17.94 36.13 5.33
C LEU F 122 19.03 37.11 5.77
N LEU F 123 20.27 36.91 5.33
CA LEU F 123 21.38 37.79 5.68
C LEU F 123 21.71 38.80 4.59
N THR F 124 20.98 38.78 3.47
CA THR F 124 21.22 39.71 2.37
C THR F 124 19.89 40.35 1.92
N ASP F 125 19.17 40.95 2.88
CA ASP F 125 17.92 41.68 2.63
C ASP F 125 16.91 40.82 1.87
N GLY F 126 16.74 39.56 2.30
CA GLY F 126 15.71 38.75 1.68
C GLY F 126 16.00 38.29 0.28
N VAL F 127 17.17 38.59 -0.27
CA VAL F 127 17.56 38.21 -1.62
C VAL F 127 18.56 37.06 -1.52
N ALA F 128 18.14 35.85 -1.88
CA ALA F 128 19.02 34.69 -1.90
C ALA F 128 20.21 34.97 -2.82
N PRO F 129 21.42 35.06 -2.27
CA PRO F 129 22.59 35.32 -3.11
C PRO F 129 23.01 34.07 -3.86
N VAL F 130 23.76 34.29 -4.94
CA VAL F 130 24.50 33.19 -5.54
C VAL F 130 25.63 32.80 -4.58
N MET F 131 25.64 31.53 -4.15
CA MET F 131 26.66 31.04 -3.23
C MET F 131 27.84 30.50 -4.02
N VAL F 132 28.94 31.25 -4.04
CA VAL F 132 30.14 30.89 -4.78
C VAL F 132 31.19 30.41 -3.80
N PHE F 133 31.61 29.15 -3.97
CA PHE F 133 32.59 28.49 -3.11
C PHE F 133 33.92 28.40 -3.83
N ASP F 134 34.97 28.92 -3.20
CA ASP F 134 36.32 28.67 -3.67
C ASP F 134 36.59 27.17 -3.74
N LYS F 135 37.36 26.76 -4.75
CA LYS F 135 37.68 25.35 -4.94
C LYS F 135 38.32 24.73 -3.71
N ARG F 136 39.11 25.50 -2.95
CA ARG F 136 39.88 24.97 -1.84
C ARG F 136 39.27 25.31 -0.48
N ALA F 137 37.99 25.66 -0.44
CA ALA F 137 37.34 25.93 0.83
C ALA F 137 37.37 24.68 1.69
N HIS F 138 37.67 24.88 2.98
CA HIS F 138 37.75 23.77 3.92
C HIS F 138 36.46 22.95 3.91
N PHE F 139 36.61 21.66 4.25
CA PHE F 139 35.51 20.72 4.13
C PHE F 139 34.31 21.14 4.97
N CYS F 140 34.54 21.72 6.15
CA CYS F 140 33.44 22.03 7.06
C CYS F 140 32.42 22.95 6.41
N MET F 141 32.84 23.75 5.43
CA MET F 141 31.96 24.56 4.61
C MET F 141 31.60 23.87 3.30
N ALA F 142 32.60 23.35 2.58
CA ALA F 142 32.33 22.76 1.27
C ALA F 142 31.38 21.57 1.36
N SER F 143 31.43 20.79 2.44
CA SER F 143 30.51 19.67 2.56
C SER F 143 29.07 20.10 2.83
N LEU F 144 28.82 21.40 2.94
CA LEU F 144 27.48 21.93 3.19
C LEU F 144 26.85 22.53 1.94
N LYS F 145 27.46 22.34 0.77
CA LYS F 145 26.93 22.95 -0.45
C LYS F 145 25.51 22.47 -0.72
N SER F 146 25.26 21.17 -0.55
CA SER F 146 23.94 20.62 -0.83
C SER F 146 22.85 21.33 -0.02
N LEU F 147 23.14 21.69 1.24
CA LEU F 147 22.15 22.44 2.02
C LEU F 147 21.98 23.84 1.45
N CYS F 148 23.07 24.44 0.99
CA CYS F 148 22.98 25.71 0.31
C CYS F 148 22.21 25.57 -0.99
N ALA F 149 22.48 24.49 -1.75
CA ALA F 149 21.78 24.22 -3.01
C ALA F 149 20.26 24.11 -2.84
N ASP F 150 19.77 23.80 -1.63
CA ASP F 150 18.33 23.79 -1.38
C ASP F 150 17.75 25.18 -1.21
N GLU F 151 18.58 26.20 -1.30
CA GLU F 151 18.14 27.57 -1.07
C GLU F 151 18.42 28.51 -2.22
N THR F 152 19.35 28.17 -3.11
CA THR F 152 19.81 29.11 -4.12
C THR F 152 20.80 28.38 -5.01
N ARG F 153 21.32 29.07 -6.02
CA ARG F 153 22.35 28.50 -6.89
C ARG F 153 23.69 28.47 -6.16
N VAL F 154 24.38 27.34 -6.28
CA VAL F 154 25.72 27.15 -5.73
C VAL F 154 26.69 27.02 -6.90
N GLU F 155 27.81 27.74 -6.82
CA GLU F 155 28.87 27.67 -7.80
C GLU F 155 30.18 27.40 -7.08
N THR F 156 31.05 26.61 -7.70
CA THR F 156 32.42 26.43 -7.24
C THR F 156 33.34 26.94 -8.33
N ILE F 157 34.14 27.95 -8.01
CA ILE F 157 35.05 28.54 -8.97
C ILE F 157 36.45 28.04 -8.66
N ARG F 158 37.32 28.16 -9.67
CA ARG F 158 38.74 27.87 -9.49
C ARG F 158 39.32 28.68 -8.34
N HIS F 159 40.24 28.06 -7.62
CA HIS F 159 40.90 28.68 -6.47
C HIS F 159 41.36 30.09 -6.77
N ASN F 160 40.83 31.05 -6.02
CA ASN F 160 41.26 32.46 -6.04
C ASN F 160 41.01 33.13 -7.39
N ASP F 161 40.17 32.55 -8.25
CA ASP F 161 39.86 33.13 -9.54
C ASP F 161 38.95 34.34 -9.37
N VAL F 162 39.56 35.49 -9.07
CA VAL F 162 38.75 36.68 -8.81
C VAL F 162 38.06 37.17 -10.07
N ASP F 163 38.54 36.76 -11.26
CA ASP F 163 37.91 37.20 -12.49
C ASP F 163 36.60 36.48 -12.73
N ALA F 164 36.58 35.14 -12.59
CA ALA F 164 35.33 34.41 -12.67
C ALA F 164 34.33 34.90 -11.62
N LEU F 165 34.83 35.32 -10.46
CA LEU F 165 33.98 35.88 -9.42
C LEU F 165 33.41 37.24 -9.83
N ALA F 166 34.21 38.04 -10.53
CA ALA F 166 33.74 39.35 -10.98
C ALA F 166 32.71 39.18 -12.09
N ASP F 167 32.90 38.21 -12.97
CA ASP F 167 31.87 37.90 -13.96
C ASP F 167 30.55 37.56 -13.28
N ILE F 168 30.60 36.79 -12.19
CA ILE F 168 29.38 36.41 -11.50
C ILE F 168 28.72 37.62 -10.85
N CYS F 169 29.52 38.53 -10.30
CA CYS F 169 28.96 39.73 -9.67
C CYS F 169 28.20 40.59 -10.66
N ARG F 170 28.68 40.66 -11.91
CA ARG F 170 28.05 41.48 -12.93
C ARG F 170 26.75 40.87 -13.45
N LYS F 171 26.61 39.55 -13.35
CA LYS F 171 25.48 38.84 -13.91
C LYS F 171 24.42 38.48 -12.88
N ASN F 172 24.59 38.86 -11.62
CA ASN F 172 23.61 38.49 -10.60
C ASN F 172 23.48 39.63 -9.60
N LYS F 173 22.27 39.75 -9.02
CA LYS F 173 21.98 40.89 -8.16
C LYS F 173 22.73 40.82 -6.83
N ARG F 174 22.94 39.63 -6.29
CA ARG F 174 23.67 39.49 -5.04
C ARG F 174 24.45 38.18 -5.06
N VAL F 175 25.71 38.27 -4.69
CA VAL F 175 26.63 37.13 -4.69
C VAL F 175 27.30 37.07 -3.32
N ALA F 176 27.56 35.87 -2.84
CA ALA F 176 28.37 35.65 -1.65
C ALA F 176 29.52 34.71 -2.01
N TYR F 177 30.72 35.02 -1.52
CA TYR F 177 31.91 34.21 -1.81
C TYR F 177 32.41 33.57 -0.52
N VAL F 178 32.53 32.23 -0.54
CA VAL F 178 32.86 31.44 0.64
C VAL F 178 34.27 30.88 0.45
N CYS F 179 35.18 31.18 1.39
CA CYS F 179 36.59 30.84 1.19
C CYS F 179 37.32 30.73 2.53
N ASP F 180 38.61 30.39 2.46
CA ASP F 180 39.53 30.50 3.60
C ASP F 180 40.31 31.81 3.52
N SER F 181 40.65 32.34 4.69
CA SER F 181 41.58 33.47 4.77
C SER F 181 42.98 33.00 4.44
N VAL F 182 43.40 31.92 5.09
CA VAL F 182 44.69 31.30 4.91
C VAL F 182 44.42 29.85 4.56
N TYR F 183 44.97 29.40 3.44
CA TYR F 183 44.84 28.01 3.03
C TYR F 183 46.02 27.22 3.58
N SER F 184 45.71 26.12 4.25
CA SER F 184 46.71 25.23 4.84
C SER F 184 47.40 24.33 3.83
N THR F 185 46.82 24.12 2.65
CA THR F 185 47.41 23.33 1.58
C THR F 185 47.50 24.20 0.35
N GLY F 186 48.72 24.43 -0.11
CA GLY F 186 48.97 25.38 -1.17
C GLY F 186 49.59 26.67 -0.70
N GLY F 187 49.63 26.92 0.62
CA GLY F 187 50.25 28.10 1.19
C GLY F 187 49.61 29.42 0.83
N THR F 188 48.61 29.41 -0.05
CA THR F 188 48.06 30.61 -0.63
C THR F 188 47.22 31.36 0.41
N LEU F 189 46.88 32.61 0.05
CA LEU F 189 46.07 33.49 0.85
C LEU F 189 44.89 33.99 0.00
N ALA F 190 43.84 34.43 0.68
CA ALA F 190 42.70 34.99 -0.04
C ALA F 190 43.09 36.33 -0.65
N PRO F 191 42.78 36.57 -1.91
CA PRO F 191 43.12 37.86 -2.53
C PRO F 191 42.30 39.03 -1.99
N LEU F 192 42.69 39.56 -0.84
CA LEU F 192 41.83 40.51 -0.13
C LEU F 192 41.61 41.80 -0.94
N GLU F 193 42.64 42.30 -1.63
CA GLU F 193 42.44 43.56 -2.36
C GLU F 193 41.40 43.40 -3.45
N GLU F 194 41.45 42.31 -4.20
CA GLU F 194 40.43 42.08 -5.22
C GLU F 194 39.06 41.88 -4.57
N LEU F 195 38.99 41.02 -3.54
CA LEU F 195 37.71 40.67 -2.96
C LEU F 195 37.01 41.89 -2.41
N PHE F 196 37.75 42.79 -1.78
CA PHE F 196 37.17 44.02 -1.24
C PHE F 196 36.80 45.01 -2.34
N ALA F 197 37.54 44.99 -3.46
CA ALA F 197 37.16 45.84 -4.59
C ALA F 197 35.82 45.41 -5.15
N LEU F 198 35.63 44.10 -5.34
CA LEU F 198 34.33 43.61 -5.78
C LEU F 198 33.22 43.96 -4.78
N GLN F 199 33.54 43.91 -3.49
CA GLN F 199 32.52 44.18 -2.48
C GLN F 199 32.09 45.63 -2.51
N LYS F 200 33.05 46.56 -2.65
CA LYS F 200 32.69 47.97 -2.77
C LYS F 200 31.93 48.25 -4.05
N GLU F 201 32.23 47.52 -5.13
CA GLU F 201 31.55 47.75 -6.39
C GLU F 201 30.19 47.06 -6.45
N PHE F 202 30.08 45.84 -5.93
CA PHE F 202 28.87 45.05 -6.14
C PHE F 202 28.10 44.69 -4.88
N GLY F 203 28.61 45.02 -3.69
CA GLY F 203 27.98 44.51 -2.50
C GLY F 203 28.22 43.03 -2.29
N LEU F 204 29.28 42.48 -2.89
CA LEU F 204 29.61 41.07 -2.73
C LEU F 204 29.77 40.73 -1.26
N PHE F 205 29.11 39.65 -0.83
CA PHE F 205 29.18 39.22 0.56
C PHE F 205 30.36 38.27 0.71
N LEU F 206 31.26 38.59 1.63
CA LEU F 206 32.51 37.86 1.84
C LEU F 206 32.41 37.01 3.11
N TYR F 207 32.62 35.70 2.97
CA TYR F 207 32.54 34.72 4.07
C TYR F 207 33.91 34.06 4.21
N PHE F 208 34.59 34.34 5.32
CA PHE F 208 35.97 33.91 5.53
C PHE F 208 36.06 32.90 6.67
N ASP F 209 36.65 31.74 6.38
CA ASP F 209 37.13 30.80 7.40
C ASP F 209 38.53 31.23 7.80
N GLU F 210 38.71 31.66 9.06
CA GLU F 210 39.92 32.31 9.55
C GLU F 210 40.71 31.40 10.48
N ALA F 211 40.46 30.09 10.43
CA ALA F 211 41.02 29.16 11.42
C ALA F 211 42.54 29.25 11.49
N HIS F 212 43.23 29.36 10.36
CA HIS F 212 44.69 29.43 10.35
C HIS F 212 45.20 30.85 10.40
N SER F 213 44.32 31.80 10.60
CA SER F 213 44.64 33.22 10.53
C SER F 213 44.47 33.90 11.87
N THR F 214 43.46 33.53 12.65
CA THR F 214 43.34 33.98 14.04
C THR F 214 44.66 33.77 14.78
N SER F 215 45.10 34.82 15.47
CA SER F 215 46.28 34.86 16.34
C SER F 215 47.59 34.94 15.55
N VAL F 216 47.69 34.20 14.45
CA VAL F 216 48.94 34.16 13.70
C VAL F 216 49.23 35.50 13.05
N ILE F 217 48.20 36.10 12.45
CA ILE F 217 48.28 37.26 11.57
C ILE F 217 47.62 38.45 12.26
N GLY F 218 48.27 39.59 12.22
CA GLY F 218 47.52 40.80 12.52
C GLY F 218 47.88 41.40 13.87
N ASP F 219 47.71 42.70 13.97
CA ASP F 219 47.80 43.36 15.25
C ASP F 219 46.79 42.75 16.21
N MET F 220 47.23 42.47 17.43
CA MET F 220 46.45 41.77 18.44
C MET F 220 45.95 40.42 17.96
N GLY F 221 46.40 39.96 16.80
CA GLY F 221 46.01 38.63 16.33
C GLY F 221 44.59 38.56 15.83
N ARG F 222 44.02 39.70 15.44
CA ARG F 222 42.66 39.75 14.90
C ARG F 222 42.52 39.05 13.57
N GLY F 223 43.63 38.60 12.97
CA GLY F 223 43.59 37.77 11.77
C GLY F 223 43.77 38.58 10.50
N TYR F 224 43.88 37.84 9.40
CA TYR F 224 44.25 38.41 8.11
C TYR F 224 43.26 39.46 7.65
N VAL F 225 41.97 39.11 7.62
CA VAL F 225 40.95 39.97 7.02
C VAL F 225 40.71 41.22 7.85
N LEU F 226 40.66 41.09 9.17
CA LEU F 226 40.39 42.25 10.01
C LEU F 226 41.61 43.17 10.14
N ASP F 227 42.81 42.65 9.93
CA ASP F 227 43.99 43.50 10.00
C ASP F 227 44.06 44.43 8.80
N ARG F 228 43.72 43.93 7.61
CA ARG F 228 43.63 44.79 6.43
C ARG F 228 42.36 45.64 6.46
N MET F 229 41.23 45.00 6.70
CA MET F 229 39.95 45.68 6.62
C MET F 229 39.78 46.71 7.73
N GLY F 230 40.41 46.48 8.88
CA GLY F 230 40.30 47.42 9.98
C GLY F 230 39.06 47.20 10.82
N ALA F 231 37.92 47.58 10.27
CA ALA F 231 36.66 47.44 10.97
C ALA F 231 35.73 46.64 10.06
N ILE F 232 35.14 45.58 10.61
CA ILE F 232 34.26 44.73 9.83
C ILE F 232 33.01 45.51 9.44
N ASN F 233 32.58 45.32 8.20
CA ASN F 233 31.37 45.96 7.70
C ASN F 233 30.20 44.96 7.77
N ASP F 234 29.06 45.37 7.23
CA ASP F 234 27.85 44.58 7.29
C ASP F 234 27.73 43.58 6.15
N SER F 235 28.77 43.43 5.33
CA SER F 235 28.75 42.48 4.23
C SER F 235 29.89 41.46 4.37
N THR F 236 30.48 41.36 5.56
CA THR F 236 31.60 40.47 5.79
C THR F 236 31.37 39.67 7.06
N MET F 237 31.63 38.37 7.00
CA MET F 237 31.39 37.45 8.11
C MET F 237 32.60 36.54 8.26
N LEU F 238 32.95 36.22 9.51
CA LEU F 238 34.05 35.33 9.78
C LEU F 238 33.59 34.12 10.60
N ILE F 239 34.19 32.96 10.34
CA ILE F 239 34.11 31.83 11.24
C ILE F 239 35.54 31.41 11.54
N THR F 240 35.76 30.94 12.76
CA THR F 240 37.11 30.53 13.09
C THR F 240 37.07 29.48 14.18
N SER F 241 38.16 28.72 14.28
CA SER F 241 38.38 27.78 15.36
C SER F 241 39.26 28.43 16.41
N LEU F 242 38.98 28.15 17.69
CA LEU F 242 39.65 28.83 18.79
C LEU F 242 40.63 27.91 19.49
N ASN F 243 40.89 26.72 18.97
CA ASN F 243 41.80 25.79 19.61
C ASN F 243 43.07 25.56 18.80
N LYS F 244 43.44 26.54 17.92
CA LYS F 244 44.58 26.47 16.95
C LYS F 244 45.38 27.77 16.97
N GLY F 245 46.10 28.04 18.03
CA GLY F 245 46.76 29.34 17.97
C GLY F 245 46.22 30.33 18.98
N PHE F 246 44.87 30.41 19.08
CA PHE F 246 44.22 31.15 20.17
C PHE F 246 44.39 30.45 21.51
N GLY F 247 44.67 29.15 21.52
CA GLY F 247 44.98 28.47 22.76
C GLY F 247 43.79 28.15 23.65
N ALA F 248 42.59 28.05 23.08
CA ALA F 248 41.38 27.79 23.87
C ALA F 248 40.62 26.59 23.33
N SER F 249 39.33 26.77 23.20
CA SER F 249 38.50 25.63 22.86
C SER F 249 37.30 26.19 22.13
N GLY F 250 36.69 25.37 21.26
CA GLY F 250 35.50 25.79 20.52
C GLY F 250 35.82 26.59 19.27
N GLY F 251 34.83 27.42 18.90
CA GLY F 251 34.90 28.19 17.66
C GLY F 251 33.95 29.37 17.77
N ALA F 252 33.88 30.18 16.72
CA ALA F 252 33.17 31.43 16.86
C ALA F 252 32.70 31.93 15.51
N ILE F 253 31.50 32.53 15.50
CA ILE F 253 31.02 33.33 14.38
C ILE F 253 31.35 34.78 14.67
N VAL F 254 31.95 35.46 13.70
CA VAL F 254 32.09 36.91 13.74
C VAL F 254 31.03 37.46 12.79
N PHE F 255 29.88 37.85 13.37
CA PHE F 255 28.71 38.20 12.56
C PHE F 255 28.95 39.43 11.70
N GLY F 256 29.50 40.48 12.29
CA GLY F 256 29.46 41.79 11.71
C GLY F 256 29.75 42.82 12.77
N PRO F 257 29.43 44.08 12.48
CA PRO F 257 29.79 45.15 13.42
C PRO F 257 29.08 45.00 14.76
N ARG F 258 29.80 45.34 15.83
CA ARG F 258 29.34 45.19 17.20
C ARG F 258 28.00 45.87 17.47
N ASP F 259 27.62 46.87 16.67
CA ASP F 259 26.45 47.69 16.96
C ASP F 259 25.18 47.18 16.29
N ASP F 260 25.22 46.03 15.63
CA ASP F 260 24.10 45.53 14.85
C ASP F 260 23.82 44.10 15.30
N ASP F 261 22.70 43.90 15.97
CA ASP F 261 22.38 42.60 16.51
C ASP F 261 21.53 41.77 15.57
N ARG F 262 21.27 42.28 14.37
CA ARG F 262 20.29 41.63 13.49
C ARG F 262 20.79 40.29 12.97
N LYS F 263 22.06 40.21 12.56
CA LYS F 263 22.57 38.93 12.06
C LYS F 263 22.63 37.88 13.16
N ARG F 264 23.03 38.28 14.38
CA ARG F 264 22.98 37.35 15.50
C ARG F 264 21.56 36.84 15.74
N LYS F 265 20.58 37.74 15.77
CA LYS F 265 19.22 37.29 16.06
C LYS F 265 18.68 36.38 14.97
N ILE F 266 18.96 36.72 13.71
CA ILE F 266 18.59 35.84 12.61
C ILE F 266 19.24 34.47 12.74
N ILE F 267 20.54 34.43 13.08
CA ILE F 267 21.20 33.13 13.19
C ILE F 267 20.64 32.35 14.38
N GLN F 268 20.53 33.03 15.54
CA GLN F 268 20.07 32.35 16.75
C GLN F 268 18.68 31.79 16.58
N ARG F 269 17.81 32.49 15.84
CA ARG F 269 16.43 32.03 15.71
C ARG F 269 16.26 31.02 14.58
N SER F 270 17.31 30.74 13.82
CA SER F 270 17.27 29.74 12.76
C SER F 270 17.45 28.34 13.31
N SER F 271 16.89 27.37 12.59
CA SER F 271 17.05 25.98 12.98
C SER F 271 18.45 25.48 12.68
N GLY F 272 19.37 25.63 13.63
CA GLY F 272 20.73 25.24 13.41
C GLY F 272 21.48 24.96 14.69
N PRO F 273 22.75 24.54 14.57
CA PRO F 273 23.55 24.17 15.75
C PRO F 273 23.67 25.30 16.76
N LEU F 274 23.73 26.56 16.32
CA LEU F 274 23.79 27.64 17.29
C LEU F 274 22.55 27.67 18.19
N MET F 275 21.43 27.10 17.75
CA MET F 275 20.26 27.00 18.61
C MET F 275 20.19 25.68 19.37
N TRP F 276 20.41 24.56 18.69
CA TRP F 276 20.06 23.29 19.26
C TRP F 276 21.28 22.48 19.73
N SER F 277 22.48 23.02 19.61
CA SER F 277 23.67 22.25 19.95
C SER F 277 24.40 22.91 21.11
N GLN F 278 24.93 22.06 22.01
CA GLN F 278 25.44 22.47 23.30
C GLN F 278 26.50 23.56 23.18
N ARG F 279 26.46 24.50 24.12
CA ARG F 279 27.43 25.58 24.15
C ARG F 279 28.73 25.08 24.79
N LEU F 280 29.79 25.88 24.66
CA LEU F 280 31.08 25.54 25.25
C LEU F 280 30.94 25.38 26.77
N ASN F 281 31.73 24.45 27.33
CA ASN F 281 31.77 24.25 28.77
C ASN F 281 32.59 25.37 29.43
N THR F 282 32.59 25.38 30.77
CA THR F 282 33.09 26.54 31.49
C THR F 282 34.61 26.65 31.46
N PRO F 283 35.39 25.56 31.47
CA PRO F 283 36.84 25.73 31.32
C PRO F 283 37.23 26.34 29.99
N ALA F 284 36.58 25.93 28.89
CA ALA F 284 36.84 26.54 27.60
C ALA F 284 36.53 28.04 27.61
N LEU F 285 35.38 28.41 28.16
CA LEU F 285 35.02 29.82 28.17
C LEU F 285 35.99 30.63 29.02
N GLY F 286 36.38 30.09 30.17
CA GLY F 286 37.41 30.74 30.97
C GLY F 286 38.69 30.94 30.20
N ALA F 287 39.11 29.91 29.45
CA ALA F 287 40.29 30.00 28.61
C ALA F 287 40.13 31.10 27.56
N ILE F 288 38.97 31.13 26.89
CA ILE F 288 38.71 32.17 25.90
C ILE F 288 38.88 33.56 26.50
N ILE F 289 38.34 33.78 27.71
CA ILE F 289 38.49 35.08 28.35
C ILE F 289 39.96 35.41 28.59
N GLU F 290 40.70 34.48 29.19
CA GLU F 290 42.11 34.75 29.50
C GLU F 290 42.93 34.96 28.24
N SER F 291 42.74 34.09 27.24
CA SER F 291 43.46 34.25 25.99
C SER F 291 43.13 35.58 25.31
N ALA F 292 41.87 36.01 25.38
CA ALA F 292 41.53 37.32 24.84
C ALA F 292 42.31 38.43 25.55
N LYS F 293 42.42 38.36 26.89
CA LYS F 293 43.26 39.33 27.61
C LYS F 293 44.69 39.29 27.09
N LEU F 294 45.19 38.09 26.83
CA LEU F 294 46.54 37.90 26.33
C LEU F 294 46.71 38.53 24.95
N HIS F 295 45.72 38.35 24.07
CA HIS F 295 45.77 38.90 22.72
C HIS F 295 45.71 40.41 22.67
N ARG F 296 45.35 41.08 23.76
CA ARG F 296 45.38 42.54 23.79
C ARG F 296 46.58 43.08 24.57
N SER F 297 47.28 42.22 25.30
CA SER F 297 48.51 42.58 25.97
C SER F 297 49.67 42.58 24.98
N GLU F 298 50.85 42.94 25.48
CA GLU F 298 52.08 42.96 24.70
C GLU F 298 52.66 41.56 24.49
N ALA F 299 52.12 40.55 25.16
CA ALA F 299 52.61 39.19 24.95
C ALA F 299 52.31 38.71 23.53
N LEU F 300 51.19 39.17 22.94
CA LEU F 300 50.87 38.70 21.59
C LEU F 300 51.89 39.17 20.56
N PRO F 301 52.27 40.46 20.50
CA PRO F 301 53.30 40.84 19.50
C PRO F 301 54.62 40.16 19.76
N GLU F 302 54.92 39.92 21.04
CA GLU F 302 56.13 39.17 21.37
C GLU F 302 56.09 37.76 20.83
N LEU F 303 54.96 37.05 21.02
CA LEU F 303 54.87 35.68 20.52
C LEU F 303 54.91 35.65 19.00
N GLN F 304 54.37 36.67 18.35
CA GLN F 304 54.38 36.72 16.89
C GLN F 304 55.80 36.96 16.38
N ALA F 305 56.56 37.83 17.06
CA ALA F 305 57.97 37.99 16.73
C ALA F 305 58.70 36.68 16.86
N LYS F 306 58.43 35.94 17.94
CA LYS F 306 59.08 34.66 18.15
C LYS F 306 58.72 33.69 17.03
N LEU F 307 57.47 33.74 16.56
CA LEU F 307 57.03 32.84 15.50
C LEU F 307 57.71 33.14 14.16
N HIS F 308 57.82 34.41 13.80
CA HIS F 308 58.42 34.76 12.52
C HIS F 308 59.90 34.44 12.50
N SER F 309 60.56 34.61 13.64
CA SER F 309 61.96 34.26 13.71
C SER F 309 62.13 32.76 13.55
N ASN F 310 61.17 31.97 14.05
CA ASN F 310 61.28 30.53 13.90
C ASN F 310 61.02 30.13 12.46
N ILE F 311 60.10 30.82 11.79
CA ILE F 311 59.85 30.57 10.38
C ILE F 311 61.08 30.89 9.55
N ALA F 312 61.69 32.05 9.83
CA ALA F 312 62.91 32.43 9.11
C ALA F 312 64.02 31.42 9.36
N LEU F 313 64.20 30.99 10.62
CA LEU F 313 65.21 29.99 10.94
C LEU F 313 64.99 28.72 10.12
N PHE F 314 63.77 28.18 10.18
CA PHE F 314 63.38 27.01 9.41
C PHE F 314 63.63 27.20 7.92
N ASP F 315 63.10 28.28 7.35
CA ASP F 315 63.25 28.52 5.93
C ASP F 315 64.69 28.54 5.49
N GLY F 316 65.61 28.97 6.36
CA GLY F 316 67.01 29.00 6.00
C GLY F 316 67.70 27.65 6.07
N LEU F 317 67.13 26.70 6.83
CA LEU F 317 67.78 25.41 7.01
C LEU F 317 67.13 24.30 6.20
N VAL F 318 65.90 24.47 5.75
CA VAL F 318 65.09 23.40 5.18
C VAL F 318 64.32 23.94 3.99
N ARG F 319 64.42 23.27 2.85
CA ARG F 319 63.65 23.63 1.68
C ARG F 319 62.31 22.91 1.72
N ALA F 320 61.23 23.68 1.68
CA ALA F 320 59.89 23.15 1.85
C ALA F 320 58.88 24.01 1.10
N ALA F 321 57.84 23.37 0.59
CA ALA F 321 56.77 24.11 -0.05
C ALA F 321 56.22 25.13 0.95
N GLY F 322 56.00 26.35 0.48
CA GLY F 322 55.71 27.47 1.35
C GLY F 322 56.90 28.37 1.68
N GLN F 323 58.13 27.93 1.39
CA GLN F 323 59.33 28.66 1.81
C GLN F 323 59.30 30.11 1.35
N GLY F 324 59.47 31.02 2.30
CA GLY F 324 59.28 32.43 2.06
C GLY F 324 57.96 32.99 2.56
N ASN F 325 56.93 32.15 2.75
CA ASN F 325 55.66 32.63 3.28
C ASN F 325 55.86 33.29 4.62
N SER F 326 54.78 33.91 5.10
CA SER F 326 54.67 34.32 6.49
C SER F 326 53.64 33.48 7.23
N VAL F 327 53.07 32.49 6.55
CA VAL F 327 52.18 31.48 7.11
C VAL F 327 53.03 30.35 7.69
N PRO F 328 52.83 29.96 8.96
CA PRO F 328 53.68 28.94 9.59
C PRO F 328 53.33 27.51 9.21
N ILE F 329 53.12 27.27 7.92
CA ILE F 329 52.76 25.94 7.40
C ILE F 329 53.73 25.60 6.27
N ARG F 330 54.34 24.43 6.35
CA ARG F 330 55.32 23.99 5.36
C ARG F 330 55.04 22.53 5.01
N TYR F 331 55.31 22.17 3.76
CA TYR F 331 55.11 20.81 3.27
C TYR F 331 56.41 20.27 2.70
N LEU F 332 56.93 19.22 3.30
CA LEU F 332 58.11 18.54 2.78
C LEU F 332 57.62 17.47 1.80
N GLU F 333 57.47 17.86 0.53
CA GLU F 333 57.01 16.93 -0.49
C GLU F 333 57.98 15.76 -0.61
N LEU F 334 57.46 14.54 -0.55
CA LEU F 334 58.24 13.34 -0.88
C LEU F 334 57.60 12.49 -1.97
N GLY F 335 56.38 12.79 -2.39
CA GLY F 335 55.79 12.03 -3.48
C GLY F 335 55.29 10.65 -3.13
N SER F 336 56.21 9.68 -2.98
CA SER F 336 55.84 8.32 -2.63
C SER F 336 55.18 8.27 -1.24
N GLU F 337 53.99 7.65 -1.15
CA GLU F 337 53.32 7.52 0.14
C GLU F 337 54.16 6.70 1.11
N VAL F 338 54.77 5.62 0.60
CA VAL F 338 55.62 4.77 1.43
C VAL F 338 56.86 5.52 1.88
N ASP F 339 57.46 6.32 1.00
CA ASP F 339 58.60 7.12 1.39
C ASP F 339 58.20 8.15 2.43
N THR F 340 57.02 8.72 2.26
CA THR F 340 56.48 9.63 3.25
C THR F 340 56.27 8.93 4.59
N LEU F 341 55.73 7.71 4.56
CA LEU F 341 55.47 7.00 5.81
C LEU F 341 56.77 6.56 6.48
N GLU F 342 57.74 6.09 5.69
CA GLU F 342 59.03 5.71 6.24
C GLU F 342 59.79 6.92 6.77
N ALA F 343 59.75 8.04 6.04
CA ALA F 343 60.42 9.25 6.51
C ALA F 343 59.84 9.76 7.82
N SER F 344 58.49 9.75 7.94
CA SER F 344 57.84 10.06 9.21
C SER F 344 58.27 9.09 10.31
N ALA F 345 58.21 7.77 10.03
CA ALA F 345 58.64 6.80 11.03
C ALA F 345 60.09 7.03 11.45
N TYR F 346 60.96 7.39 10.49
CA TYR F 346 62.37 7.60 10.81
C TYR F 346 62.55 8.81 11.72
N LEU F 347 61.96 9.95 11.35
CA LEU F 347 62.15 11.17 12.13
C LEU F 347 61.63 11.01 13.56
N PHE F 348 60.53 10.27 13.75
CA PHE F 348 60.01 10.11 15.11
C PHE F 348 60.97 9.31 15.99
N ASP F 349 61.64 8.30 15.42
CA ASP F 349 62.64 7.58 16.19
C ASP F 349 63.82 8.45 16.55
N ASN F 350 64.13 9.45 15.73
CA ASN F 350 65.20 10.39 16.02
C ASN F 350 64.70 11.70 16.63
N GLY F 351 63.48 11.69 17.18
CA GLY F 351 63.04 12.76 18.07
C GLY F 351 62.12 13.80 17.51
N PHE F 352 61.51 13.59 16.34
CA PHE F 352 60.73 14.62 15.68
C PHE F 352 59.52 13.99 15.03
N TYR F 353 58.33 14.34 15.51
CA TYR F 353 57.10 13.92 14.86
C TYR F 353 56.70 14.97 13.83
N VAL F 354 56.58 14.55 12.58
CA VAL F 354 55.99 15.35 11.51
C VAL F 354 54.87 14.50 10.92
N GLU F 355 53.67 15.10 10.75
CA GLU F 355 52.65 14.14 10.31
C GLU F 355 52.74 13.89 8.82
N PRO F 356 52.52 12.65 8.39
CA PRO F 356 52.49 12.33 6.96
C PRO F 356 51.10 12.54 6.37
N ASP F 357 51.04 13.22 5.23
CA ASP F 357 49.82 13.32 4.44
C ASP F 357 49.93 12.37 3.26
N PHE F 358 49.05 11.40 3.19
CA PHE F 358 49.03 10.44 2.10
C PHE F 358 47.65 10.45 1.47
N PHE F 359 47.51 9.83 0.30
CA PHE F 359 46.20 9.63 -0.29
C PHE F 359 45.37 8.79 0.68
N PRO F 360 44.11 9.19 0.99
CA PRO F 360 43.33 10.21 0.28
C PRO F 360 43.43 11.63 0.82
N ILE F 361 44.17 11.85 1.92
CA ILE F 361 44.32 13.20 2.46
C ILE F 361 44.78 14.16 1.38
N VAL F 362 45.75 13.72 0.56
CA VAL F 362 46.24 14.46 -0.59
C VAL F 362 46.19 13.55 -1.81
N SER F 363 46.58 14.09 -2.96
CA SER F 363 46.56 13.31 -4.19
C SER F 363 47.57 12.17 -4.13
N ARG F 364 47.32 11.16 -4.96
CA ARG F 364 48.35 10.14 -5.16
C ARG F 364 49.63 10.78 -5.66
N GLY F 365 50.77 10.30 -5.16
CA GLY F 365 52.06 10.83 -5.57
C GLY F 365 52.35 12.26 -5.16
N ALA F 366 51.57 12.82 -4.24
CA ALA F 366 51.86 14.14 -3.70
C ALA F 366 51.92 14.06 -2.17
N ALA F 367 52.39 12.92 -1.67
CA ALA F 367 52.51 12.72 -0.24
C ALA F 367 53.70 13.50 0.30
N GLY F 368 53.60 13.87 1.58
CA GLY F 368 54.63 14.66 2.22
C GLY F 368 54.33 14.82 3.69
N LEU F 369 55.30 15.41 4.39
CA LEU F 369 55.16 15.69 5.80
C LEU F 369 54.71 17.14 5.98
N ARG F 370 53.73 17.36 6.85
CA ARG F 370 53.14 18.68 7.03
C ARG F 370 53.65 19.27 8.34
N ALA F 371 54.57 20.22 8.24
CA ALA F 371 55.17 20.88 9.38
C ALA F 371 54.44 22.19 9.66
N ARG F 372 54.36 22.55 10.94
CA ARG F 372 53.84 23.84 11.34
C ARG F 372 54.83 24.46 12.31
N ILE F 373 55.14 25.72 12.11
CA ILE F 373 56.04 26.44 13.00
C ILE F 373 55.22 27.09 14.10
N ARG F 374 55.71 27.02 15.33
CA ARG F 374 55.04 27.66 16.45
C ARG F 374 56.03 28.47 17.27
N SER F 375 55.47 29.40 18.07
CA SER F 375 56.29 30.29 18.90
C SER F 375 57.06 29.52 19.96
N SER F 376 56.57 28.35 20.35
CA SER F 376 57.14 27.57 21.43
C SER F 376 58.29 26.65 20.99
N MET F 377 58.67 26.68 19.71
CA MET F 377 59.91 26.03 19.29
C MET F 377 61.10 26.86 19.72
N SER F 378 62.12 26.21 20.26
CA SER F 378 63.40 26.87 20.45
C SER F 378 64.23 26.81 19.16
N THR F 379 65.22 27.71 19.08
CA THR F 379 66.23 27.62 18.01
C THR F 379 66.88 26.24 17.97
N ALA F 380 67.26 25.71 19.13
CA ALA F 380 67.85 24.37 19.15
C ALA F 380 66.91 23.35 18.51
N ASP F 381 65.60 23.44 18.83
CA ASP F 381 64.64 22.49 18.29
C ASP F 381 64.74 22.41 16.78
N ILE F 382 64.72 23.58 16.12
CA ILE F 382 64.66 23.63 14.67
C ILE F 382 66.02 23.28 14.06
N GLU F 383 67.12 23.71 14.69
CA GLU F 383 68.45 23.33 14.19
C GLU F 383 68.64 21.82 14.25
N GLN F 384 68.21 21.20 15.35
CA GLN F 384 68.43 19.77 15.46
C GLN F 384 67.60 19.03 14.43
N PHE F 385 66.39 19.54 14.16
CA PHE F 385 65.48 18.94 13.20
C PHE F 385 66.08 18.98 11.80
N ALA F 386 66.58 20.16 11.39
CA ALA F 386 67.18 20.29 10.06
C ALA F 386 68.33 19.31 9.88
N HIS F 387 69.11 19.06 10.93
CA HIS F 387 70.19 18.07 10.83
C HIS F 387 69.60 16.68 10.58
N VAL F 388 68.74 16.18 11.49
CA VAL F 388 68.16 14.85 11.32
C VAL F 388 67.48 14.71 9.96
N TRP F 389 66.86 15.79 9.47
CA TRP F 389 66.23 15.75 8.15
C TRP F 389 67.26 15.67 7.03
N HIS F 390 68.33 16.45 7.12
CA HIS F 390 69.39 16.37 6.11
C HIS F 390 70.10 15.02 6.17
N LYS F 391 70.36 14.52 7.37
CA LYS F 391 70.94 13.19 7.50
C LYS F 391 70.09 12.14 6.81
N LEU F 392 68.76 12.34 6.73
CA LEU F 392 67.92 11.32 6.10
C LEU F 392 68.21 11.17 4.61
N GLY F 393 68.71 12.22 3.95
CA GLY F 393 69.22 12.06 2.60
C GLY F 393 70.36 11.05 2.48
N VAL F 394 71.01 10.73 3.59
CA VAL F 394 72.00 9.67 3.67
C VAL F 394 71.32 8.31 3.93
#